data_2AEM
# 
_entry.id   2AEM 
# 
_audit_conform.dict_name       mmcif_pdbx.dic 
_audit_conform.dict_version    5.376 
_audit_conform.dict_location   http://mmcif.pdb.org/dictionaries/ascii/mmcif_pdbx.dic 
# 
loop_
_database_2.database_id 
_database_2.database_code 
_database_2.pdbx_database_accession 
_database_2.pdbx_DOI 
PDB   2AEM         pdb_00002aem 10.2210/pdb2aem/pdb 
RCSB  RCSB033801   ?            ?                   
WWPDB D_1000033801 ?            ?                   
# 
loop_
_pdbx_database_related.db_name 
_pdbx_database_related.db_id 
_pdbx_database_related.details 
_pdbx_database_related.content_type 
PDB 1LNQ 'The same protein with transmembrane domain' unspecified 
PDB 2AEF 'The same protein with Ca2+ bound form'      unspecified 
PDB 2AEJ 'The same protein without Ca2+ bound form'   unspecified 
# 
_pdbx_database_status.status_code                     REL 
_pdbx_database_status.entry_id                        2AEM 
_pdbx_database_status.recvd_initial_deposition_date   2005-07-22 
_pdbx_database_status.deposit_site                    RCSB 
_pdbx_database_status.process_site                    RCSB 
_pdbx_database_status.status_code_sf                  REL 
_pdbx_database_status.status_code_mr                  ? 
_pdbx_database_status.SG_entry                        ? 
_pdbx_database_status.pdb_format_compatible           Y 
_pdbx_database_status.status_code_cs                  ? 
_pdbx_database_status.status_code_nmr_data            ? 
_pdbx_database_status.methods_development_category    ? 
# 
loop_
_audit_author.name 
_audit_author.pdbx_ordinal 
'Dong, J.'  1 
'Shi, N.'   2 
'Berke, I.' 3 
'Chen, L.'  4 
'Jiang, Y.' 5 
# 
loop_
_citation.id 
_citation.title 
_citation.journal_abbrev 
_citation.journal_volume 
_citation.page_first 
_citation.page_last 
_citation.year 
_citation.journal_id_ASTM 
_citation.country 
_citation.journal_id_ISSN 
_citation.journal_id_CSD 
_citation.book_publisher 
_citation.pdbx_database_id_PubMed 
_citation.pdbx_database_id_DOI 
primary 'Structures of the MthK RCK Domain and the Effect of Ca2+ on Gating Ring Stability' J.Biol.Chem. 280 41716 41724 2005 
JBCHA3 US 0021-9258 0071 ? 16227203 10.1074/jbc.M508144200 
1       'Crystal structure and mechanism of a calcium-gated potassium channel'              Nature       417 515   522   2002 
NATUAS UK 0028-0836 0006 ? 12037559 10.1038/417515a        
# 
loop_
_citation_author.citation_id 
_citation_author.name 
_citation_author.ordinal 
_citation_author.identifier_ORCID 
primary 'Dong, J.'      1  ? 
primary 'Shi, N.'       2  ? 
primary 'Berke, I.'     3  ? 
primary 'Chen, L.'      4  ? 
primary 'Jiang, Y.'     5  ? 
1       'Jiang, Y.'     6  ? 
1       'Lee, A.'       7  ? 
1       'Chen, J.'      8  ? 
1       'Cadene, M.'    9  ? 
1       'Chait, B.T.'   10 ? 
1       'MacKinnon, R.' 11 ? 
# 
_cell.entry_id           2AEM 
_cell.length_a           164.880 
_cell.length_b           164.880 
_cell.length_c           82.852 
_cell.angle_alpha        90.00 
_cell.angle_beta         90.00 
_cell.angle_gamma        120.00 
_cell.Z_PDB              18 
_cell.pdbx_unique_axis   ? 
# 
_symmetry.entry_id                         2AEM 
_symmetry.space_group_name_H-M             'H 3 2' 
_symmetry.pdbx_full_space_group_name_H-M   ? 
_symmetry.cell_setting                     ? 
_symmetry.Int_Tables_number                155 
_symmetry.space_group_name_Hall            ? 
# 
loop_
_entity.id 
_entity.type 
_entity.src_method 
_entity.pdbx_description 
_entity.formula_weight 
_entity.pdbx_number_of_molecules 
_entity.pdbx_ec 
_entity.pdbx_mutation 
_entity.pdbx_fragment 
_entity.details 
1 polymer man 'Calcium-gated potassium channel mthK' 25914.584 1 ? ? ? ? 
2 water   nat water                                  18.015    5 ? ? ? ? 
# 
_entity_poly.entity_id                      1 
_entity_poly.type                           'polypeptide(L)' 
_entity_poly.nstd_linkage                   no 
_entity_poly.nstd_monomer                   no 
_entity_poly.pdbx_seq_one_letter_code       
;MGLIDVAKSRHVVICGWSESTLECLRELRGSEVFVLAEDENVRKKVLRSGANFVHGDPTRVSDLEKANVRGARAVIVDLE
SDSETIHCILGIRKIDESVRIIAEAERYENIEQLRMAGADQVISPFVISGRLMSRSIDDGYEAMFVQDVLAEESTRRMVE
VPIPEGSKLEGVSVLDADIHDVTGVIIIGVGRGDELIIDPPRDYSFRAGDIILGIGKPEEIERLKNYISALVPR
;
_entity_poly.pdbx_seq_one_letter_code_can   
;MGLIDVAKSRHVVICGWSESTLECLRELRGSEVFVLAEDENVRKKVLRSGANFVHGDPTRVSDLEKANVRGARAVIVDLE
SDSETIHCILGIRKIDESVRIIAEAERYENIEQLRMAGADQVISPFVISGRLMSRSIDDGYEAMFVQDVLAEESTRRMVE
VPIPEGSKLEGVSVLDADIHDVTGVIIIGVGRGDELIIDPPRDYSFRAGDIILGIGKPEEIERLKNYISALVPR
;
_entity_poly.pdbx_strand_id                 A 
_entity_poly.pdbx_target_identifier         ? 
# 
loop_
_entity_poly_seq.entity_id 
_entity_poly_seq.num 
_entity_poly_seq.mon_id 
_entity_poly_seq.hetero 
1 1   MET n 
1 2   GLY n 
1 3   LEU n 
1 4   ILE n 
1 5   ASP n 
1 6   VAL n 
1 7   ALA n 
1 8   LYS n 
1 9   SER n 
1 10  ARG n 
1 11  HIS n 
1 12  VAL n 
1 13  VAL n 
1 14  ILE n 
1 15  CYS n 
1 16  GLY n 
1 17  TRP n 
1 18  SER n 
1 19  GLU n 
1 20  SER n 
1 21  THR n 
1 22  LEU n 
1 23  GLU n 
1 24  CYS n 
1 25  LEU n 
1 26  ARG n 
1 27  GLU n 
1 28  LEU n 
1 29  ARG n 
1 30  GLY n 
1 31  SER n 
1 32  GLU n 
1 33  VAL n 
1 34  PHE n 
1 35  VAL n 
1 36  LEU n 
1 37  ALA n 
1 38  GLU n 
1 39  ASP n 
1 40  GLU n 
1 41  ASN n 
1 42  VAL n 
1 43  ARG n 
1 44  LYS n 
1 45  LYS n 
1 46  VAL n 
1 47  LEU n 
1 48  ARG n 
1 49  SER n 
1 50  GLY n 
1 51  ALA n 
1 52  ASN n 
1 53  PHE n 
1 54  VAL n 
1 55  HIS n 
1 56  GLY n 
1 57  ASP n 
1 58  PRO n 
1 59  THR n 
1 60  ARG n 
1 61  VAL n 
1 62  SER n 
1 63  ASP n 
1 64  LEU n 
1 65  GLU n 
1 66  LYS n 
1 67  ALA n 
1 68  ASN n 
1 69  VAL n 
1 70  ARG n 
1 71  GLY n 
1 72  ALA n 
1 73  ARG n 
1 74  ALA n 
1 75  VAL n 
1 76  ILE n 
1 77  VAL n 
1 78  ASP n 
1 79  LEU n 
1 80  GLU n 
1 81  SER n 
1 82  ASP n 
1 83  SER n 
1 84  GLU n 
1 85  THR n 
1 86  ILE n 
1 87  HIS n 
1 88  CYS n 
1 89  ILE n 
1 90  LEU n 
1 91  GLY n 
1 92  ILE n 
1 93  ARG n 
1 94  LYS n 
1 95  ILE n 
1 96  ASP n 
1 97  GLU n 
1 98  SER n 
1 99  VAL n 
1 100 ARG n 
1 101 ILE n 
1 102 ILE n 
1 103 ALA n 
1 104 GLU n 
1 105 ALA n 
1 106 GLU n 
1 107 ARG n 
1 108 TYR n 
1 109 GLU n 
1 110 ASN n 
1 111 ILE n 
1 112 GLU n 
1 113 GLN n 
1 114 LEU n 
1 115 ARG n 
1 116 MET n 
1 117 ALA n 
1 118 GLY n 
1 119 ALA n 
1 120 ASP n 
1 121 GLN n 
1 122 VAL n 
1 123 ILE n 
1 124 SER n 
1 125 PRO n 
1 126 PHE n 
1 127 VAL n 
1 128 ILE n 
1 129 SER n 
1 130 GLY n 
1 131 ARG n 
1 132 LEU n 
1 133 MET n 
1 134 SER n 
1 135 ARG n 
1 136 SER n 
1 137 ILE n 
1 138 ASP n 
1 139 ASP n 
1 140 GLY n 
1 141 TYR n 
1 142 GLU n 
1 143 ALA n 
1 144 MET n 
1 145 PHE n 
1 146 VAL n 
1 147 GLN n 
1 148 ASP n 
1 149 VAL n 
1 150 LEU n 
1 151 ALA n 
1 152 GLU n 
1 153 GLU n 
1 154 SER n 
1 155 THR n 
1 156 ARG n 
1 157 ARG n 
1 158 MET n 
1 159 VAL n 
1 160 GLU n 
1 161 VAL n 
1 162 PRO n 
1 163 ILE n 
1 164 PRO n 
1 165 GLU n 
1 166 GLY n 
1 167 SER n 
1 168 LYS n 
1 169 LEU n 
1 170 GLU n 
1 171 GLY n 
1 172 VAL n 
1 173 SER n 
1 174 VAL n 
1 175 LEU n 
1 176 ASP n 
1 177 ALA n 
1 178 ASP n 
1 179 ILE n 
1 180 HIS n 
1 181 ASP n 
1 182 VAL n 
1 183 THR n 
1 184 GLY n 
1 185 VAL n 
1 186 ILE n 
1 187 ILE n 
1 188 ILE n 
1 189 GLY n 
1 190 VAL n 
1 191 GLY n 
1 192 ARG n 
1 193 GLY n 
1 194 ASP n 
1 195 GLU n 
1 196 LEU n 
1 197 ILE n 
1 198 ILE n 
1 199 ASP n 
1 200 PRO n 
1 201 PRO n 
1 202 ARG n 
1 203 ASP n 
1 204 TYR n 
1 205 SER n 
1 206 PHE n 
1 207 ARG n 
1 208 ALA n 
1 209 GLY n 
1 210 ASP n 
1 211 ILE n 
1 212 ILE n 
1 213 LEU n 
1 214 GLY n 
1 215 ILE n 
1 216 GLY n 
1 217 LYS n 
1 218 PRO n 
1 219 GLU n 
1 220 GLU n 
1 221 ILE n 
1 222 GLU n 
1 223 ARG n 
1 224 LEU n 
1 225 LYS n 
1 226 ASN n 
1 227 TYR n 
1 228 ILE n 
1 229 SER n 
1 230 ALA n 
1 231 LEU n 
1 232 VAL n 
1 233 PRO n 
1 234 ARG n 
# 
_entity_src_gen.entity_id                          1 
_entity_src_gen.pdbx_src_id                        1 
_entity_src_gen.pdbx_alt_source_flag               sample 
_entity_src_gen.pdbx_seq_type                      ? 
_entity_src_gen.pdbx_beg_seq_num                   ? 
_entity_src_gen.pdbx_end_seq_num                   ? 
_entity_src_gen.gene_src_common_name               ? 
_entity_src_gen.gene_src_genus                     Methanothermobacter 
_entity_src_gen.pdbx_gene_src_gene                 mthK 
_entity_src_gen.gene_src_species                   ? 
_entity_src_gen.gene_src_strain                    ? 
_entity_src_gen.gene_src_tissue                    ? 
_entity_src_gen.gene_src_tissue_fraction           ? 
_entity_src_gen.gene_src_details                   ? 
_entity_src_gen.pdbx_gene_src_fragment             ? 
_entity_src_gen.pdbx_gene_src_scientific_name      'Methanothermobacter thermautotrophicus' 
_entity_src_gen.pdbx_gene_src_ncbi_taxonomy_id     145262 
_entity_src_gen.pdbx_gene_src_variant              ? 
_entity_src_gen.pdbx_gene_src_cell_line            ? 
_entity_src_gen.pdbx_gene_src_atcc                 ? 
_entity_src_gen.pdbx_gene_src_organ                ? 
_entity_src_gen.pdbx_gene_src_organelle            ? 
_entity_src_gen.pdbx_gene_src_cell                 ? 
_entity_src_gen.pdbx_gene_src_cellular_location    ? 
_entity_src_gen.host_org_common_name               ? 
_entity_src_gen.pdbx_host_org_scientific_name      'Escherichia coli' 
_entity_src_gen.pdbx_host_org_ncbi_taxonomy_id     562 
_entity_src_gen.host_org_genus                     Escherichia 
_entity_src_gen.pdbx_host_org_gene                 ? 
_entity_src_gen.pdbx_host_org_organ                ? 
_entity_src_gen.host_org_species                   ? 
_entity_src_gen.pdbx_host_org_tissue               ? 
_entity_src_gen.pdbx_host_org_tissue_fraction      ? 
_entity_src_gen.pdbx_host_org_strain               M15 
_entity_src_gen.pdbx_host_org_variant              ? 
_entity_src_gen.pdbx_host_org_cell_line            ? 
_entity_src_gen.pdbx_host_org_atcc                 ? 
_entity_src_gen.pdbx_host_org_culture_collection   ? 
_entity_src_gen.pdbx_host_org_cell                 ? 
_entity_src_gen.pdbx_host_org_organelle            ? 
_entity_src_gen.pdbx_host_org_cellular_location    ? 
_entity_src_gen.pdbx_host_org_vector_type          plasmid 
_entity_src_gen.pdbx_host_org_vector               ? 
_entity_src_gen.host_org_details                   ? 
_entity_src_gen.expression_system_id               ? 
_entity_src_gen.plasmid_name                       pQE70 
_entity_src_gen.plasmid_details                    ? 
_entity_src_gen.pdbx_description                   ? 
# 
_struct_ref.id                         1 
_struct_ref.db_name                    UNP 
_struct_ref.db_code                    MTHK_METTH 
_struct_ref.pdbx_db_accession          O27564 
_struct_ref.entity_id                  1 
_struct_ref.pdbx_seq_one_letter_code   
;MGLIDVAKSRHVVICGWSESTLECLRELRGSEVFVLAEDENVRKKVLRSGANFVHGDPTRVSDLEKANVRGARAVIVDLE
SDSETIHCILGIRKIDESVRIIAEAERYENIEQLRMAGADQVISPFVISGRLMSRSIDDGYEAMFVQDVLAEESTRRMVE
VPIPEGSKLEGVSVLDADIHDVTGVIIIGVGRGDELIIDPPRDYSFRAGDIILGIGKPEEIERLKNYISA
;
_struct_ref.pdbx_align_begin           107 
_struct_ref.pdbx_db_isoform            ? 
# 
_struct_ref_seq.align_id                      1 
_struct_ref_seq.ref_id                        1 
_struct_ref_seq.pdbx_PDB_id_code              2AEM 
_struct_ref_seq.pdbx_strand_id                A 
_struct_ref_seq.seq_align_beg                 1 
_struct_ref_seq.pdbx_seq_align_beg_ins_code   ? 
_struct_ref_seq.seq_align_end                 230 
_struct_ref_seq.pdbx_seq_align_end_ins_code   ? 
_struct_ref_seq.pdbx_db_accession             O27564 
_struct_ref_seq.db_align_beg                  107 
_struct_ref_seq.pdbx_db_align_beg_ins_code    ? 
_struct_ref_seq.db_align_end                  336 
_struct_ref_seq.pdbx_db_align_end_ins_code    ? 
_struct_ref_seq.pdbx_auth_seq_align_beg       107 
_struct_ref_seq.pdbx_auth_seq_align_end       336 
# 
loop_
_struct_ref_seq_dif.align_id 
_struct_ref_seq_dif.pdbx_pdb_id_code 
_struct_ref_seq_dif.mon_id 
_struct_ref_seq_dif.pdbx_pdb_strand_id 
_struct_ref_seq_dif.seq_num 
_struct_ref_seq_dif.pdbx_pdb_ins_code 
_struct_ref_seq_dif.pdbx_seq_db_name 
_struct_ref_seq_dif.pdbx_seq_db_accession_code 
_struct_ref_seq_dif.db_mon_id 
_struct_ref_seq_dif.pdbx_seq_db_seq_num 
_struct_ref_seq_dif.details 
_struct_ref_seq_dif.pdbx_auth_seq_num 
_struct_ref_seq_dif.pdbx_ordinal 
1 2AEM LEU A 231 ? UNP O27564 ? ? 'cloning artifact' 337 1 
1 2AEM VAL A 232 ? UNP O27564 ? ? 'cloning artifact' 338 2 
1 2AEM PRO A 233 ? UNP O27564 ? ? 'cloning artifact' 339 3 
1 2AEM ARG A 234 ? UNP O27564 ? ? 'cloning artifact' 340 4 
# 
loop_
_chem_comp.id 
_chem_comp.type 
_chem_comp.mon_nstd_flag 
_chem_comp.name 
_chem_comp.pdbx_synonyms 
_chem_comp.formula 
_chem_comp.formula_weight 
ALA 'L-peptide linking' y ALANINE         ? 'C3 H7 N O2'     89.093  
ARG 'L-peptide linking' y ARGININE        ? 'C6 H15 N4 O2 1' 175.209 
ASN 'L-peptide linking' y ASPARAGINE      ? 'C4 H8 N2 O3'    132.118 
ASP 'L-peptide linking' y 'ASPARTIC ACID' ? 'C4 H7 N O4'     133.103 
CYS 'L-peptide linking' y CYSTEINE        ? 'C3 H7 N O2 S'   121.158 
GLN 'L-peptide linking' y GLUTAMINE       ? 'C5 H10 N2 O3'   146.144 
GLU 'L-peptide linking' y 'GLUTAMIC ACID' ? 'C5 H9 N O4'     147.129 
GLY 'peptide linking'   y GLYCINE         ? 'C2 H5 N O2'     75.067  
HIS 'L-peptide linking' y HISTIDINE       ? 'C6 H10 N3 O2 1' 156.162 
HOH non-polymer         . WATER           ? 'H2 O'           18.015  
ILE 'L-peptide linking' y ISOLEUCINE      ? 'C6 H13 N O2'    131.173 
LEU 'L-peptide linking' y LEUCINE         ? 'C6 H13 N O2'    131.173 
LYS 'L-peptide linking' y LYSINE          ? 'C6 H15 N2 O2 1' 147.195 
MET 'L-peptide linking' y METHIONINE      ? 'C5 H11 N O2 S'  149.211 
PHE 'L-peptide linking' y PHENYLALANINE   ? 'C9 H11 N O2'    165.189 
PRO 'L-peptide linking' y PROLINE         ? 'C5 H9 N O2'     115.130 
SER 'L-peptide linking' y SERINE          ? 'C3 H7 N O3'     105.093 
THR 'L-peptide linking' y THREONINE       ? 'C4 H9 N O3'     119.119 
TRP 'L-peptide linking' y TRYPTOPHAN      ? 'C11 H12 N2 O2'  204.225 
TYR 'L-peptide linking' y TYROSINE        ? 'C9 H11 N O3'    181.189 
VAL 'L-peptide linking' y VALINE          ? 'C5 H11 N O2'    117.146 
# 
_exptl.entry_id          2AEM 
_exptl.method            'X-RAY DIFFRACTION' 
_exptl.crystals_number   1 
# 
_exptl_crystal.id                    1 
_exptl_crystal.density_meas          ? 
_exptl_crystal.density_Matthews      4.17 
_exptl_crystal.density_percent_sol   70 
_exptl_crystal.description           ? 
_exptl_crystal.F_000                 ? 
_exptl_crystal.preparation           ? 
# 
_exptl_crystal_grow.crystal_id      1 
_exptl_crystal_grow.method          'VAPOR DIFFUSION, SITTING DROP' 
_exptl_crystal_grow.temp            293 
_exptl_crystal_grow.temp_details    ? 
_exptl_crystal_grow.pH              5.5 
_exptl_crystal_grow.pdbx_details    
'PEG 400, Ammonium sulfate, cacodylate , pH 5.5, VAPOR DIFFUSION, SITTING DROP, temperature 293K' 
_exptl_crystal_grow.pdbx_pH_range   . 
# 
_diffrn.id                     1 
_diffrn.ambient_temp           100 
_diffrn.ambient_temp_details   ? 
_diffrn.crystal_id             1 
# 
_diffrn_detector.diffrn_id              1 
_diffrn_detector.detector               CCD 
_diffrn_detector.type                   'ADSC QUANTUM 4' 
_diffrn_detector.pdbx_collection_date   2004-06-05 
_diffrn_detector.details                ? 
# 
_diffrn_radiation.diffrn_id                        1 
_diffrn_radiation.wavelength_id                    1 
_diffrn_radiation.pdbx_monochromatic_or_laue_m_l   M 
_diffrn_radiation.monochromator                    ? 
_diffrn_radiation.pdbx_diffrn_protocol             'SINGLE WAVELENGTH' 
_diffrn_radiation.pdbx_scattering_type             x-ray 
# 
_diffrn_radiation_wavelength.id           1 
_diffrn_radiation_wavelength.wavelength   0.9790 
_diffrn_radiation_wavelength.wt           1.0 
# 
_diffrn_source.diffrn_id                   1 
_diffrn_source.source                      SYNCHROTRON 
_diffrn_source.type                        'APS BEAMLINE 19-BM' 
_diffrn_source.pdbx_synchrotron_site       APS 
_diffrn_source.pdbx_synchrotron_beamline   19-BM 
_diffrn_source.pdbx_wavelength             ? 
_diffrn_source.pdbx_wavelength_list        0.9790 
# 
_reflns.entry_id                     2AEM 
_reflns.observed_criterion_sigma_F   ? 
_reflns.observed_criterion_sigma_I   2.77 
_reflns.d_resolution_high            2.8 
_reflns.d_resolution_low             35.8 
_reflns.number_all                   10766 
_reflns.number_obs                   10728 
_reflns.percent_possible_obs         99.7 
_reflns.pdbx_Rmerge_I_obs            0.068 
_reflns.pdbx_Rsym_value              0.068 
_reflns.pdbx_netI_over_sigmaI        23 
_reflns.B_iso_Wilson_estimate        ? 
_reflns.pdbx_redundancy              6.1 
_reflns.R_free_details               ? 
_reflns.limit_h_max                  ? 
_reflns.limit_h_min                  ? 
_reflns.limit_k_max                  ? 
_reflns.limit_k_min                  ? 
_reflns.limit_l_max                  ? 
_reflns.limit_l_min                  ? 
_reflns.observed_criterion_F_max     ? 
_reflns.observed_criterion_F_min     ? 
_reflns.pdbx_chi_squared             ? 
_reflns.pdbx_scaling_rejects         ? 
_reflns.pdbx_ordinal                 1 
_reflns.pdbx_diffrn_id               1 
# 
_reflns_shell.d_res_high             2.8 
_reflns_shell.d_res_low              2.9 
_reflns_shell.percent_possible_all   100 
_reflns_shell.Rmerge_I_obs           0.524 
_reflns_shell.pdbx_Rsym_value        0.524 
_reflns_shell.meanI_over_sigI_obs    ? 
_reflns_shell.pdbx_redundancy        4.1 
_reflns_shell.percent_possible_obs   ? 
_reflns_shell.number_unique_all      1068 
_reflns_shell.number_measured_all    ? 
_reflns_shell.number_measured_obs    ? 
_reflns_shell.number_unique_obs      ? 
_reflns_shell.pdbx_chi_squared       ? 
_reflns_shell.pdbx_ordinal           1 
_reflns_shell.pdbx_diffrn_id         1 
# 
_refine.entry_id                                 2AEM 
_refine.ls_d_res_high                            2.8 
_refine.ls_d_res_low                             35.8 
_refine.pdbx_ls_sigma_F                          0 
_refine.pdbx_ls_sigma_I                          0 
_refine.ls_number_reflns_all                     10749 
_refine.ls_number_reflns_obs                     10711 
_refine.ls_number_reflns_R_free                  542 
_refine.ls_percent_reflns_obs                    99.6 
_refine.ls_R_factor_all                          0.226 
_refine.ls_R_factor_obs                          0.226 
_refine.ls_R_factor_R_work                       0.2242 
_refine.ls_R_factor_R_free                       0.2625 
_refine.ls_redundancy_reflns_obs                 ? 
_refine.pdbx_data_cutoff_high_absF               ? 
_refine.pdbx_data_cutoff_low_absF                ? 
_refine.ls_number_parameters                     ? 
_refine.ls_number_restraints                     ? 
_refine.ls_percent_reflns_R_free                 ? 
_refine.ls_R_factor_R_free_error                 ? 
_refine.ls_R_factor_R_free_error_details         ? 
_refine.pdbx_method_to_determine_struct          'MOLECULAR REPLACEMENT' 
_refine.pdbx_starting_model                      'pdb entry 1LNQ' 
_refine.pdbx_ls_cross_valid_method               ? 
_refine.pdbx_R_Free_selection_details            RANDOM 
_refine.pdbx_stereochem_target_val_spec_case     ? 
_refine.pdbx_stereochemistry_target_values       'Engh & Huber' 
_refine.solvent_model_details                    ? 
_refine.solvent_model_param_bsol                 ? 
_refine.solvent_model_param_ksol                 ? 
_refine.occupancy_max                            ? 
_refine.occupancy_min                            ? 
_refine.pdbx_isotropic_thermal_model             ? 
_refine.B_iso_mean                               ? 
_refine.aniso_B[1][1]                            ? 
_refine.aniso_B[1][2]                            ? 
_refine.aniso_B[1][3]                            ? 
_refine.aniso_B[2][2]                            ? 
_refine.aniso_B[2][3]                            ? 
_refine.aniso_B[3][3]                            ? 
_refine.details                                  ? 
_refine.B_iso_min                                ? 
_refine.B_iso_max                                ? 
_refine.correlation_coeff_Fo_to_Fc               ? 
_refine.correlation_coeff_Fo_to_Fc_free          ? 
_refine.pdbx_solvent_vdw_probe_radii             ? 
_refine.pdbx_solvent_ion_probe_radii             ? 
_refine.pdbx_solvent_shrinkage_radii             ? 
_refine.overall_SU_R_Cruickshank_DPI             ? 
_refine.overall_SU_R_free                        ? 
_refine.overall_SU_ML                            ? 
_refine.overall_SU_B                             ? 
_refine.pdbx_overall_ESU_R_Free                  ? 
_refine.pdbx_data_cutoff_high_rms_absF           ? 
_refine.pdbx_overall_ESU_R                       ? 
_refine.ls_wR_factor_R_free                      ? 
_refine.ls_wR_factor_R_work                      ? 
_refine.overall_FOM_free_R_set                   ? 
_refine.overall_FOM_work_R_set                   ? 
_refine.pdbx_refine_id                           'X-RAY DIFFRACTION' 
_refine.pdbx_diffrn_id                           1 
_refine.pdbx_TLS_residual_ADP_flag               ? 
_refine.pdbx_overall_phase_error                 ? 
_refine.pdbx_overall_SU_R_free_Cruickshank_DPI   ? 
_refine.pdbx_overall_SU_R_Blow_DPI               ? 
_refine.pdbx_overall_SU_R_free_Blow_DPI          ? 
# 
_refine_hist.pdbx_refine_id                   'X-RAY DIFFRACTION' 
_refine_hist.cycle_id                         LAST 
_refine_hist.pdbx_number_atoms_protein        1737 
_refine_hist.pdbx_number_atoms_nucleic_acid   0 
_refine_hist.pdbx_number_atoms_ligand         0 
_refine_hist.number_atoms_solvent             5 
_refine_hist.number_atoms_total               1742 
_refine_hist.d_res_high                       2.8 
_refine_hist.d_res_low                        35.8 
# 
_struct.entry_id                  2AEM 
_struct.title                     'Crystal Structures of the MthK RCK Domain' 
_struct.pdbx_model_details        ? 
_struct.pdbx_CASP_flag            ? 
_struct.pdbx_model_type_details   ? 
# 
_struct_keywords.entry_id        2AEM 
_struct_keywords.pdbx_keywords   'METAL TRANSPORT, MEMBRANE PROTEIN' 
_struct_keywords.text            'Rossmann fold, helix-turn-helix, METAL TRANSPORT, MEMBRANE PROTEIN' 
# 
loop_
_struct_asym.id 
_struct_asym.pdbx_blank_PDB_chainid_flag 
_struct_asym.pdbx_modified 
_struct_asym.entity_id 
_struct_asym.details 
A N N 1 ? 
B N N 2 ? 
# 
_struct_biol.id                    1 
_struct_biol.pdbx_parent_biol_id   ? 
_struct_biol.details               ? 
# 
loop_
_struct_conf.conf_type_id 
_struct_conf.id 
_struct_conf.pdbx_PDB_helix_id 
_struct_conf.beg_label_comp_id 
_struct_conf.beg_label_asym_id 
_struct_conf.beg_label_seq_id 
_struct_conf.pdbx_beg_PDB_ins_code 
_struct_conf.end_label_comp_id 
_struct_conf.end_label_asym_id 
_struct_conf.end_label_seq_id 
_struct_conf.pdbx_end_PDB_ins_code 
_struct_conf.beg_auth_comp_id 
_struct_conf.beg_auth_asym_id 
_struct_conf.beg_auth_seq_id 
_struct_conf.end_auth_comp_id 
_struct_conf.end_auth_asym_id 
_struct_conf.end_auth_seq_id 
_struct_conf.pdbx_PDB_helix_class 
_struct_conf.details 
_struct_conf.pdbx_PDB_helix_length 
HELX_P HELX_P1  1  SER A 18  ? LEU A 28  ? SER A 124 LEU A 134 1 ? 11 
HELX_P HELX_P2  2  ASP A 39  ? ASN A 41  ? ASP A 145 ASN A 147 5 ? 3  
HELX_P HELX_P3  3  VAL A 42  ? ARG A 48  ? VAL A 148 ARG A 154 1 ? 7  
HELX_P HELX_P4  4  ARG A 60  ? ALA A 67  ? ARG A 166 ALA A 173 1 ? 8  
HELX_P HELX_P5  5  SER A 81  ? ASP A 96  ? SER A 187 ASP A 202 1 ? 16 
HELX_P HELX_P6  6  ARG A 107 ? GLU A 109 ? ARG A 213 GLU A 215 5 ? 3  
HELX_P HELX_P7  7  ASN A 110 ? GLY A 118 ? ASN A 216 GLY A 224 1 ? 9  
HELX_P HELX_P8  8  SER A 124 ? ARG A 135 ? SER A 230 ARG A 241 1 ? 12 
HELX_P HELX_P9  9  GLY A 140 ? ALA A 151 ? GLY A 246 ALA A 257 1 ? 12 
HELX_P HELX_P10 10 SER A 173 ? ASP A 178 ? SER A 279 ASP A 284 1 ? 6  
HELX_P HELX_P11 11 ASP A 178 ? GLY A 184 ? ASP A 284 GLY A 290 1 ? 7  
HELX_P HELX_P12 12 LYS A 217 ? SER A 229 ? LYS A 323 SER A 335 1 ? 13 
# 
_struct_conf_type.id          HELX_P 
_struct_conf_type.criteria    ? 
_struct_conf_type.reference   ? 
# 
loop_
_struct_sheet.id 
_struct_sheet.type 
_struct_sheet.number_strands 
_struct_sheet.details 
A ? 6 ? 
B ? 4 ? 
# 
loop_
_struct_sheet_order.sheet_id 
_struct_sheet_order.range_id_1 
_struct_sheet_order.range_id_2 
_struct_sheet_order.offset 
_struct_sheet_order.sense 
A 1 2 ? parallel      
A 2 3 ? parallel      
A 3 4 ? parallel      
A 4 5 ? parallel      
A 5 6 ? parallel      
B 1 2 ? anti-parallel 
B 2 3 ? anti-parallel 
B 3 4 ? anti-parallel 
# 
loop_
_struct_sheet_range.sheet_id 
_struct_sheet_range.id 
_struct_sheet_range.beg_label_comp_id 
_struct_sheet_range.beg_label_asym_id 
_struct_sheet_range.beg_label_seq_id 
_struct_sheet_range.pdbx_beg_PDB_ins_code 
_struct_sheet_range.end_label_comp_id 
_struct_sheet_range.end_label_asym_id 
_struct_sheet_range.end_label_seq_id 
_struct_sheet_range.pdbx_end_PDB_ins_code 
_struct_sheet_range.beg_auth_comp_id 
_struct_sheet_range.beg_auth_asym_id 
_struct_sheet_range.beg_auth_seq_id 
_struct_sheet_range.end_auth_comp_id 
_struct_sheet_range.end_auth_asym_id 
_struct_sheet_range.end_auth_seq_id 
A 1 ASN A 52  ? HIS A 55  ? ASN A 158 HIS A 161 
A 2 VAL A 33  ? ALA A 37  ? VAL A 139 ALA A 143 
A 3 VAL A 12  ? CYS A 15  ? VAL A 118 CYS A 121 
A 4 ALA A 74  ? VAL A 77  ? ALA A 180 VAL A 183 
A 5 ILE A 101 ? GLU A 104 ? ILE A 207 GLU A 210 
A 6 GLN A 121 ? ILE A 123 ? GLN A 227 ILE A 229 
B 1 ARG A 157 ? PRO A 162 ? ARG A 263 PRO A 268 
B 2 ILE A 211 ? GLY A 216 ? ILE A 317 GLY A 322 
B 3 ILE A 186 ? ARG A 192 ? ILE A 292 ARG A 298 
B 4 GLU A 195 ? ILE A 197 ? GLU A 301 ILE A 303 
# 
loop_
_pdbx_struct_sheet_hbond.sheet_id 
_pdbx_struct_sheet_hbond.range_id_1 
_pdbx_struct_sheet_hbond.range_id_2 
_pdbx_struct_sheet_hbond.range_1_label_atom_id 
_pdbx_struct_sheet_hbond.range_1_label_comp_id 
_pdbx_struct_sheet_hbond.range_1_label_asym_id 
_pdbx_struct_sheet_hbond.range_1_label_seq_id 
_pdbx_struct_sheet_hbond.range_1_PDB_ins_code 
_pdbx_struct_sheet_hbond.range_1_auth_atom_id 
_pdbx_struct_sheet_hbond.range_1_auth_comp_id 
_pdbx_struct_sheet_hbond.range_1_auth_asym_id 
_pdbx_struct_sheet_hbond.range_1_auth_seq_id 
_pdbx_struct_sheet_hbond.range_2_label_atom_id 
_pdbx_struct_sheet_hbond.range_2_label_comp_id 
_pdbx_struct_sheet_hbond.range_2_label_asym_id 
_pdbx_struct_sheet_hbond.range_2_label_seq_id 
_pdbx_struct_sheet_hbond.range_2_PDB_ins_code 
_pdbx_struct_sheet_hbond.range_2_auth_atom_id 
_pdbx_struct_sheet_hbond.range_2_auth_comp_id 
_pdbx_struct_sheet_hbond.range_2_auth_asym_id 
_pdbx_struct_sheet_hbond.range_2_auth_seq_id 
A 1 2 O ASN A 52  ? O ASN A 158 N VAL A 35  ? N VAL A 141 
A 2 3 O PHE A 34  ? O PHE A 140 N ILE A 14  ? N ILE A 120 
A 3 4 N CYS A 15  ? N CYS A 121 O ILE A 76  ? O ILE A 182 
A 4 5 N VAL A 77  ? N VAL A 183 O ILE A 102 ? O ILE A 208 
A 5 6 N ALA A 103 ? N ALA A 209 O GLN A 121 ? O GLN A 227 
B 1 2 N VAL A 159 ? N VAL A 265 O GLY A 214 ? O GLY A 320 
B 2 3 O LEU A 213 ? O LEU A 319 N GLY A 189 ? N GLY A 295 
B 3 4 N VAL A 190 ? N VAL A 296 O ILE A 197 ? O ILE A 303 
# 
_atom_sites.entry_id                    2AEM 
_atom_sites.fract_transf_matrix[1][1]   -0.00347050 
_atom_sites.fract_transf_matrix[1][2]   -0.00514160 
_atom_sites.fract_transf_matrix[1][3]   0.00325081 
_atom_sites.fract_transf_matrix[2][1]   -0.00653223 
_atom_sites.fract_transf_matrix[2][2]   -0.00159677 
_atom_sites.fract_transf_matrix[2][3]   -0.00195508 
_atom_sites.fract_transf_matrix[3][1]   0.00433176 
_atom_sites.fract_transf_matrix[3][2]   -0.00796274 
_atom_sites.fract_transf_matrix[3][3]   -0.00796966 
_atom_sites.fract_transf_vector[1]      0.869472 
_atom_sites.fract_transf_vector[2]      0.484262 
_atom_sites.fract_transf_vector[3]      0.726314 
# 
loop_
_atom_type.symbol 
C 
N 
O 
S 
# 
loop_
_atom_site.group_PDB 
_atom_site.id 
_atom_site.type_symbol 
_atom_site.label_atom_id 
_atom_site.label_alt_id 
_atom_site.label_comp_id 
_atom_site.label_asym_id 
_atom_site.label_entity_id 
_atom_site.label_seq_id 
_atom_site.pdbx_PDB_ins_code 
_atom_site.Cartn_x 
_atom_site.Cartn_y 
_atom_site.Cartn_z 
_atom_site.occupancy 
_atom_site.B_iso_or_equiv 
_atom_site.pdbx_formal_charge 
_atom_site.auth_seq_id 
_atom_site.auth_comp_id 
_atom_site.auth_asym_id 
_atom_site.auth_atom_id 
_atom_site.pdbx_PDB_model_num 
ATOM   1    N N   . ALA A 1 7   ? -3.352  -1.442  11.918  1.00 106.64 ? 113 ALA A N   1 
ATOM   2    C CA  . ALA A 1 7   ? -4.341  -0.342  11.704  1.00 106.51 ? 113 ALA A CA  1 
ATOM   3    C C   . ALA A 1 7   ? -4.237  0.720   12.800  1.00 106.19 ? 113 ALA A C   1 
ATOM   4    O O   . ALA A 1 7   ? -5.205  0.970   13.526  1.00 106.48 ? 113 ALA A O   1 
ATOM   5    C CB  . ALA A 1 7   ? -5.757  -0.915  11.661  1.00 105.90 ? 113 ALA A CB  1 
ATOM   6    N N   . LYS A 1 8   ? -3.059  1.336   12.912  1.00 105.17 ? 114 LYS A N   1 
ATOM   7    C CA  . LYS A 1 8   ? -2.812  2.376   13.913  1.00 104.18 ? 114 LYS A CA  1 
ATOM   8    C C   . LYS A 1 8   ? -2.980  3.766   13.292  1.00 103.07 ? 114 LYS A C   1 
ATOM   9    O O   . LYS A 1 8   ? -3.410  3.888   12.141  1.00 103.32 ? 114 LYS A O   1 
ATOM   10   C CB  . LYS A 1 8   ? -1.397  2.237   14.484  1.00 104.46 ? 114 LYS A CB  1 
ATOM   11   C CG  . LYS A 1 8   ? -0.292  2.519   13.478  1.00 104.22 ? 114 LYS A CG  1 
ATOM   12   C CD  . LYS A 1 8   ? 1.083   2.335   14.085  1.00 104.29 ? 114 LYS A CD  1 
ATOM   13   C CE  . LYS A 1 8   ? 1.321   0.885   14.472  1.00 105.21 ? 114 LYS A CE  1 
ATOM   14   N NZ  . LYS A 1 8   ? 2.674   0.683   15.065  1.00 106.27 ? 114 LYS A NZ  1 
ATOM   15   N N   . SER A 1 9   ? -2.644  4.810   14.050  1.00 100.78 ? 115 SER A N   1 
ATOM   16   C CA  . SER A 1 9   ? -2.766  6.174   13.543  1.00 97.70  ? 115 SER A CA  1 
ATOM   17   C C   . SER A 1 9   ? -1.641  7.100   14.005  1.00 95.60  ? 115 SER A C   1 
ATOM   18   O O   . SER A 1 9   ? -1.893  8.201   14.500  1.00 95.94  ? 115 SER A O   1 
ATOM   19   C CB  . SER A 1 9   ? -4.116  6.775   13.940  1.00 97.94  ? 115 SER A CB  1 
ATOM   20   O OG  . SER A 1 9   ? -4.298  8.039   13.324  1.00 96.45  ? 115 SER A OG  1 
ATOM   21   N N   . ARG A 1 10  ? -0.403  6.644   13.835  1.00 92.41  ? 116 ARG A N   1 
ATOM   22   C CA  . ARG A 1 10  ? 0.778   7.416   14.204  1.00 88.60  ? 116 ARG A CA  1 
ATOM   23   C C   . ARG A 1 10  ? 1.135   8.259   12.973  1.00 85.14  ? 116 ARG A C   1 
ATOM   24   O O   . ARG A 1 10  ? 0.261   8.577   12.168  1.00 85.00  ? 116 ARG A O   1 
ATOM   25   C CB  . ARG A 1 10  ? 1.926   6.460   14.547  1.00 90.15  ? 116 ARG A CB  1 
ATOM   26   C CG  . ARG A 1 10  ? 3.079   7.089   15.307  1.00 92.51  ? 116 ARG A CG  1 
ATOM   27   C CD  . ARG A 1 10  ? 2.734   7.226   16.777  1.00 94.79  ? 116 ARG A CD  1 
ATOM   28   N NE  . ARG A 1 10  ? 1.489   7.960   16.979  1.00 96.61  ? 116 ARG A NE  1 
ATOM   29   C CZ  . ARG A 1 10  ? 0.943   8.191   18.171  1.00 97.78  ? 116 ARG A CZ  1 
ATOM   30   N NH1 . ARG A 1 10  ? 1.535   7.744   19.272  1.00 97.68  ? 116 ARG A NH1 1 
ATOM   31   N NH2 . ARG A 1 10  ? -0.199  8.865   18.260  1.00 98.02  ? 116 ARG A NH2 1 
ATOM   32   N N   . HIS A 1 11  ? 2.406   8.621   12.817  1.00 80.67  ? 117 HIS A N   1 
ATOM   33   C CA  . HIS A 1 11  ? 2.820   9.400   11.648  1.00 74.94  ? 117 HIS A CA  1 
ATOM   34   C C   . HIS A 1 11  ? 3.552   8.522   10.626  1.00 70.13  ? 117 HIS A C   1 
ATOM   35   O O   . HIS A 1 11  ? 4.028   7.426   10.942  1.00 68.34  ? 117 HIS A O   1 
ATOM   36   C CB  . HIS A 1 11  ? 3.722   10.576  12.056  1.00 76.30  ? 117 HIS A CB  1 
ATOM   37   C CG  . HIS A 1 11  ? 4.943   10.170  12.821  1.00 77.09  ? 117 HIS A CG  1 
ATOM   38   N ND1 . HIS A 1 11  ? 5.761   9.135   12.423  1.00 77.70  ? 117 HIS A ND1 1 
ATOM   39   C CD2 . HIS A 1 11  ? 5.481   10.655  13.965  1.00 77.49  ? 117 HIS A CD2 1 
ATOM   40   C CE1 . HIS A 1 11  ? 6.748   8.998   13.290  1.00 77.66  ? 117 HIS A CE1 1 
ATOM   41   N NE2 . HIS A 1 11  ? 6.601   9.909   14.234  1.00 78.01  ? 117 HIS A NE2 1 
ATOM   42   N N   . VAL A 1 12  ? 3.634   9.013   9.396   1.00 64.58  ? 118 VAL A N   1 
ATOM   43   C CA  . VAL A 1 12  ? 4.304   8.288   8.324   1.00 59.58  ? 118 VAL A CA  1 
ATOM   44   C C   . VAL A 1 12  ? 5.541   9.053   7.845   1.00 55.88  ? 118 VAL A C   1 
ATOM   45   O O   . VAL A 1 12  ? 5.531   10.283  7.759   1.00 54.64  ? 118 VAL A O   1 
ATOM   46   C CB  . VAL A 1 12  ? 3.348   8.064   7.110   1.00 59.27  ? 118 VAL A CB  1 
ATOM   47   C CG1 . VAL A 1 12  ? 4.076   7.331   5.988   1.00 58.52  ? 118 VAL A CG1 1 
ATOM   48   C CG2 . VAL A 1 12  ? 2.127   7.270   7.541   1.00 57.55  ? 118 VAL A CG2 1 
ATOM   49   N N   . VAL A 1 13  ? 6.608   8.323   7.545   1.00 51.88  ? 119 VAL A N   1 
ATOM   50   C CA  . VAL A 1 13  ? 7.824   8.948   7.048   1.00 49.73  ? 119 VAL A CA  1 
ATOM   51   C C   . VAL A 1 13  ? 8.078   8.491   5.612   1.00 48.68  ? 119 VAL A C   1 
ATOM   52   O O   . VAL A 1 13  ? 8.038   7.292   5.318   1.00 47.12  ? 119 VAL A O   1 
ATOM   53   C CB  . VAL A 1 13  ? 9.078   8.574   7.905   1.00 49.39  ? 119 VAL A CB  1 
ATOM   54   C CG1 . VAL A 1 13  ? 10.312  9.235   7.323   1.00 46.02  ? 119 VAL A CG1 1 
ATOM   55   C CG2 . VAL A 1 13  ? 8.893   9.011   9.354   1.00 47.64  ? 119 VAL A CG2 1 
ATOM   56   N N   . ILE A 1 14  ? 8.319   9.447   4.718   1.00 48.18  ? 120 ILE A N   1 
ATOM   57   C CA  . ILE A 1 14  ? 8.624   9.124   3.321   1.00 47.88  ? 120 ILE A CA  1 
ATOM   58   C C   . ILE A 1 14  ? 10.061  9.548   3.018   1.00 46.64  ? 120 ILE A C   1 
ATOM   59   O O   . ILE A 1 14  ? 10.414  10.722  3.171   1.00 46.51  ? 120 ILE A O   1 
ATOM   60   C CB  . ILE A 1 14  ? 7.698   9.856   2.332   1.00 47.20  ? 120 ILE A CB  1 
ATOM   61   C CG1 . ILE A 1 14  ? 6.240   9.484   2.593   1.00 46.79  ? 120 ILE A CG1 1 
ATOM   62   C CG2 . ILE A 1 14  ? 8.060   9.457   0.916   1.00 46.96  ? 120 ILE A CG2 1 
ATOM   63   C CD1 . ILE A 1 14  ? 5.267   10.270  1.747   1.00 46.65  ? 120 ILE A CD1 1 
ATOM   64   N N   . CYS A 1 15  ? 10.888  8.592   2.602   1.00 45.34  ? 121 CYS A N   1 
ATOM   65   C CA  . CYS A 1 15  ? 12.287  8.876   2.284   1.00 44.34  ? 121 CYS A CA  1 
ATOM   66   C C   . CYS A 1 15  ? 12.493  8.968   0.787   1.00 44.22  ? 121 CYS A C   1 
ATOM   67   O O   . CYS A 1 15  ? 12.160  8.037   0.052   1.00 44.05  ? 121 CYS A O   1 
ATOM   68   C CB  . CYS A 1 15  ? 13.195  7.788   2.845   1.00 43.82  ? 121 CYS A CB  1 
ATOM   69   S SG  . CYS A 1 15  ? 13.181  7.679   4.643   1.00 44.65  ? 121 CYS A SG  1 
ATOM   70   N N   . GLY A 1 16  ? 13.040  10.092  0.334   1.00 43.67  ? 122 GLY A N   1 
ATOM   71   C CA  . GLY A 1 16  ? 13.271  10.258  -1.088  1.00 44.59  ? 122 GLY A CA  1 
ATOM   72   C C   . GLY A 1 16  ? 12.091  10.882  -1.811  1.00 45.11  ? 122 GLY A C   1 
ATOM   73   O O   . GLY A 1 16  ? 10.936  10.724  -1.402  1.00 45.14  ? 122 GLY A O   1 
ATOM   74   N N   . TRP A 1 17  ? 12.382  11.595  -2.893  1.00 45.62  ? 123 TRP A N   1 
ATOM   75   C CA  . TRP A 1 17  ? 11.345  12.253  -3.667  1.00 47.13  ? 123 TRP A CA  1 
ATOM   76   C C   . TRP A 1 17  ? 11.294  11.786  -5.111  1.00 48.27  ? 123 TRP A C   1 
ATOM   77   O O   . TRP A 1 17  ? 12.323  11.633  -5.766  1.00 48.43  ? 123 TRP A O   1 
ATOM   78   C CB  . TRP A 1 17  ? 11.554  13.758  -3.642  1.00 47.74  ? 123 TRP A CB  1 
ATOM   79   C CG  . TRP A 1 17  ? 10.547  14.474  -4.453  1.00 49.18  ? 123 TRP A CG  1 
ATOM   80   C CD1 . TRP A 1 17  ? 10.632  14.800  -5.778  1.00 48.64  ? 123 TRP A CD1 1 
ATOM   81   C CD2 . TRP A 1 17  ? 9.263   14.912  -4.009  1.00 49.43  ? 123 TRP A CD2 1 
ATOM   82   N NE1 . TRP A 1 17  ? 9.474   15.418  -6.187  1.00 49.50  ? 123 TRP A NE1 1 
ATOM   83   C CE2 . TRP A 1 17  ? 8.616   15.499  -5.119  1.00 50.68  ? 123 TRP A CE2 1 
ATOM   84   C CE3 . TRP A 1 17  ? 8.594   14.860  -2.780  1.00 48.85  ? 123 TRP A CE3 1 
ATOM   85   C CZ2 . TRP A 1 17  ? 7.323   16.038  -5.037  1.00 52.28  ? 123 TRP A CZ2 1 
ATOM   86   C CZ3 . TRP A 1 17  ? 7.311   15.390  -2.697  1.00 51.95  ? 123 TRP A CZ3 1 
ATOM   87   C CH2 . TRP A 1 17  ? 6.687   15.972  -3.822  1.00 52.22  ? 123 TRP A CH2 1 
ATOM   88   N N   . SER A 1 18  ? 10.082  11.571  -5.604  1.00 49.97  ? 124 SER A N   1 
ATOM   89   C CA  . SER A 1 18  ? 9.882   11.122  -6.972  1.00 51.12  ? 124 SER A CA  1 
ATOM   90   C C   . SER A 1 18  ? 8.400   11.213  -7.272  1.00 52.56  ? 124 SER A C   1 
ATOM   91   O O   . SER A 1 18  ? 7.598   11.557  -6.397  1.00 53.77  ? 124 SER A O   1 
ATOM   92   C CB  . SER A 1 18  ? 10.335  9.673   -7.120  1.00 50.69  ? 124 SER A CB  1 
ATOM   93   O OG  . SER A 1 18  ? 9.468   8.819   -6.399  1.00 50.15  ? 124 SER A OG  1 
ATOM   94   N N   . GLU A 1 19  ? 8.028   10.904  -8.507  1.00 53.49  ? 125 GLU A N   1 
ATOM   95   C CA  . GLU A 1 19  ? 6.623   10.947  -8.873  1.00 54.23  ? 125 GLU A CA  1 
ATOM   96   C C   . GLU A 1 19  ? 5.825   10.014  -7.979  1.00 53.00  ? 125 GLU A C   1 
ATOM   97   O O   . GLU A 1 19  ? 4.718   10.353  -7.571  1.00 53.38  ? 125 GLU A O   1 
ATOM   98   C CB  . GLU A 1 19  ? 6.429   10.566  -10.342 1.00 56.15  ? 125 GLU A CB  1 
ATOM   99   C CG  . GLU A 1 19  ? 6.817   11.674  -11.305 1.00 58.39  ? 125 GLU A CG  1 
ATOM   100  C CD  . GLU A 1 19  ? 6.118   12.983  -10.982 1.00 59.85  ? 125 GLU A CD  1 
ATOM   101  O OE1 . GLU A 1 19  ? 4.880   12.958  -10.775 1.00 59.77  ? 125 GLU A OE1 1 
ATOM   102  O OE2 . GLU A 1 19  ? 6.805   14.033  -10.939 1.00 61.09  ? 125 GLU A OE2 1 
ATOM   103  N N   . SER A 1 20  ? 6.386   8.841   -7.679  1.00 52.15  ? 126 SER A N   1 
ATOM   104  C CA  . SER A 1 20  ? 5.714   7.865   -6.815  1.00 50.59  ? 126 SER A CA  1 
ATOM   105  C C   . SER A 1 20  ? 5.369   8.515   -5.487  1.00 52.03  ? 126 SER A C   1 
ATOM   106  O O   . SER A 1 20  ? 4.232   8.447   -5.021  1.00 51.91  ? 126 SER A O   1 
ATOM   107  C CB  . SER A 1 20  ? 6.621   6.670   -6.550  1.00 46.39  ? 126 SER A CB  1 
ATOM   108  O OG  . SER A 1 20  ? 6.827   5.933   -7.725  1.00 42.99  ? 126 SER A OG  1 
ATOM   109  N N   . THR A 1 21  ? 6.382   9.139   -4.894  1.00 54.70  ? 127 THR A N   1 
ATOM   110  C CA  . THR A 1 21  ? 6.288   9.835   -3.616  1.00 56.15  ? 127 THR A CA  1 
ATOM   111  C C   . THR A 1 21  ? 5.244   10.945  -3.647  1.00 56.15  ? 127 THR A C   1 
ATOM   112  O O   . THR A 1 21  ? 4.560   11.194  -2.657  1.00 55.83  ? 127 THR A O   1 
ATOM   113  C CB  . THR A 1 21  ? 7.672   10.440  -3.235  1.00 57.72  ? 127 THR A CB  1 
ATOM   114  O OG1 . THR A 1 21  ? 8.553   9.391   -2.799  1.00 57.57  ? 127 THR A OG1 1 
ATOM   115  C CG2 . THR A 1 21  ? 7.524   11.495  -2.143  1.00 58.02  ? 127 THR A CG2 1 
ATOM   116  N N   . LEU A 1 22  ? 5.129   11.616  -4.785  1.00 56.72  ? 128 LEU A N   1 
ATOM   117  C CA  . LEU A 1 22  ? 4.165   12.699  -4.926  1.00 57.54  ? 128 LEU A CA  1 
ATOM   118  C C   . LEU A 1 22  ? 2.712   12.207  -4.899  1.00 58.21  ? 128 LEU A C   1 
ATOM   119  O O   . LEU A 1 22  ? 1.853   12.817  -4.255  1.00 57.46  ? 128 LEU A O   1 
ATOM   120  C CB  . LEU A 1 22  ? 4.433   13.460  -6.229  1.00 56.54  ? 128 LEU A CB  1 
ATOM   121  C CG  . LEU A 1 22  ? 3.348   14.448  -6.659  1.00 56.68  ? 128 LEU A CG  1 
ATOM   122  C CD1 . LEU A 1 22  ? 3.156   15.510  -5.589  1.00 56.69  ? 128 LEU A CD1 1 
ATOM   123  C CD2 . LEU A 1 22  ? 3.731   15.074  -7.980  1.00 57.22  ? 128 LEU A CD2 1 
ATOM   124  N N   . GLU A 1 23  ? 2.444   11.111  -5.608  1.00 59.57  ? 129 GLU A N   1 
ATOM   125  C CA  . GLU A 1 23  ? 1.101   10.541  -5.682  1.00 61.09  ? 129 GLU A CA  1 
ATOM   126  C C   . GLU A 1 23  ? 0.771   9.948   -4.336  1.00 60.73  ? 129 GLU A C   1 
ATOM   127  O O   . GLU A 1 23  ? -0.345  10.060  -3.823  1.00 61.19  ? 129 GLU A O   1 
ATOM   128  C CB  . GLU A 1 23  ? 1.043   9.443   -6.742  1.00 62.61  ? 129 GLU A CB  1 
ATOM   129  C CG  . GLU A 1 23  ? -0.233  9.483   -7.570  1.00 66.41  ? 129 GLU A CG  1 
ATOM   130  C CD  . GLU A 1 23  ? -1.484  9.303   -6.731  1.00 67.39  ? 129 GLU A CD  1 
ATOM   131  O OE1 . GLU A 1 23  ? -1.785  8.148   -6.348  1.00 68.10  ? 129 GLU A OE1 1 
ATOM   132  O OE2 . GLU A 1 23  ? -2.161  10.321  -6.449  1.00 67.49  ? 129 GLU A OE2 1 
ATOM   133  N N   . CYS A 1 24  ? 1.780   9.307   -3.779  1.00 60.47  ? 130 CYS A N   1 
ATOM   134  C CA  . CYS A 1 24  ? 1.688   8.674   -2.488  1.00 60.06  ? 130 CYS A CA  1 
ATOM   135  C C   . CYS A 1 24  ? 1.362   9.698   -1.400  1.00 59.73  ? 130 CYS A C   1 
ATOM   136  O O   . CYS A 1 24  ? 0.601   9.423   -0.477  1.00 59.49  ? 130 CYS A O   1 
ATOM   137  C CB  . CYS A 1 24  ? 3.013   8.002   -2.191  1.00 58.68  ? 130 CYS A CB  1 
ATOM   138  S SG  . CYS A 1 24  ? 3.031   7.288   -0.603  1.00 61.87  ? 130 CYS A SG  1 
ATOM   139  N N   . LEU A 1 25  ? 1.952   10.879  -1.521  1.00 60.66  ? 131 LEU A N   1 
ATOM   140  C CA  . LEU A 1 25  ? 1.739   11.948  -0.562  1.00 60.79  ? 131 LEU A CA  1 
ATOM   141  C C   . LEU A 1 25  ? 0.338   12.510  -0.713  1.00 62.59  ? 131 LEU A C   1 
ATOM   142  O O   . LEU A 1 25  ? -0.224  13.063  0.234   1.00 63.39  ? 131 LEU A O   1 
ATOM   143  C CB  . LEU A 1 25  ? 2.762   13.056  -0.781  1.00 58.51  ? 131 LEU A CB  1 
ATOM   144  C CG  . LEU A 1 25  ? 2.812   14.100  0.329   1.00 58.22  ? 131 LEU A CG  1 
ATOM   145  C CD1 . LEU A 1 25  ? 3.053   13.403  1.665   1.00 58.12  ? 131 LEU A CD1 1 
ATOM   146  C CD2 . LEU A 1 25  ? 3.910   15.117  0.035   1.00 56.75  ? 131 LEU A CD2 1 
ATOM   147  N N   . ARG A 1 26  ? -0.218  12.376  -1.914  1.00 64.18  ? 132 ARG A N   1 
ATOM   148  C CA  . ARG A 1 26  ? -1.566  12.850  -2.189  1.00 64.83  ? 132 ARG A CA  1 
ATOM   149  C C   . ARG A 1 26  ? -2.526  11.929  -1.456  1.00 65.03  ? 132 ARG A C   1 
ATOM   150  O O   . ARG A 1 26  ? -3.437  12.386  -0.773  1.00 65.41  ? 132 ARG A O   1 
ATOM   151  C CB  . ARG A 1 26  ? -1.875  12.789  -3.687  1.00 67.63  ? 132 ARG A CB  1 
ATOM   152  C CG  . ARG A 1 26  ? -1.024  13.677  -4.581  1.00 69.50  ? 132 ARG A CG  1 
ATOM   153  C CD  . ARG A 1 26  ? -1.694  13.841  -5.953  1.00 71.13  ? 132 ARG A CD  1 
ATOM   154  N NE  . ARG A 1 26  ? -0.868  14.609  -6.885  1.00 73.44  ? 132 ARG A NE  1 
ATOM   155  C CZ  . ARG A 1 26  ? -0.170  14.084  -7.892  1.00 74.30  ? 132 ARG A CZ  1 
ATOM   156  N NH1 . ARG A 1 26  ? -0.193  12.772  -8.120  1.00 73.56  ? 132 ARG A NH1 1 
ATOM   157  N NH2 . ARG A 1 26  ? 0.570   14.872  -8.665  1.00 75.41  ? 132 ARG A NH2 1 
ATOM   158  N N   . GLU A 1 27  ? -2.311  10.627  -1.614  1.00 65.32  ? 133 GLU A N   1 
ATOM   159  C CA  . GLU A 1 27  ? -3.137  9.610   -0.969  1.00 65.51  ? 133 GLU A CA  1 
ATOM   160  C C   . GLU A 1 27  ? -3.112  9.738   0.555   1.00 64.98  ? 133 GLU A C   1 
ATOM   161  O O   . GLU A 1 27  ? -4.016  9.269   1.229   1.00 63.85  ? 133 GLU A O   1 
ATOM   162  C CB  . GLU A 1 27  ? -2.654  8.212   -1.365  1.00 66.88  ? 133 GLU A CB  1 
ATOM   163  C CG  . GLU A 1 27  ? -2.799  7.875   -2.841  1.00 70.61  ? 133 GLU A CG  1 
ATOM   164  C CD  . GLU A 1 27  ? -4.158  7.278   -3.177  1.00 74.78  ? 133 GLU A CD  1 
ATOM   165  O OE1 . GLU A 1 27  ? -4.497  6.208   -2.612  1.00 75.96  ? 133 GLU A OE1 1 
ATOM   166  O OE2 . GLU A 1 27  ? -4.890  7.870   -4.006  1.00 76.23  ? 133 GLU A OE2 1 
ATOM   167  N N   . LEU A 1 28  ? -2.071  10.364  1.098   1.00 66.20  ? 134 LEU A N   1 
ATOM   168  C CA  . LEU A 1 28  ? -1.959  10.534  2.546   1.00 67.23  ? 134 LEU A CA  1 
ATOM   169  C C   . LEU A 1 28  ? -2.357  11.943  2.977   1.00 69.43  ? 134 LEU A C   1 
ATOM   170  O O   . LEU A 1 28  ? -2.170  12.322  4.134   1.00 68.99  ? 134 LEU A O   1 
ATOM   171  C CB  . LEU A 1 28  ? -0.526  10.235  3.016   1.00 65.11  ? 134 LEU A CB  1 
ATOM   172  C CG  . LEU A 1 28  ? 0.025   8.820   2.774   1.00 64.37  ? 134 LEU A CG  1 
ATOM   173  C CD1 . LEU A 1 28  ? 1.471   8.745   3.224   1.00 60.73  ? 134 LEU A CD1 1 
ATOM   174  C CD2 . LEU A 1 28  ? -0.815  7.788   3.517   1.00 61.95  ? 134 LEU A CD2 1 
ATOM   175  N N   . ARG A 1 29  ? -2.900  12.716  2.036   1.00 72.85  ? 135 ARG A N   1 
ATOM   176  C CA  . ARG A 1 29  ? -3.348  14.088  2.303   1.00 75.29  ? 135 ARG A CA  1 
ATOM   177  C C   . ARG A 1 29  ? -4.401  14.048  3.412   1.00 75.96  ? 135 ARG A C   1 
ATOM   178  O O   . ARG A 1 29  ? -5.576  13.768  3.157   1.00 76.54  ? 135 ARG A O   1 
ATOM   179  C CB  . ARG A 1 29  ? -3.972  14.701  1.043   1.00 76.99  ? 135 ARG A CB  1 
ATOM   180  C CG  . ARG A 1 29  ? -4.255  16.193  1.139   1.00 79.47  ? 135 ARG A CG  1 
ATOM   181  C CD  . ARG A 1 29  ? -2.965  16.982  0.960   1.00 82.74  ? 135 ARG A CD  1 
ATOM   182  N NE  . ARG A 1 29  ? -3.126  18.430  1.108   1.00 84.89  ? 135 ARG A NE  1 
ATOM   183  C CZ  . ARG A 1 29  ? -4.027  19.166  0.461   1.00 86.48  ? 135 ARG A CZ  1 
ATOM   184  N NH1 . ARG A 1 29  ? -4.877  18.596  -0.388  1.00 87.40  ? 135 ARG A NH1 1 
ATOM   185  N NH2 . ARG A 1 29  ? -4.064  20.482  0.650   1.00 86.22  ? 135 ARG A NH2 1 
ATOM   186  N N   . GLY A 1 30  ? -3.981  14.327  4.640   1.00 75.84  ? 136 GLY A N   1 
ATOM   187  C CA  . GLY A 1 30  ? -4.914  14.296  5.748   1.00 75.19  ? 136 GLY A CA  1 
ATOM   188  C C   . GLY A 1 30  ? -4.359  13.453  6.877   1.00 74.90  ? 136 GLY A C   1 
ATOM   189  O O   . GLY A 1 30  ? -5.100  12.871  7.672   1.00 76.09  ? 136 GLY A O   1 
ATOM   190  N N   . SER A 1 31  ? -3.035  13.372  6.922   1.00 73.71  ? 137 SER A N   1 
ATOM   191  C CA  . SER A 1 31  ? -2.329  12.635  7.959   1.00 71.23  ? 137 SER A CA  1 
ATOM   192  C C   . SER A 1 31  ? -0.982  13.321  8.144   1.00 70.24  ? 137 SER A C   1 
ATOM   193  O O   . SER A 1 31  ? -0.516  14.045  7.253   1.00 70.76  ? 137 SER A O   1 
ATOM   194  C CB  . SER A 1 31  ? -2.156  11.161  7.571   1.00 69.57  ? 137 SER A CB  1 
ATOM   195  O OG  . SER A 1 31  ? -1.674  11.013  6.254   1.00 69.52  ? 137 SER A OG  1 
ATOM   196  N N   . GLU A 1 32  ? -0.370  13.128  9.304   1.00 68.54  ? 138 GLU A N   1 
ATOM   197  C CA  . GLU A 1 32  ? 0.907   13.758  9.558   1.00 68.46  ? 138 GLU A CA  1 
ATOM   198  C C   . GLU A 1 32  ? 1.997   12.938  8.877   1.00 66.99  ? 138 GLU A C   1 
ATOM   199  O O   . GLU A 1 32  ? 2.232   11.774  9.217   1.00 65.62  ? 138 GLU A O   1 
ATOM   200  C CB  . GLU A 1 32  ? 1.169   13.860  11.059  1.00 71.45  ? 138 GLU A CB  1 
ATOM   201  C CG  . GLU A 1 32  ? 2.326   14.785  11.404  1.00 76.46  ? 138 GLU A CG  1 
ATOM   202  C CD  . GLU A 1 32  ? 2.697   14.746  12.878  1.00 79.64  ? 138 GLU A CD  1 
ATOM   203  O OE1 . GLU A 1 32  ? 3.089   13.662  13.371  1.00 80.84  ? 138 GLU A OE1 1 
ATOM   204  O OE2 . GLU A 1 32  ? 2.603   15.802  13.543  1.00 81.60  ? 138 GLU A OE2 1 
ATOM   205  N N   . VAL A 1 33  ? 2.650   13.557  7.901   1.00 65.20  ? 139 VAL A N   1 
ATOM   206  C CA  . VAL A 1 33  ? 3.707   12.901  7.148   1.00 63.16  ? 139 VAL A CA  1 
ATOM   207  C C   . VAL A 1 33  ? 4.996   13.712  7.188   1.00 61.87  ? 139 VAL A C   1 
ATOM   208  O O   . VAL A 1 33  ? 4.966   14.946  7.219   1.00 62.17  ? 139 VAL A O   1 
ATOM   209  C CB  . VAL A 1 33  ? 3.301   12.728  5.660   1.00 63.38  ? 139 VAL A CB  1 
ATOM   210  C CG1 . VAL A 1 33  ? 4.320   11.865  4.940   1.00 62.96  ? 139 VAL A CG1 1 
ATOM   211  C CG2 . VAL A 1 33  ? 1.910   12.113  5.555   1.00 62.07  ? 139 VAL A CG2 1 
ATOM   212  N N   . PHE A 1 34  ? 6.127   13.015  7.202   1.00 59.84  ? 140 PHE A N   1 
ATOM   213  C CA  . PHE A 1 34  ? 7.430   13.675  7.182   1.00 57.60  ? 140 PHE A CA  1 
ATOM   214  C C   . PHE A 1 34  ? 8.171   13.189  5.948   1.00 55.98  ? 140 PHE A C   1 
ATOM   215  O O   . PHE A 1 34  ? 8.343   11.981  5.760   1.00 55.66  ? 140 PHE A O   1 
ATOM   216  C CB  . PHE A 1 34  ? 8.245   13.344  8.431   1.00 57.66  ? 140 PHE A CB  1 
ATOM   217  C CG  . PHE A 1 34  ? 7.647   13.883  9.694   1.00 59.16  ? 140 PHE A CG  1 
ATOM   218  C CD1 . PHE A 1 34  ? 6.673   13.166  10.380  1.00 59.53  ? 140 PHE A CD1 1 
ATOM   219  C CD2 . PHE A 1 34  ? 8.019   15.137  10.171  1.00 58.58  ? 140 PHE A CD2 1 
ATOM   220  C CE1 . PHE A 1 34  ? 6.081   13.693  11.518  1.00 58.86  ? 140 PHE A CE1 1 
ATOM   221  C CE2 . PHE A 1 34  ? 7.431   15.666  11.305  1.00 56.87  ? 140 PHE A CE2 1 
ATOM   222  C CZ  . PHE A 1 34  ? 6.463   14.948  11.978  1.00 57.43  ? 140 PHE A CZ  1 
ATOM   223  N N   . VAL A 1 35  ? 8.581   14.123  5.095   1.00 53.66  ? 141 VAL A N   1 
ATOM   224  C CA  . VAL A 1 35  ? 9.315   13.764  3.886   1.00 51.62  ? 141 VAL A CA  1 
ATOM   225  C C   . VAL A 1 35  ? 10.782  14.127  4.052   1.00 49.99  ? 141 VAL A C   1 
ATOM   226  O O   . VAL A 1 35  ? 11.120  15.297  4.206   1.00 50.89  ? 141 VAL A O   1 
ATOM   227  C CB  . VAL A 1 35  ? 8.767   14.501  2.644   1.00 52.08  ? 141 VAL A CB  1 
ATOM   228  C CG1 . VAL A 1 35  ? 9.588   14.120  1.420   1.00 51.96  ? 141 VAL A CG1 1 
ATOM   229  C CG2 . VAL A 1 35  ? 7.305   14.149  2.427   1.00 50.24  ? 141 VAL A CG2 1 
ATOM   230  N N   . LEU A 1 36  ? 11.650  13.121  4.032   1.00 48.51  ? 142 LEU A N   1 
ATOM   231  C CA  . LEU A 1 36  ? 13.087  13.338  4.178   1.00 46.64  ? 142 LEU A CA  1 
ATOM   232  C C   . LEU A 1 36  ? 13.679  13.325  2.777   1.00 46.80  ? 142 LEU A C   1 
ATOM   233  O O   . LEU A 1 36  ? 13.531  12.339  2.044   1.00 46.64  ? 142 LEU A O   1 
ATOM   234  C CB  . LEU A 1 36  ? 13.717  12.208  5.001   1.00 46.14  ? 142 LEU A CB  1 
ATOM   235  C CG  . LEU A 1 36  ? 14.994  12.422  5.829   1.00 41.78  ? 142 LEU A CG  1 
ATOM   236  C CD1 . LEU A 1 36  ? 15.813  11.155  5.766   1.00 38.57  ? 142 LEU A CD1 1 
ATOM   237  C CD2 . LEU A 1 36  ? 15.796  13.590  5.318   1.00 39.94  ? 142 LEU A CD2 1 
ATOM   238  N N   . ALA A 1 37  ? 14.344  14.415  2.404   1.00 46.10  ? 143 ALA A N   1 
ATOM   239  C CA  . ALA A 1 37  ? 14.939  14.511  1.079   1.00 45.43  ? 143 ALA A CA  1 
ATOM   240  C C   . ALA A 1 37  ? 16.090  15.504  1.049   1.00 46.33  ? 143 ALA A C   1 
ATOM   241  O O   . ALA A 1 37  ? 16.112  16.469  1.817   1.00 46.49  ? 143 ALA A O   1 
ATOM   242  C CB  . ALA A 1 37  ? 13.876  14.903  0.074   1.00 43.61  ? 143 ALA A CB  1 
ATOM   243  N N   . GLU A 1 38  ? 17.051  15.254  0.162   1.00 47.15  ? 144 GLU A N   1 
ATOM   244  C CA  . GLU A 1 38  ? 18.219  16.112  0.016   1.00 48.31  ? 144 GLU A CA  1 
ATOM   245  C C   . GLU A 1 38  ? 17.948  17.358  -0.796  1.00 49.50  ? 144 GLU A C   1 
ATOM   246  O O   . GLU A 1 38  ? 18.303  18.457  -0.395  1.00 49.38  ? 144 GLU A O   1 
ATOM   247  C CB  . GLU A 1 38  ? 19.344  15.363  -0.663  1.00 48.85  ? 144 GLU A CB  1 
ATOM   248  C CG  . GLU A 1 38  ? 20.070  14.403  0.214   1.00 56.23  ? 144 GLU A CG  1 
ATOM   249  C CD  . GLU A 1 38  ? 21.243  13.784  -0.512  1.00 59.80  ? 144 GLU A CD  1 
ATOM   250  O OE1 . GLU A 1 38  ? 21.002  13.016  -1.467  1.00 61.46  ? 144 GLU A OE1 1 
ATOM   251  O OE2 . GLU A 1 38  ? 22.402  14.077  -0.136  1.00 63.36  ? 144 GLU A OE2 1 
ATOM   252  N N   . ASP A 1 39  ? 17.334  17.185  -1.957  1.00 51.78  ? 145 ASP A N   1 
ATOM   253  C CA  . ASP A 1 39  ? 17.059  18.325  -2.801  1.00 53.82  ? 145 ASP A CA  1 
ATOM   254  C C   . ASP A 1 39  ? 16.070  19.268  -2.159  1.00 54.48  ? 145 ASP A C   1 
ATOM   255  O O   . ASP A 1 39  ? 14.898  18.942  -1.987  1.00 54.16  ? 145 ASP A O   1 
ATOM   256  C CB  . ASP A 1 39  ? 16.535  17.884  -4.159  1.00 56.95  ? 145 ASP A CB  1 
ATOM   257  C CG  . ASP A 1 39  ? 16.459  19.037  -5.136  1.00 58.98  ? 145 ASP A CG  1 
ATOM   258  O OD1 . ASP A 1 39  ? 17.159  20.050  -4.892  1.00 57.23  ? 145 ASP A OD1 1 
ATOM   259  O OD2 . ASP A 1 39  ? 15.715  18.925  -6.140  1.00 60.31  ? 145 ASP A OD2 1 
ATOM   260  N N   . GLU A 1 40  ? 16.571  20.454  -1.831  1.00 55.69  ? 146 GLU A N   1 
ATOM   261  C CA  . GLU A 1 40  ? 15.812  21.513  -1.185  1.00 54.93  ? 146 GLU A CA  1 
ATOM   262  C C   . GLU A 1 40  ? 14.685  22.071  -2.048  1.00 54.81  ? 146 GLU A C   1 
ATOM   263  O O   . GLU A 1 40  ? 13.714  22.601  -1.521  1.00 55.71  ? 146 GLU A O   1 
ATOM   264  C CB  . GLU A 1 40  ? 16.776  22.625  -0.809  1.00 56.46  ? 146 GLU A CB  1 
ATOM   265  C CG  . GLU A 1 40  ? 16.245  23.648  0.156   1.00 59.11  ? 146 GLU A CG  1 
ATOM   266  C CD  . GLU A 1 40  ? 17.319  24.643  0.557   1.00 60.01  ? 146 GLU A CD  1 
ATOM   267  O OE1 . GLU A 1 40  ? 17.950  25.236  -0.351  1.00 60.91  ? 146 GLU A OE1 1 
ATOM   268  O OE2 . GLU A 1 40  ? 17.530  24.829  1.775   1.00 61.19  ? 146 GLU A OE2 1 
ATOM   269  N N   . ASN A 1 41  ? 14.806  21.963  -3.368  1.00 54.27  ? 147 ASN A N   1 
ATOM   270  C CA  . ASN A 1 41  ? 13.766  22.472  -4.259  1.00 53.76  ? 147 ASN A CA  1 
ATOM   271  C C   . ASN A 1 41  ? 12.412  21.943  -3.847  1.00 54.56  ? 147 ASN A C   1 
ATOM   272  O O   . ASN A 1 41  ? 11.441  22.689  -3.710  1.00 56.43  ? 147 ASN A O   1 
ATOM   273  C CB  . ASN A 1 41  ? 14.034  22.050  -5.704  1.00 52.94  ? 147 ASN A CB  1 
ATOM   274  C CG  . ASN A 1 41  ? 14.821  23.087  -6.476  1.00 53.03  ? 147 ASN A CG  1 
ATOM   275  O OD1 . ASN A 1 41  ? 14.384  24.223  -6.622  1.00 51.29  ? 147 ASN A OD1 1 
ATOM   276  N ND2 . ASN A 1 41  ? 15.988  22.699  -6.976  1.00 54.44  ? 147 ASN A ND2 1 
ATOM   277  N N   . VAL A 1 42  ? 12.370  20.637  -3.650  1.00 54.64  ? 148 VAL A N   1 
ATOM   278  C CA  . VAL A 1 42  ? 11.170  19.915  -3.262  1.00 54.25  ? 148 VAL A CA  1 
ATOM   279  C C   . VAL A 1 42  ? 10.362  20.487  -2.092  1.00 55.16  ? 148 VAL A C   1 
ATOM   280  O O   . VAL A 1 42  ? 9.146   20.336  -2.058  1.00 55.26  ? 148 VAL A O   1 
ATOM   281  C CB  . VAL A 1 42  ? 11.555  18.456  -2.973  1.00 53.66  ? 148 VAL A CB  1 
ATOM   282  C CG1 . VAL A 1 42  ? 10.592  17.818  -1.994  1.00 53.78  ? 148 VAL A CG1 1 
ATOM   283  C CG2 . VAL A 1 42  ? 11.592  17.696  -4.276  1.00 51.68  ? 148 VAL A CG2 1 
ATOM   284  N N   . ARG A 1 43  ? 11.031  21.142  -1.148  1.00 56.69  ? 149 ARG A N   1 
ATOM   285  C CA  . ARG A 1 43  ? 10.368  21.719  0.027   1.00 58.03  ? 149 ARG A CA  1 
ATOM   286  C C   . ARG A 1 43  ? 9.015   22.347  -0.271  1.00 59.49  ? 149 ARG A C   1 
ATOM   287  O O   . ARG A 1 43  ? 8.030   22.052  0.407   1.00 58.83  ? 149 ARG A O   1 
ATOM   288  C CB  . ARG A 1 43  ? 11.269  22.765  0.683   1.00 57.18  ? 149 ARG A CB  1 
ATOM   289  C CG  . ARG A 1 43  ? 10.676  23.412  1.920   1.00 57.53  ? 149 ARG A CG  1 
ATOM   290  C CD  . ARG A 1 43  ? 11.659  24.401  2.549   1.00 60.67  ? 149 ARG A CD  1 
ATOM   291  N NE  . ARG A 1 43  ? 12.534  23.807  3.567   1.00 63.02  ? 149 ARG A NE  1 
ATOM   292  C CZ  . ARG A 1 43  ? 13.870  23.834  3.532   1.00 63.59  ? 149 ARG A CZ  1 
ATOM   293  N NH1 . ARG A 1 43  ? 14.499  24.420  2.520   1.00 63.82  ? 149 ARG A NH1 1 
ATOM   294  N NH2 . ARG A 1 43  ? 14.580  23.302  4.522   1.00 63.00  ? 149 ARG A NH2 1 
ATOM   295  N N   . LYS A 1 44  ? 8.973   23.213  -1.281  1.00 62.40  ? 150 LYS A N   1 
ATOM   296  C CA  . LYS A 1 44  ? 7.731   23.891  -1.666  1.00 64.48  ? 150 LYS A CA  1 
ATOM   297  C C   . LYS A 1 44  ? 6.577   22.898  -1.858  1.00 64.94  ? 150 LYS A C   1 
ATOM   298  O O   . LYS A 1 44  ? 5.539   22.995  -1.196  1.00 62.73  ? 150 LYS A O   1 
ATOM   299  C CB  . LYS A 1 44  ? 7.931   24.700  -2.967  1.00 64.90  ? 150 LYS A CB  1 
ATOM   300  C CG  . LYS A 1 44  ? 8.881   25.914  -2.866  1.00 66.15  ? 150 LYS A CG  1 
ATOM   301  C CD  . LYS A 1 44  ? 8.512   27.009  -3.908  1.00 65.73  ? 150 LYS A CD  1 
ATOM   302  C CE  . LYS A 1 44  ? 9.309   28.313  -3.715  1.00 63.45  ? 150 LYS A CE  1 
ATOM   303  N NZ  . LYS A 1 44  ? 8.621   29.504  -4.313  1.00 59.85  ? 150 LYS A NZ  1 
ATOM   304  N N   . LYS A 1 45  ? 6.788   21.948  -2.767  1.00 66.27  ? 151 LYS A N   1 
ATOM   305  C CA  . LYS A 1 45  ? 5.813   20.916  -3.108  1.00 68.26  ? 151 LYS A CA  1 
ATOM   306  C C   . LYS A 1 45  ? 5.322   20.114  -1.902  1.00 69.90  ? 151 LYS A C   1 
ATOM   307  O O   . LYS A 1 45  ? 4.132   19.802  -1.798  1.00 70.03  ? 151 LYS A O   1 
ATOM   308  C CB  . LYS A 1 45  ? 6.422   19.950  -4.119  1.00 68.69  ? 151 LYS A CB  1 
ATOM   309  C CG  . LYS A 1 45  ? 5.515   19.596  -5.277  1.00 71.05  ? 151 LYS A CG  1 
ATOM   310  C CD  . LYS A 1 45  ? 5.749   20.528  -6.453  1.00 72.73  ? 151 LYS A CD  1 
ATOM   311  C CE  . LYS A 1 45  ? 5.025   20.024  -7.701  1.00 75.29  ? 151 LYS A CE  1 
ATOM   312  N NZ  . LYS A 1 45  ? 5.320   20.852  -8.922  1.00 77.31  ? 151 LYS A NZ  1 
ATOM   313  N N   . VAL A 1 46  ? 6.244   19.769  -1.006  1.00 70.54  ? 152 VAL A N   1 
ATOM   314  C CA  . VAL A 1 46  ? 5.908   18.997  0.186   1.00 71.92  ? 152 VAL A CA  1 
ATOM   315  C C   . VAL A 1 46  ? 5.009   19.787  1.135   1.00 73.84  ? 152 VAL A C   1 
ATOM   316  O O   . VAL A 1 46  ? 4.030   19.256  1.668   1.00 74.28  ? 152 VAL A O   1 
ATOM   317  C CB  . VAL A 1 46  ? 7.184   18.564  0.942   1.00 71.64  ? 152 VAL A CB  1 
ATOM   318  C CG1 . VAL A 1 46  ? 6.817   17.788  2.197   1.00 69.93  ? 152 VAL A CG1 1 
ATOM   319  C CG2 . VAL A 1 46  ? 8.046   17.710  0.040   1.00 70.58  ? 152 VAL A CG2 1 
ATOM   320  N N   . LEU A 1 47  ? 5.343   21.056  1.346   1.00 75.64  ? 153 LEU A N   1 
ATOM   321  C CA  . LEU A 1 47  ? 4.556   21.914  2.228   1.00 76.62  ? 153 LEU A CA  1 
ATOM   322  C C   . LEU A 1 47  ? 3.205   22.225  1.591   1.00 77.58  ? 153 LEU A C   1 
ATOM   323  O O   . LEU A 1 47  ? 2.172   22.180  2.261   1.00 78.12  ? 153 LEU A O   1 
ATOM   324  C CB  . LEU A 1 47  ? 5.310   23.218  2.505   1.00 75.97  ? 153 LEU A CB  1 
ATOM   325  C CG  . LEU A 1 47  ? 6.680   23.068  3.178   1.00 75.76  ? 153 LEU A CG  1 
ATOM   326  C CD1 . LEU A 1 47  ? 7.438   24.389  3.124   1.00 75.78  ? 153 LEU A CD1 1 
ATOM   327  C CD2 . LEU A 1 47  ? 6.492   22.601  4.613   1.00 75.65  ? 153 LEU A CD2 1 
ATOM   328  N N   . ARG A 1 48  ? 3.221   22.531  0.294   1.00 78.26  ? 154 ARG A N   1 
ATOM   329  C CA  . ARG A 1 48  ? 2.003   22.853  -0.446  1.00 78.33  ? 154 ARG A CA  1 
ATOM   330  C C   . ARG A 1 48  ? 1.165   21.599  -0.622  1.00 77.81  ? 154 ARG A C   1 
ATOM   331  O O   . ARG A 1 48  ? 0.370   21.500  -1.555  1.00 79.12  ? 154 ARG A O   1 
ATOM   332  C CB  . ARG A 1 48  ? 2.353   23.428  -1.824  1.00 80.30  ? 154 ARG A CB  1 
ATOM   333  C CG  . ARG A 1 48  ? 1.172   24.004  -2.588  1.00 82.46  ? 154 ARG A CG  1 
ATOM   334  C CD  . ARG A 1 48  ? 1.540   24.326  -4.029  1.00 86.74  ? 154 ARG A CD  1 
ATOM   335  N NE  . ARG A 1 48  ? 1.867   23.127  -4.806  1.00 89.97  ? 154 ARG A NE  1 
ATOM   336  C CZ  . ARG A 1 48  ? 2.086   23.115  -6.123  1.00 91.23  ? 154 ARG A CZ  1 
ATOM   337  N NH1 . ARG A 1 48  ? 2.017   24.243  -6.824  1.00 92.00  ? 154 ARG A NH1 1 
ATOM   338  N NH2 . ARG A 1 48  ? 2.368   21.976  -6.746  1.00 90.34  ? 154 ARG A NH2 1 
ATOM   339  N N   . SER A 1 49  ? 1.354   20.633  0.271   1.00 76.67  ? 155 SER A N   1 
ATOM   340  C CA  . SER A 1 49  ? 0.613   19.377  0.219   1.00 74.62  ? 155 SER A CA  1 
ATOM   341  C C   . SER A 1 49  ? 0.313   18.869  1.618   1.00 72.38  ? 155 SER A C   1 
ATOM   342  O O   . SER A 1 49  ? -0.083  17.717  1.791   1.00 71.54  ? 155 SER A O   1 
ATOM   343  C CB  . SER A 1 49  ? 1.400   18.313  -0.556  1.00 75.60  ? 155 SER A CB  1 
ATOM   344  O OG  . SER A 1 49  ? 1.532   18.667  -1.926  1.00 75.98  ? 155 SER A OG  1 
ATOM   345  N N   . GLY A 1 50  ? 0.522   19.737  2.608   1.00 70.77  ? 156 GLY A N   1 
ATOM   346  C CA  . GLY A 1 50  ? 0.248   19.400  3.999   1.00 68.82  ? 156 GLY A CA  1 
ATOM   347  C C   . GLY A 1 50  ? 1.324   18.677  4.796   1.00 67.30  ? 156 GLY A C   1 
ATOM   348  O O   . GLY A 1 50  ? 1.278   18.657  6.031   1.00 66.78  ? 156 GLY A O   1 
ATOM   349  N N   . ALA A 1 51  ? 2.295   18.092  4.102   1.00 65.25  ? 157 ALA A N   1 
ATOM   350  C CA  . ALA A 1 51  ? 3.362   17.350  4.756   1.00 63.09  ? 157 ALA A CA  1 
ATOM   351  C C   . ALA A 1 51  ? 4.502   18.217  5.291   1.00 62.81  ? 157 ALA A C   1 
ATOM   352  O O   . ALA A 1 51  ? 4.642   19.396  4.950   1.00 61.46  ? 157 ALA A O   1 
ATOM   353  C CB  . ALA A 1 51  ? 3.907   16.298  3.800   1.00 62.34  ? 157 ALA A CB  1 
ATOM   354  N N   . ASN A 1 52  ? 5.322   17.612  6.142   1.00 62.46  ? 158 ASN A N   1 
ATOM   355  C CA  . ASN A 1 52  ? 6.456   18.299  6.738   1.00 62.23  ? 158 ASN A CA  1 
ATOM   356  C C   . ASN A 1 52  ? 7.715   17.913  5.986   1.00 60.70  ? 158 ASN A C   1 
ATOM   357  O O   . ASN A 1 52  ? 7.975   16.723  5.776   1.00 60.66  ? 158 ASN A O   1 
ATOM   358  C CB  . ASN A 1 52  ? 6.601   17.887  8.205   1.00 64.59  ? 158 ASN A CB  1 
ATOM   359  C CG  . ASN A 1 52  ? 5.324   18.094  8.994   1.00 66.64  ? 158 ASN A CG  1 
ATOM   360  O OD1 . ASN A 1 52  ? 4.861   19.225  9.156   1.00 67.96  ? 158 ASN A OD1 1 
ATOM   361  N ND2 . ASN A 1 52  ? 4.743   17.000  9.486   1.00 68.03  ? 158 ASN A ND2 1 
ATOM   362  N N   . PHE A 1 53  ? 8.495   18.907  5.574   1.00 58.27  ? 159 PHE A N   1 
ATOM   363  C CA  . PHE A 1 53  ? 9.730   18.617  4.860   1.00 55.98  ? 159 PHE A CA  1 
ATOM   364  C C   . PHE A 1 53  ? 10.882  18.531  5.839   1.00 54.96  ? 159 PHE A C   1 
ATOM   365  O O   . PHE A 1 53  ? 10.999  19.350  6.746   1.00 56.48  ? 159 PHE A O   1 
ATOM   366  C CB  . PHE A 1 53  ? 10.038  19.694  3.819   1.00 55.14  ? 159 PHE A CB  1 
ATOM   367  C CG  . PHE A 1 53  ? 11.309  19.441  3.046   1.00 56.31  ? 159 PHE A CG  1 
ATOM   368  C CD1 . PHE A 1 53  ? 11.423  18.327  2.212   1.00 56.03  ? 159 PHE A CD1 1 
ATOM   369  C CD2 . PHE A 1 53  ? 12.395  20.307  3.157   1.00 56.25  ? 159 PHE A CD2 1 
ATOM   370  C CE1 . PHE A 1 53  ? 12.596  18.080  1.501   1.00 54.49  ? 159 PHE A CE1 1 
ATOM   371  C CE2 . PHE A 1 53  ? 13.576  20.068  2.448   1.00 56.22  ? 159 PHE A CE2 1 
ATOM   372  C CZ  . PHE A 1 53  ? 13.672  18.951  1.619   1.00 56.27  ? 159 PHE A CZ  1 
ATOM   373  N N   . VAL A 1 54  ? 11.722  17.523  5.664   1.00 53.43  ? 160 VAL A N   1 
ATOM   374  C CA  . VAL A 1 54  ? 12.887  17.347  6.514   1.00 52.21  ? 160 VAL A CA  1 
ATOM   375  C C   . VAL A 1 54  ? 14.064  17.287  5.553   1.00 52.13  ? 160 VAL A C   1 
ATOM   376  O O   . VAL A 1 54  ? 14.284  16.280  4.879   1.00 53.31  ? 160 VAL A O   1 
ATOM   377  C CB  . VAL A 1 54  ? 12.808  16.035  7.334   1.00 52.22  ? 160 VAL A CB  1 
ATOM   378  C CG1 . VAL A 1 54  ? 14.047  15.883  8.202   1.00 51.36  ? 160 VAL A CG1 1 
ATOM   379  C CG2 . VAL A 1 54  ? 11.563  16.033  8.196   1.00 50.40  ? 160 VAL A CG2 1 
ATOM   380  N N   . HIS A 1 55  ? 14.802  18.385  5.480   1.00 51.56  ? 161 HIS A N   1 
ATOM   381  C CA  . HIS A 1 55  ? 15.953  18.493  4.590   1.00 50.89  ? 161 HIS A CA  1 
ATOM   382  C C   . HIS A 1 55  ? 17.118  17.625  5.080   1.00 49.14  ? 161 HIS A C   1 
ATOM   383  O O   . HIS A 1 55  ? 17.803  17.964  6.041   1.00 49.64  ? 161 HIS A O   1 
ATOM   384  C CB  . HIS A 1 55  ? 16.377  19.960  4.505   1.00 51.33  ? 161 HIS A CB  1 
ATOM   385  C CG  . HIS A 1 55  ? 17.336  20.254  3.398   1.00 53.75  ? 161 HIS A CG  1 
ATOM   386  N ND1 . HIS A 1 55  ? 18.002  21.457  3.293   1.00 53.98  ? 161 HIS A ND1 1 
ATOM   387  C CD2 . HIS A 1 55  ? 17.749  19.502  2.350   1.00 54.60  ? 161 HIS A CD2 1 
ATOM   388  C CE1 . HIS A 1 55  ? 18.786  21.433  2.230   1.00 52.98  ? 161 HIS A CE1 1 
ATOM   389  N NE2 . HIS A 1 55  ? 18.652  20.258  1.641   1.00 55.12  ? 161 HIS A NE2 1 
ATOM   390  N N   . GLY A 1 56  ? 17.346  16.497  4.423   1.00 47.21  ? 162 GLY A N   1 
ATOM   391  C CA  . GLY A 1 56  ? 18.432  15.646  4.860   1.00 45.97  ? 162 GLY A CA  1 
ATOM   392  C C   . GLY A 1 56  ? 18.695  14.500  3.918   1.00 46.25  ? 162 GLY A C   1 
ATOM   393  O O   . GLY A 1 56  ? 18.124  14.439  2.831   1.00 45.16  ? 162 GLY A O   1 
ATOM   394  N N   . ASP A 1 57  ? 19.567  13.589  4.342   1.00 47.20  ? 163 ASP A N   1 
ATOM   395  C CA  . ASP A 1 57  ? 19.923  12.420  3.540   1.00 48.02  ? 163 ASP A CA  1 
ATOM   396  C C   . ASP A 1 57  ? 19.340  11.127  4.142   1.00 47.61  ? 163 ASP A C   1 
ATOM   397  O O   . ASP A 1 57  ? 19.601  10.773  5.301   1.00 44.22  ? 163 ASP A O   1 
ATOM   398  C CB  . ASP A 1 57  ? 21.447  12.289  3.441   1.00 49.08  ? 163 ASP A CB  1 
ATOM   399  C CG  . ASP A 1 57  ? 21.878  11.184  2.492   1.00 51.85  ? 163 ASP A CG  1 
ATOM   400  O OD1 . ASP A 1 57  ? 21.226  10.115  2.469   1.00 51.99  ? 163 ASP A OD1 1 
ATOM   401  O OD2 . ASP A 1 57  ? 22.883  11.376  1.773   1.00 55.21  ? 163 ASP A OD2 1 
ATOM   402  N N   . PRO A 1 58  ? 18.521  10.418  3.357   1.00 47.80  ? 164 PRO A N   1 
ATOM   403  C CA  . PRO A 1 58  ? 17.918  9.172   3.833   1.00 48.32  ? 164 PRO A CA  1 
ATOM   404  C C   . PRO A 1 58  ? 18.878  8.002   4.073   1.00 47.70  ? 164 PRO A C   1 
ATOM   405  O O   . PRO A 1 58  ? 18.484  6.992   4.659   1.00 47.89  ? 164 PRO A O   1 
ATOM   406  C CB  . PRO A 1 58  ? 16.851  8.871   2.772   1.00 50.08  ? 164 PRO A CB  1 
ATOM   407  C CG  . PRO A 1 58  ? 17.295  9.675   1.556   1.00 49.16  ? 164 PRO A CG  1 
ATOM   408  C CD  . PRO A 1 58  ? 17.811  10.930  2.171   1.00 47.31  ? 164 PRO A CD  1 
ATOM   409  N N   . THR A 1 59  ? 20.129  8.117   3.632   1.00 47.36  ? 165 THR A N   1 
ATOM   410  C CA  . THR A 1 59  ? 21.087  7.033   3.874   1.00 47.10  ? 165 THR A CA  1 
ATOM   411  C C   . THR A 1 59  ? 21.833  7.312   5.170   1.00 48.22  ? 165 THR A C   1 
ATOM   412  O O   . THR A 1 59  ? 22.539  6.445   5.684   1.00 49.16  ? 165 THR A O   1 
ATOM   413  C CB  . THR A 1 59  ? 22.130  6.878   2.748   1.00 45.79  ? 165 THR A CB  1 
ATOM   414  O OG1 . THR A 1 59  ? 22.798  8.127   2.536   1.00 44.78  ? 165 THR A OG1 1 
ATOM   415  C CG2 . THR A 1 59  ? 21.470  6.402   1.458   1.00 43.75  ? 165 THR A CG2 1 
ATOM   416  N N   . ARG A 1 60  ? 21.662  8.529   5.688   1.00 49.12  ? 166 ARG A N   1 
ATOM   417  C CA  . ARG A 1 60  ? 22.291  8.952   6.931   1.00 49.71  ? 166 ARG A CA  1 
ATOM   418  C C   . ARG A 1 60  ? 21.350  8.676   8.084   1.00 49.76  ? 166 ARG A C   1 
ATOM   419  O O   . ARG A 1 60  ? 20.264  9.238   8.156   1.00 50.94  ? 166 ARG A O   1 
ATOM   420  C CB  . ARG A 1 60  ? 22.601  10.442  6.890   1.00 51.36  ? 166 ARG A CB  1 
ATOM   421  C CG  . ARG A 1 60  ? 23.630  10.836  5.855   1.00 57.12  ? 166 ARG A CG  1 
ATOM   422  C CD  . ARG A 1 60  ? 23.909  12.326  5.923   1.00 61.64  ? 166 ARG A CD  1 
ATOM   423  N NE  . ARG A 1 60  ? 24.007  12.785  7.309   1.00 66.68  ? 166 ARG A NE  1 
ATOM   424  C CZ  . ARG A 1 60  ? 24.820  12.259  8.225   1.00 69.40  ? 166 ARG A CZ  1 
ATOM   425  N NH1 . ARG A 1 60  ? 25.621  11.242  7.915   1.00 70.38  ? 166 ARG A NH1 1 
ATOM   426  N NH2 . ARG A 1 60  ? 24.833  12.754  9.457   1.00 70.79  ? 166 ARG A NH2 1 
ATOM   427  N N   . VAL A 1 61  ? 21.780  7.819   8.995   1.00 50.21  ? 167 VAL A N   1 
ATOM   428  C CA  . VAL A 1 61  ? 20.975  7.447   10.144  1.00 51.69  ? 167 VAL A CA  1 
ATOM   429  C C   . VAL A 1 61  ? 20.560  8.622   11.042  1.00 52.44  ? 167 VAL A C   1 
ATOM   430  O O   . VAL A 1 61  ? 19.497  8.590   11.661  1.00 52.88  ? 167 VAL A O   1 
ATOM   431  C CB  . VAL A 1 61  ? 21.720  6.383   10.982  1.00 51.20  ? 167 VAL A CB  1 
ATOM   432  C CG1 . VAL A 1 61  ? 23.117  6.876   11.280  1.00 53.16  ? 167 VAL A CG1 1 
ATOM   433  C CG2 . VAL A 1 61  ? 20.961  6.087   12.274  1.00 50.48  ? 167 VAL A CG2 1 
ATOM   434  N N   . SER A 1 62  ? 21.384  9.662   11.115  1.00 52.68  ? 168 SER A N   1 
ATOM   435  C CA  . SER A 1 62  ? 21.048  10.807  11.958  1.00 52.91  ? 168 SER A CA  1 
ATOM   436  C C   . SER A 1 62  ? 19.895  11.600  11.350  1.00 53.30  ? 168 SER A C   1 
ATOM   437  O O   . SER A 1 62  ? 19.086  12.191  12.071  1.00 54.02  ? 168 SER A O   1 
ATOM   438  C CB  . SER A 1 62  ? 22.262  11.717  12.131  1.00 51.78  ? 168 SER A CB  1 
ATOM   439  O OG  . SER A 1 62  ? 22.597  12.337  10.906  1.00 52.16  ? 168 SER A OG  1 
ATOM   440  N N   . ASP A 1 63  ? 19.829  11.622  10.022  1.00 52.69  ? 169 ASP A N   1 
ATOM   441  C CA  . ASP A 1 63  ? 18.762  12.331  9.330   1.00 51.99  ? 169 ASP A CA  1 
ATOM   442  C C   . ASP A 1 63  ? 17.465  11.528  9.419   1.00 51.16  ? 169 ASP A C   1 
ATOM   443  O O   . ASP A 1 63  ? 16.376  12.092  9.489   1.00 49.90  ? 169 ASP A O   1 
ATOM   444  C CB  . ASP A 1 63  ? 19.136  12.572  7.863   1.00 53.10  ? 169 ASP A CB  1 
ATOM   445  C CG  . ASP A 1 63  ? 20.209  13.642  7.699   1.00 53.99  ? 169 ASP A CG  1 
ATOM   446  O OD1 . ASP A 1 63  ? 20.087  14.713  8.331   1.00 54.84  ? 169 ASP A OD1 1 
ATOM   447  O OD2 . ASP A 1 63  ? 21.169  13.427  6.932   1.00 53.37  ? 169 ASP A OD2 1 
ATOM   448  N N   . LEU A 1 64  ? 17.583  10.205  9.416   1.00 50.39  ? 170 LEU A N   1 
ATOM   449  C CA  . LEU A 1 64  ? 16.407  9.357   9.521   1.00 50.38  ? 170 LEU A CA  1 
ATOM   450  C C   . LEU A 1 64  ? 15.784  9.627   10.880  1.00 51.72  ? 170 LEU A C   1 
ATOM   451  O O   . LEU A 1 64  ? 14.564  9.702   11.017  1.00 52.33  ? 170 LEU A O   1 
ATOM   452  C CB  . LEU A 1 64  ? 16.796  7.883   9.394   1.00 48.31  ? 170 LEU A CB  1 
ATOM   453  C CG  . LEU A 1 64  ? 17.415  7.475   8.051   1.00 47.92  ? 170 LEU A CG  1 
ATOM   454  C CD1 . LEU A 1 64  ? 17.943  6.051   8.139   1.00 48.07  ? 170 LEU A CD1 1 
ATOM   455  C CD2 . LEU A 1 64  ? 16.381  7.602   6.944   1.00 45.68  ? 170 LEU A CD2 1 
ATOM   456  N N   . GLU A 1 65  ? 16.636  9.792   11.885  1.00 53.85  ? 171 GLU A N   1 
ATOM   457  C CA  . GLU A 1 65  ? 16.172  10.071  13.235  1.00 54.40  ? 171 GLU A CA  1 
ATOM   458  C C   . GLU A 1 65  ? 15.436  11.408  13.275  1.00 54.48  ? 171 GLU A C   1 
ATOM   459  O O   . GLU A 1 65  ? 14.362  11.504  13.866  1.00 54.46  ? 171 GLU A O   1 
ATOM   460  C CB  . GLU A 1 65  ? 17.350  10.084  14.206  1.00 54.86  ? 171 GLU A CB  1 
ATOM   461  C CG  . GLU A 1 65  ? 18.050  8.745   14.297  1.00 60.07  ? 171 GLU A CG  1 
ATOM   462  C CD  . GLU A 1 65  ? 19.194  8.721   15.303  1.00 63.57  ? 171 GLU A CD  1 
ATOM   463  O OE1 . GLU A 1 65  ? 20.125  9.559   15.204  1.00 64.82  ? 171 GLU A OE1 1 
ATOM   464  O OE2 . GLU A 1 65  ? 19.166  7.844   16.194  1.00 64.85  ? 171 GLU A OE2 1 
ATOM   465  N N   . LYS A 1 66  ? 16.004  12.430  12.640  1.00 54.30  ? 172 LYS A N   1 
ATOM   466  C CA  . LYS A 1 66  ? 15.374  13.747  12.620  1.00 55.46  ? 172 LYS A CA  1 
ATOM   467  C C   . LYS A 1 66  ? 14.022  13.709  11.923  1.00 55.71  ? 172 LYS A C   1 
ATOM   468  O O   . LYS A 1 66  ? 13.227  14.635  12.062  1.00 55.91  ? 172 LYS A O   1 
ATOM   469  C CB  . LYS A 1 66  ? 16.228  14.774  11.881  1.00 57.31  ? 172 LYS A CB  1 
ATOM   470  C CG  . LYS A 1 66  ? 17.587  15.067  12.454  1.00 61.62  ? 172 LYS A CG  1 
ATOM   471  C CD  . LYS A 1 66  ? 18.223  16.235  11.693  1.00 65.22  ? 172 LYS A CD  1 
ATOM   472  C CE  . LYS A 1 66  ? 18.161  16.005  10.178  1.00 68.89  ? 172 LYS A CE  1 
ATOM   473  N NZ  . LYS A 1 66  ? 18.686  17.148  9.358   1.00 71.78  ? 172 LYS A NZ  1 
ATOM   474  N N   . ALA A 1 67  ? 13.769  12.659  11.149  1.00 55.79  ? 173 ALA A N   1 
ATOM   475  C CA  . ALA A 1 67  ? 12.506  12.547  10.432  1.00 55.83  ? 173 ALA A CA  1 
ATOM   476  C C   . ALA A 1 67  ? 11.487  11.709  11.215  1.00 56.26  ? 173 ALA A C   1 
ATOM   477  O O   . ALA A 1 67  ? 10.393  11.414  10.724  1.00 57.21  ? 173 ALA A O   1 
ATOM   478  C CB  . ALA A 1 67  ? 12.745  11.956  9.046   1.00 56.45  ? 173 ALA A CB  1 
ATOM   479  N N   . ASN A 1 68  ? 11.857  11.330  12.433  1.00 56.27  ? 174 ASN A N   1 
ATOM   480  C CA  . ASN A 1 68  ? 10.982  10.563  13.313  1.00 55.87  ? 174 ASN A CA  1 
ATOM   481  C C   . ASN A 1 68  ? 10.682  9.169   12.818  1.00 55.42  ? 174 ASN A C   1 
ATOM   482  O O   . ASN A 1 68  ? 9.549   8.707   12.888  1.00 55.83  ? 174 ASN A O   1 
ATOM   483  C CB  . ASN A 1 68  ? 9.676   11.319  13.518  1.00 55.32  ? 174 ASN A CB  1 
ATOM   484  C CG  . ASN A 1 68  ? 9.910   12.754  13.916  1.00 56.98  ? 174 ASN A CG  1 
ATOM   485  O OD1 . ASN A 1 68  ? 10.640  13.024  14.875  1.00 58.77  ? 174 ASN A OD1 1 
ATOM   486  N ND2 . ASN A 1 68  ? 9.301   13.691  13.182  1.00 54.66  ? 174 ASN A ND2 1 
ATOM   487  N N   . VAL A 1 69  ? 11.705  8.492   12.327  1.00 55.36  ? 175 VAL A N   1 
ATOM   488  C CA  . VAL A 1 69  ? 11.535  7.145   11.826  1.00 55.91  ? 175 VAL A CA  1 
ATOM   489  C C   . VAL A 1 69  ? 11.225  6.174   12.968  1.00 57.27  ? 175 VAL A C   1 
ATOM   490  O O   . VAL A 1 69  ? 10.562  5.152   12.772  1.00 57.62  ? 175 VAL A O   1 
ATOM   491  C CB  . VAL A 1 69  ? 12.797  6.725   11.070  1.00 55.06  ? 175 VAL A CB  1 
ATOM   492  C CG1 . VAL A 1 69  ? 12.741  5.259   10.685  1.00 56.19  ? 175 VAL A CG1 1 
ATOM   493  C CG2 . VAL A 1 69  ? 12.928  7.594   9.828   1.00 55.25  ? 175 VAL A CG2 1 
ATOM   494  N N   . ARG A 1 70  ? 11.683  6.508   14.170  1.00 58.46  ? 176 ARG A N   1 
ATOM   495  C CA  . ARG A 1 70  ? 11.445  5.651   15.326  1.00 58.72  ? 176 ARG A CA  1 
ATOM   496  C C   . ARG A 1 70  ? 9.966   5.626   15.704  1.00 58.75  ? 176 ARG A C   1 
ATOM   497  O O   . ARG A 1 70  ? 9.321   6.676   15.828  1.00 58.12  ? 176 ARG A O   1 
ATOM   498  C CB  . ARG A 1 70  ? 12.283  6.125   16.511  1.00 58.14  ? 176 ARG A CB  1 
ATOM   499  N N   . GLY A 1 71  ? 9.434   4.420   15.878  1.00 58.59  ? 177 GLY A N   1 
ATOM   500  C CA  . GLY A 1 71  ? 8.040   4.278   16.251  1.00 60.43  ? 177 GLY A CA  1 
ATOM   501  C C   . GLY A 1 71  ? 7.058   4.951   15.306  1.00 62.15  ? 177 GLY A C   1 
ATOM   502  O O   . GLY A 1 71  ? 5.997   5.437   15.720  1.00 63.46  ? 177 GLY A O   1 
ATOM   503  N N   . ALA A 1 72  ? 7.414   4.994   14.027  1.00 61.65  ? 178 ALA A N   1 
ATOM   504  C CA  . ALA A 1 72  ? 6.545   5.587   13.025  1.00 59.47  ? 178 ALA A CA  1 
ATOM   505  C C   . ALA A 1 72  ? 5.518   4.523   12.647  1.00 58.00  ? 178 ALA A C   1 
ATOM   506  O O   . ALA A 1 72  ? 5.742   3.323   12.853  1.00 57.67  ? 178 ALA A O   1 
ATOM   507  C CB  . ALA A 1 72  ? 7.357   6.000   11.801  1.00 58.95  ? 178 ALA A CB  1 
ATOM   508  N N   . ARG A 1 73  ? 4.389   4.959   12.108  1.00 55.46  ? 179 ARG A N   1 
ATOM   509  C CA  . ARG A 1 73  ? 3.354   4.025   11.700  1.00 53.27  ? 179 ARG A CA  1 
ATOM   510  C C   . ARG A 1 73  ? 3.908   3.148   10.584  1.00 52.61  ? 179 ARG A C   1 
ATOM   511  O O   . ARG A 1 73  ? 3.639   1.949   10.523  1.00 52.56  ? 179 ARG A O   1 
ATOM   512  C CB  . ARG A 1 73  ? 2.134   4.790   11.205  1.00 52.76  ? 179 ARG A CB  1 
ATOM   513  C CG  . ARG A 1 73  ? 0.985   3.904   10.825  1.00 52.06  ? 179 ARG A CG  1 
ATOM   514  C CD  . ARG A 1 73  ? -0.150  4.729   10.321  1.00 50.29  ? 179 ARG A CD  1 
ATOM   515  N NE  . ARG A 1 73  ? -1.284  3.905   9.936   1.00 50.18  ? 179 ARG A NE  1 
ATOM   516  C CZ  . ARG A 1 73  ? -2.390  4.402   9.403   1.00 50.57  ? 179 ARG A CZ  1 
ATOM   517  N NH1 . ARG A 1 73  ? -2.482  5.709   9.206   1.00 50.39  ? 179 ARG A NH1 1 
ATOM   518  N NH2 . ARG A 1 73  ? -3.394  3.605   9.064   1.00 48.62  ? 179 ARG A NH2 1 
ATOM   519  N N   . ALA A 1 74  ? 4.686   3.771   9.702   1.00 52.71  ? 180 ALA A N   1 
ATOM   520  C CA  . ALA A 1 74  ? 5.317   3.093   8.576   1.00 50.32  ? 180 ALA A CA  1 
ATOM   521  C C   . ALA A 1 74  ? 6.278   4.057   7.903   1.00 49.39  ? 180 ALA A C   1 
ATOM   522  O O   . ALA A 1 74  ? 6.092   5.271   7.942   1.00 48.96  ? 180 ALA A O   1 
ATOM   523  C CB  . ALA A 1 74  ? 4.267   2.634   7.579   1.00 49.41  ? 180 ALA A CB  1 
ATOM   524  N N   . VAL A 1 75  ? 7.323   3.508   7.297   1.00 48.82  ? 181 VAL A N   1 
ATOM   525  C CA  . VAL A 1 75  ? 8.308   4.312   6.586   1.00 45.54  ? 181 VAL A CA  1 
ATOM   526  C C   . VAL A 1 75  ? 8.306   3.836   5.140   1.00 43.53  ? 181 VAL A C   1 
ATOM   527  O O   . VAL A 1 75  ? 8.409   2.639   4.878   1.00 43.28  ? 181 VAL A O   1 
ATOM   528  C CB  . VAL A 1 75  ? 9.730   4.132   7.173   1.00 44.77  ? 181 VAL A CB  1 
ATOM   529  C CG1 . VAL A 1 75  ? 10.739  4.921   6.353   1.00 44.00  ? 181 VAL A CG1 1 
ATOM   530  C CG2 . VAL A 1 75  ? 9.758   4.600   8.605   1.00 43.31  ? 181 VAL A CG2 1 
ATOM   531  N N   . ILE A 1 76  ? 8.165   4.780   4.216   1.00 42.13  ? 182 ILE A N   1 
ATOM   532  C CA  . ILE A 1 76  ? 8.150   4.484   2.788   1.00 40.55  ? 182 ILE A CA  1 
ATOM   533  C C   . ILE A 1 76  ? 9.437   4.996   2.167   1.00 40.50  ? 182 ILE A C   1 
ATOM   534  O O   . ILE A 1 76  ? 9.816   6.159   2.349   1.00 39.57  ? 182 ILE A O   1 
ATOM   535  C CB  . ILE A 1 76  ? 6.935   5.141   2.104   1.00 41.72  ? 182 ILE A CB  1 
ATOM   536  C CG1 . ILE A 1 76  ? 5.662   4.384   2.502   1.00 41.70  ? 182 ILE A CG1 1 
ATOM   537  C CG2 . ILE A 1 76  ? 7.119   5.161   0.591   1.00 39.22  ? 182 ILE A CG2 1 
ATOM   538  C CD1 . ILE A 1 76  ? 4.389   5.173   2.308   1.00 40.27  ? 182 ILE A CD1 1 
ATOM   539  N N   . VAL A 1 77  ? 10.101  4.119   1.427   1.00 39.73  ? 183 VAL A N   1 
ATOM   540  C CA  . VAL A 1 77  ? 11.365  4.453   0.804   1.00 40.14  ? 183 VAL A CA  1 
ATOM   541  C C   . VAL A 1 77  ? 11.345  4.355   -0.721  1.00 41.85  ? 183 VAL A C   1 
ATOM   542  O O   . VAL A 1 77  ? 10.926  3.348   -1.285  1.00 40.62  ? 183 VAL A O   1 
ATOM   543  C CB  . VAL A 1 77  ? 12.486  3.514   1.352   1.00 39.88  ? 183 VAL A CB  1 
ATOM   544  C CG1 . VAL A 1 77  ? 13.854  3.930   0.831   1.00 37.66  ? 183 VAL A CG1 1 
ATOM   545  C CG2 . VAL A 1 77  ? 12.473  3.532   2.860   1.00 38.27  ? 183 VAL A CG2 1 
ATOM   546  N N   . ASP A 1 78  ? 11.787  5.416   -1.385  1.00 45.24  ? 184 ASP A N   1 
ATOM   547  C CA  . ASP A 1 78  ? 11.894  5.409   -2.836  1.00 49.23  ? 184 ASP A CA  1 
ATOM   548  C C   . ASP A 1 78  ? 12.986  6.355   -3.267  1.00 49.32  ? 184 ASP A C   1 
ATOM   549  O O   . ASP A 1 78  ? 12.721  7.510   -3.613  1.00 50.11  ? 184 ASP A O   1 
ATOM   550  C CB  . ASP A 1 78  ? 10.607  5.822   -3.538  1.00 54.42  ? 184 ASP A CB  1 
ATOM   551  C CG  . ASP A 1 78  ? 10.765  5.789   -5.058  1.00 59.78  ? 184 ASP A CG  1 
ATOM   552  O OD1 . ASP A 1 78  ? 11.717  5.105   -5.524  1.00 60.23  ? 184 ASP A OD1 1 
ATOM   553  O OD2 . ASP A 1 78  ? 9.959   6.426   -5.781  1.00 63.36  ? 184 ASP A OD2 1 
ATOM   554  N N   . LEU A 1 79  ? 14.215  5.854   -3.248  1.00 49.16  ? 185 LEU A N   1 
ATOM   555  C CA  . LEU A 1 79  ? 15.362  6.651   -3.622  1.00 48.90  ? 185 LEU A CA  1 
ATOM   556  C C   . LEU A 1 79  ? 15.760  6.527   -5.099  1.00 50.35  ? 185 LEU A C   1 
ATOM   557  O O   . LEU A 1 79  ? 15.222  5.699   -5.853  1.00 49.25  ? 185 LEU A O   1 
ATOM   558  C CB  . LEU A 1 79  ? 16.556  6.318   -2.709  1.00 48.89  ? 185 LEU A CB  1 
ATOM   559  C CG  . LEU A 1 79  ? 16.667  6.884   -1.273  1.00 48.35  ? 185 LEU A CG  1 
ATOM   560  C CD1 . LEU A 1 79  ? 15.713  8.051   -1.064  1.00 46.77  ? 185 LEU A CD1 1 
ATOM   561  C CD2 . LEU A 1 79  ? 16.383  5.803   -0.266  1.00 49.03  ? 185 LEU A CD2 1 
ATOM   562  N N   . GLU A 1 80  ? 16.712  7.379   -5.489  1.00 52.37  ? 186 GLU A N   1 
ATOM   563  C CA  . GLU A 1 80  ? 17.232  7.454   -6.852  1.00 52.33  ? 186 GLU A CA  1 
ATOM   564  C C   . GLU A 1 80  ? 18.037  6.227   -7.242  1.00 52.07  ? 186 GLU A C   1 
ATOM   565  O O   . GLU A 1 80  ? 18.693  6.223   -8.282  1.00 55.30  ? 186 GLU A O   1 
ATOM   566  C CB  . GLU A 1 80  ? 18.107  8.700   -6.996  1.00 49.95  ? 186 GLU A CB  1 
ATOM   567  N N   . SER A 1 81  ? 17.974  5.180   -6.430  1.00 49.97  ? 187 SER A N   1 
ATOM   568  C CA  . SER A 1 81  ? 18.760  3.992   -6.701  1.00 46.55  ? 187 SER A CA  1 
ATOM   569  C C   . SER A 1 81  ? 18.314  2.855   -5.775  1.00 45.79  ? 187 SER A C   1 
ATOM   570  O O   . SER A 1 81  ? 17.991  3.084   -4.605  1.00 46.23  ? 187 SER A O   1 
ATOM   571  C CB  . SER A 1 81  ? 20.241  4.337   -6.446  1.00 45.01  ? 187 SER A CB  1 
ATOM   572  O OG  . SER A 1 81  ? 21.137  3.425   -7.056  1.00 45.10  ? 187 SER A OG  1 
ATOM   573  N N   . ASP A 1 82  ? 18.282  1.631   -6.289  1.00 43.67  ? 188 ASP A N   1 
ATOM   574  C CA  . ASP A 1 82  ? 17.918  0.510   -5.443  1.00 41.55  ? 188 ASP A CA  1 
ATOM   575  C C   . ASP A 1 82  ? 19.014  0.377   -4.419  1.00 40.82  ? 188 ASP A C   1 
ATOM   576  O O   . ASP A 1 82  ? 18.772  -0.062  -3.293  1.00 41.32  ? 188 ASP A O   1 
ATOM   577  C CB  . ASP A 1 82  ? 17.825  -0.777  -6.246  1.00 42.14  ? 188 ASP A CB  1 
ATOM   578  C CG  . ASP A 1 82  ? 16.489  -0.934  -6.916  1.00 42.37  ? 188 ASP A CG  1 
ATOM   579  O OD1 . ASP A 1 82  ? 16.349  -1.867  -7.734  1.00 40.89  ? 188 ASP A OD1 1 
ATOM   580  O OD2 . ASP A 1 82  ? 15.580  -0.120  -6.614  1.00 43.62  ? 188 ASP A OD2 1 
ATOM   581  N N   . SER A 1 83  ? 20.229  0.755   -4.816  1.00 39.45  ? 189 SER A N   1 
ATOM   582  C CA  . SER A 1 83  ? 21.361  0.688   -3.902  1.00 37.93  ? 189 SER A CA  1 
ATOM   583  C C   . SER A 1 83  ? 21.091  1.614   -2.731  1.00 38.08  ? 189 SER A C   1 
ATOM   584  O O   . SER A 1 83  ? 21.215  1.211   -1.580  1.00 38.54  ? 189 SER A O   1 
ATOM   585  C CB  . SER A 1 83  ? 22.657  1.085   -4.606  1.00 35.58  ? 189 SER A CB  1 
ATOM   586  O OG  . SER A 1 83  ? 23.099  0.042   -5.453  1.00 34.01  ? 189 SER A OG  1 
ATOM   587  N N   . GLU A 1 84  ? 20.697  2.846   -3.024  1.00 38.72  ? 190 GLU A N   1 
ATOM   588  C CA  . GLU A 1 84  ? 20.396  3.807   -1.970  1.00 41.46  ? 190 GLU A CA  1 
ATOM   589  C C   . GLU A 1 84  ? 19.200  3.412   -1.110  1.00 40.52  ? 190 GLU A C   1 
ATOM   590  O O   . GLU A 1 84  ? 19.149  3.733   0.078   1.00 39.70  ? 190 GLU A O   1 
ATOM   591  C CB  . GLU A 1 84  ? 20.152  5.184   -2.575  1.00 46.56  ? 190 GLU A CB  1 
ATOM   592  C CG  . GLU A 1 84  ? 21.438  5.883   -2.993  1.00 53.23  ? 190 GLU A CG  1 
ATOM   593  C CD  . GLU A 1 84  ? 21.190  7.072   -3.894  1.00 56.30  ? 190 GLU A CD  1 
ATOM   594  O OE1 . GLU A 1 84  ? 20.358  7.935   -3.524  1.00 57.75  ? 190 GLU A OE1 1 
ATOM   595  O OE2 . GLU A 1 84  ? 21.832  7.137   -4.966  1.00 58.87  ? 190 GLU A OE2 1 
ATOM   596  N N   . THR A 1 85  ? 18.229  2.731   -1.710  1.00 39.76  ? 191 THR A N   1 
ATOM   597  C CA  . THR A 1 85  ? 17.051  2.288   -0.972  1.00 37.27  ? 191 THR A CA  1 
ATOM   598  C C   . THR A 1 85  ? 17.500  1.198   0.023   1.00 36.95  ? 191 THR A C   1 
ATOM   599  O O   . THR A 1 85  ? 17.097  1.193   1.197   1.00 36.44  ? 191 THR A O   1 
ATOM   600  C CB  . THR A 1 85  ? 15.968  1.756   -1.950  1.00 36.22  ? 191 THR A CB  1 
ATOM   601  O OG1 . THR A 1 85  ? 15.565  2.812   -2.828  1.00 34.71  ? 191 THR A OG1 1 
ATOM   602  C CG2 . THR A 1 85  ? 14.740  1.280   -1.208  1.00 36.00  ? 191 THR A CG2 1 
ATOM   603  N N   . ILE A 1 86  ? 18.358  0.295   -0.436  1.00 34.56  ? 192 ILE A N   1 
ATOM   604  C CA  . ILE A 1 86  ? 18.863  -0.760  0.434   1.00 34.63  ? 192 ILE A CA  1 
ATOM   605  C C   . ILE A 1 86  ? 19.652  -0.128  1.593   1.00 36.63  ? 192 ILE A C   1 
ATOM   606  O O   . ILE A 1 86  ? 19.545  -0.557  2.747   1.00 35.31  ? 192 ILE A O   1 
ATOM   607  C CB  . ILE A 1 86  ? 19.772  -1.722  -0.366  1.00 32.16  ? 192 ILE A CB  1 
ATOM   608  C CG1 . ILE A 1 86  ? 18.932  -2.446  -1.414  1.00 30.48  ? 192 ILE A CG1 1 
ATOM   609  C CG2 . ILE A 1 86  ? 20.469  -2.704  0.560   1.00 29.02  ? 192 ILE A CG2 1 
ATOM   610  C CD1 . ILE A 1 86  ? 19.731  -3.181  -2.458  1.00 31.54  ? 192 ILE A CD1 1 
ATOM   611  N N   . HIS A 1 87  ? 20.431  0.903   1.262   1.00 38.32  ? 193 HIS A N   1 
ATOM   612  C CA  . HIS A 1 87  ? 21.252  1.627   2.228   1.00 40.30  ? 193 HIS A CA  1 
ATOM   613  C C   . HIS A 1 87  ? 20.368  2.326   3.255   1.00 40.86  ? 193 HIS A C   1 
ATOM   614  O O   . HIS A 1 87  ? 20.593  2.249   4.461   1.00 42.01  ? 193 HIS A O   1 
ATOM   615  C CB  . HIS A 1 87  ? 22.117  2.656   1.497   1.00 41.46  ? 193 HIS A CB  1 
ATOM   616  C CG  . HIS A 1 87  ? 23.232  3.211   2.329   1.00 44.48  ? 193 HIS A CG  1 
ATOM   617  N ND1 . HIS A 1 87  ? 23.554  2.712   3.574   1.00 45.84  ? 193 HIS A ND1 1 
ATOM   618  C CD2 . HIS A 1 87  ? 24.113  4.211   2.087   1.00 44.55  ? 193 HIS A CD2 1 
ATOM   619  C CE1 . HIS A 1 87  ? 24.581  3.384   4.064   1.00 45.48  ? 193 HIS A CE1 1 
ATOM   620  N NE2 . HIS A 1 87  ? 24.939  4.300   3.181   1.00 44.60  ? 193 HIS A NE2 1 
ATOM   621  N N   . CYS A 1 88  ? 19.356  3.023   2.764   1.00 42.39  ? 194 CYS A N   1 
ATOM   622  C CA  . CYS A 1 88  ? 18.421  3.716   3.633   1.00 41.76  ? 194 CYS A CA  1 
ATOM   623  C C   . CYS A 1 88  ? 17.784  2.731   4.613   1.00 42.82  ? 194 CYS A C   1 
ATOM   624  O O   . CYS A 1 88  ? 17.805  2.954   5.825   1.00 43.12  ? 194 CYS A O   1 
ATOM   625  C CB  . CYS A 1 88  ? 17.320  4.366   2.800   1.00 39.91  ? 194 CYS A CB  1 
ATOM   626  S SG  . CYS A 1 88  ? 15.919  4.877   3.801   1.00 38.15  ? 194 CYS A SG  1 
ATOM   627  N N   . ILE A 1 89  ? 17.220  1.647   4.074   1.00 41.87  ? 195 ILE A N   1 
ATOM   628  C CA  . ILE A 1 89  ? 16.553  0.626   4.877   1.00 42.04  ? 195 ILE A CA  1 
ATOM   629  C C   . ILE A 1 89  ? 17.444  0.110   6.004   1.00 41.66  ? 195 ILE A C   1 
ATOM   630  O O   . ILE A 1 89  ? 17.019  0.062   7.160   1.00 41.37  ? 195 ILE A O   1 
ATOM   631  C CB  . ILE A 1 89  ? 16.069  -0.548  3.978   1.00 43.07  ? 195 ILE A CB  1 
ATOM   632  C CG1 . ILE A 1 89  ? 15.012  -0.023  2.990   1.00 43.26  ? 195 ILE A CG1 1 
ATOM   633  C CG2 . ILE A 1 89  ? 15.494  -1.676  4.829   1.00 40.82  ? 195 ILE A CG2 1 
ATOM   634  C CD1 . ILE A 1 89  ? 14.598  -0.997  1.892   1.00 39.85  ? 195 ILE A CD1 1 
ATOM   635  N N   . LEU A 1 90  ? 18.675  -0.267  5.665   1.00 41.52  ? 196 LEU A N   1 
ATOM   636  C CA  . LEU A 1 90  ? 19.641  -0.748  6.655   1.00 39.64  ? 196 LEU A CA  1 
ATOM   637  C C   . LEU A 1 90  ? 19.709  0.260   7.789   1.00 40.68  ? 196 LEU A C   1 
ATOM   638  O O   . LEU A 1 90  ? 19.660  -0.095  8.963   1.00 41.56  ? 196 LEU A O   1 
ATOM   639  C CB  . LEU A 1 90  ? 21.023  -0.874  6.027   1.00 36.34  ? 196 LEU A CB  1 
ATOM   640  C CG  . LEU A 1 90  ? 21.160  -1.980  4.986   1.00 35.18  ? 196 LEU A CG  1 
ATOM   641  C CD1 . LEU A 1 90  ? 22.517  -1.886  4.334   1.00 33.40  ? 196 LEU A CD1 1 
ATOM   642  C CD2 . LEU A 1 90  ? 20.965  -3.346  5.649   1.00 31.31  ? 196 LEU A CD2 1 
ATOM   643  N N   . GLY A 1 91  ? 19.823  1.525   7.415   1.00 41.30  ? 197 GLY A N   1 
ATOM   644  C CA  . GLY A 1 91  ? 19.880  2.574   8.404   1.00 43.93  ? 197 GLY A CA  1 
ATOM   645  C C   . GLY A 1 91  ? 18.622  2.573   9.234   1.00 46.25  ? 197 GLY A C   1 
ATOM   646  O O   . GLY A 1 91  ? 18.691  2.728   10.449  1.00 48.74  ? 197 GLY A O   1 
ATOM   647  N N   . ILE A 1 92  ? 17.467  2.392   8.597   1.00 47.02  ? 198 ILE A N   1 
ATOM   648  C CA  . ILE A 1 92  ? 16.214  2.378   9.342   1.00 47.89  ? 198 ILE A CA  1 
ATOM   649  C C   . ILE A 1 92  ? 16.177  1.269   10.395  1.00 48.87  ? 198 ILE A C   1 
ATOM   650  O O   . ILE A 1 92  ? 15.880  1.542   11.567  1.00 49.14  ? 198 ILE A O   1 
ATOM   651  C CB  . ILE A 1 92  ? 14.992  2.209   8.423   1.00 47.99  ? 198 ILE A CB  1 
ATOM   652  C CG1 . ILE A 1 92  ? 14.859  3.421   7.501   1.00 48.50  ? 198 ILE A CG1 1 
ATOM   653  C CG2 . ILE A 1 92  ? 13.723  2.105   9.262   1.00 48.96  ? 198 ILE A CG2 1 
ATOM   654  C CD1 . ILE A 1 92  ? 13.754  3.276   6.489   1.00 45.38  ? 198 ILE A CD1 1 
ATOM   655  N N   . ARG A 1 93  ? 16.471  0.032   9.987   1.00 48.26  ? 199 ARG A N   1 
ATOM   656  C CA  . ARG A 1 93  ? 16.457  -1.093  10.919  1.00 48.26  ? 199 ARG A CA  1 
ATOM   657  C C   . ARG A 1 93  ? 17.364  -0.806  12.113  1.00 49.30  ? 199 ARG A C   1 
ATOM   658  O O   . ARG A 1 93  ? 17.109  -1.272  13.218  1.00 49.37  ? 199 ARG A O   1 
ATOM   659  C CB  . ARG A 1 93  ? 16.911  -2.385  10.228  1.00 48.01  ? 199 ARG A CB  1 
ATOM   660  C CG  . ARG A 1 93  ? 16.006  -2.895  9.094   1.00 49.29  ? 199 ARG A CG  1 
ATOM   661  C CD  . ARG A 1 93  ? 14.749  -3.666  9.559   1.00 48.61  ? 199 ARG A CD  1 
ATOM   662  N NE  . ARG A 1 93  ? 13.739  -2.824  10.203  1.00 48.26  ? 199 ARG A NE  1 
ATOM   663  C CZ  . ARG A 1 93  ? 12.433  -2.873  9.936   1.00 46.84  ? 199 ARG A CZ  1 
ATOM   664  N NH1 . ARG A 1 93  ? 11.944  -3.713  9.033   1.00 43.52  ? 199 ARG A NH1 1 
ATOM   665  N NH2 . ARG A 1 93  ? 11.605  -2.073  10.578  1.00 46.43  ? 199 ARG A NH2 1 
ATOM   666  N N   . LYS A 1 94  ? 18.424  -0.034  11.891  1.00 50.84  ? 200 LYS A N   1 
ATOM   667  C CA  . LYS A 1 94  ? 19.347  0.303   12.973  1.00 52.14  ? 200 LYS A CA  1 
ATOM   668  C C   . LYS A 1 94  ? 18.662  1.160   14.017  1.00 53.25  ? 200 LYS A C   1 
ATOM   669  O O   . LYS A 1 94  ? 18.989  1.089   15.196  1.00 54.67  ? 200 LYS A O   1 
ATOM   670  C CB  . LYS A 1 94  ? 20.564  1.068   12.450  1.00 51.40  ? 200 LYS A CB  1 
ATOM   671  C CG  . LYS A 1 94  ? 21.631  0.217   11.790  1.00 50.88  ? 200 LYS A CG  1 
ATOM   672  C CD  . LYS A 1 94  ? 22.829  1.092   11.469  1.00 52.50  ? 200 LYS A CD  1 
ATOM   673  C CE  . LYS A 1 94  ? 23.982  0.303   10.886  1.00 53.04  ? 200 LYS A CE  1 
ATOM   674  N NZ  . LYS A 1 94  ? 25.179  1.185   10.736  1.00 54.10  ? 200 LYS A NZ  1 
ATOM   675  N N   . ILE A 1 95  ? 17.711  1.973   13.577  1.00 54.35  ? 201 ILE A N   1 
ATOM   676  C CA  . ILE A 1 95  ? 16.981  2.862   14.474  1.00 54.18  ? 201 ILE A CA  1 
ATOM   677  C C   . ILE A 1 95  ? 15.757  2.187   15.092  1.00 54.59  ? 201 ILE A C   1 
ATOM   678  O O   . ILE A 1 95  ? 15.493  2.358   16.279  1.00 56.17  ? 201 ILE A O   1 
ATOM   679  C CB  . ILE A 1 95  ? 16.528  4.150   13.723  1.00 54.04  ? 201 ILE A CB  1 
ATOM   680  C CG1 . ILE A 1 95  ? 17.751  4.859   13.129  1.00 51.34  ? 201 ILE A CG1 1 
ATOM   681  C CG2 . ILE A 1 95  ? 15.758  5.075   14.665  1.00 52.18  ? 201 ILE A CG2 1 
ATOM   682  C CD1 . ILE A 1 95  ? 17.419  6.077   12.328  1.00 51.24  ? 201 ILE A CD1 1 
ATOM   683  N N   . ASP A 1 96  ? 15.016  1.426   14.293  1.00 54.08  ? 202 ASP A N   1 
ATOM   684  C CA  . ASP A 1 96  ? 13.817  0.730   14.769  1.00 54.45  ? 202 ASP A CA  1 
ATOM   685  C C   . ASP A 1 96  ? 13.665  -0.572  13.983  1.00 55.89  ? 202 ASP A C   1 
ATOM   686  O O   . ASP A 1 96  ? 13.354  -0.559  12.787  1.00 56.45  ? 202 ASP A O   1 
ATOM   687  C CB  . ASP A 1 96  ? 12.585  1.618   14.558  1.00 53.21  ? 202 ASP A CB  1 
ATOM   688  C CG  . ASP A 1 96  ? 11.288  0.933   14.966  1.00 53.90  ? 202 ASP A CG  1 
ATOM   689  O OD1 . ASP A 1 96  ? 11.179  -0.298  14.759  1.00 52.32  ? 202 ASP A OD1 1 
ATOM   690  O OD2 . ASP A 1 96  ? 10.371  1.629   15.477  1.00 52.97  ? 202 ASP A OD2 1 
ATOM   691  N N   . GLU A 1 97  ? 13.864  -1.703  14.649  1.00 57.29  ? 203 GLU A N   1 
ATOM   692  C CA  . GLU A 1 97  ? 13.781  -2.980  13.950  1.00 59.13  ? 203 GLU A CA  1 
ATOM   693  C C   . GLU A 1 97  ? 12.397  -3.594  13.805  1.00 56.87  ? 203 GLU A C   1 
ATOM   694  O O   . GLU A 1 97  ? 12.265  -4.726  13.346  1.00 56.76  ? 203 GLU A O   1 
ATOM   695  C CB  . GLU A 1 97  ? 14.735  -3.986  14.595  1.00 62.45  ? 203 GLU A CB  1 
ATOM   696  C CG  . GLU A 1 97  ? 14.677  -4.007  16.101  1.00 69.14  ? 203 GLU A CG  1 
ATOM   697  C CD  . GLU A 1 97  ? 15.792  -4.845  16.701  1.00 74.13  ? 203 GLU A CD  1 
ATOM   698  O OE1 . GLU A 1 97  ? 16.979  -4.539  16.419  1.00 76.36  ? 203 GLU A OE1 1 
ATOM   699  O OE2 . GLU A 1 97  ? 15.481  -5.803  17.450  1.00 75.72  ? 203 GLU A OE2 1 
ATOM   700  N N   . SER A 1 98  ? 11.367  -2.841  14.167  1.00 54.78  ? 204 SER A N   1 
ATOM   701  C CA  . SER A 1 98  ? 10.004  -3.342  14.060  1.00 53.09  ? 204 SER A CA  1 
ATOM   702  C C   . SER A 1 98  ? 9.120   -2.508  13.132  1.00 50.49  ? 204 SER A C   1 
ATOM   703  O O   . SER A 1 98  ? 8.151   -3.023  12.574  1.00 50.46  ? 204 SER A O   1 
ATOM   704  C CB  . SER A 1 98  ? 9.362   -3.398  15.445  1.00 55.03  ? 204 SER A CB  1 
ATOM   705  O OG  . SER A 1 98  ? 9.328   -2.105  16.031  1.00 58.76  ? 204 SER A OG  1 
ATOM   706  N N   . VAL A 1 99  ? 9.452   -1.228  12.972  1.00 47.44  ? 205 VAL A N   1 
ATOM   707  C CA  . VAL A 1 99  ? 8.677   -0.322  12.119  1.00 45.64  ? 205 VAL A CA  1 
ATOM   708  C C   . VAL A 1 99  ? 8.432   -0.877  10.703  1.00 45.37  ? 205 VAL A C   1 
ATOM   709  O O   . VAL A 1 99  ? 9.342   -1.413  10.059  1.00 45.96  ? 205 VAL A O   1 
ATOM   710  C CB  . VAL A 1 99  ? 9.362   1.061   12.037  1.00 43.77  ? 205 VAL A CB  1 
ATOM   711  C CG1 . VAL A 1 99  ? 10.732  0.931   11.399  1.00 43.04  ? 205 VAL A CG1 1 
ATOM   712  C CG2 . VAL A 1 99  ? 8.474   2.037   11.290  1.00 43.20  ? 205 VAL A CG2 1 
ATOM   713  N N   . ARG A 1 100 ? 7.194   -0.761  10.227  1.00 44.68  ? 206 ARG A N   1 
ATOM   714  C CA  . ARG A 1 100 ? 6.835   -1.282  8.905   1.00 43.09  ? 206 ARG A CA  1 
ATOM   715  C C   . ARG A 1 100 ? 7.538   -0.496  7.799   1.00 41.86  ? 206 ARG A C   1 
ATOM   716  O O   . ARG A 1 100 ? 7.484   0.742   7.764   1.00 40.95  ? 206 ARG A O   1 
ATOM   717  C CB  . ARG A 1 100 ? 5.308   -1.240  8.702   1.00 42.90  ? 206 ARG A CB  1 
ATOM   718  C CG  . ARG A 1 100 ? 4.814   -2.094  7.529   1.00 43.91  ? 206 ARG A CG  1 
ATOM   719  C CD  . ARG A 1 100 ? 3.278   -2.293  7.501   1.00 43.65  ? 206 ARG A CD  1 
ATOM   720  N NE  . ARG A 1 100 ? 2.957   -3.542  6.809   1.00 44.35  ? 206 ARG A NE  1 
ATOM   721  C CZ  . ARG A 1 100 ? 3.021   -3.708  5.493   1.00 46.30  ? 206 ARG A CZ  1 
ATOM   722  N NH1 . ARG A 1 100 ? 3.375   -2.692  4.727   1.00 51.88  ? 206 ARG A NH1 1 
ATOM   723  N NH2 . ARG A 1 100 ? 2.788   -4.895  4.936   1.00 46.13  ? 206 ARG A NH2 1 
ATOM   724  N N   . ILE A 1 101 ? 8.203   -1.217  6.900   1.00 38.56  ? 207 ILE A N   1 
ATOM   725  C CA  . ILE A 1 101 ? 8.911   -0.567  5.812   1.00 37.76  ? 207 ILE A CA  1 
ATOM   726  C C   . ILE A 1 101 ? 8.384   -0.982  4.438   1.00 36.51  ? 207 ILE A C   1 
ATOM   727  O O   . ILE A 1 101 ? 8.268   -2.171  4.131   1.00 35.80  ? 207 ILE A O   1 
ATOM   728  C CB  . ILE A 1 101 ? 10.442  -0.848  5.908   1.00 38.64  ? 207 ILE A CB  1 
ATOM   729  C CG1 . ILE A 1 101 ? 11.004  -0.194  7.176   1.00 38.28  ? 207 ILE A CG1 1 
ATOM   730  C CG2 . ILE A 1 101 ? 11.162  -0.298  4.685   1.00 37.63  ? 207 ILE A CG2 1 
ATOM   731  C CD1 . ILE A 1 101 ? 12.419  -0.622  7.538   1.00 40.82  ? 207 ILE A CD1 1 
ATOM   732  N N   . ILE A 1 102 ? 8.052   0.013   3.624   1.00 34.21  ? 208 ILE A N   1 
ATOM   733  C CA  . ILE A 1 102 ? 7.558   -0.227  2.271   1.00 35.01  ? 208 ILE A CA  1 
ATOM   734  C C   . ILE A 1 102 ? 8.553   0.434   1.326   1.00 36.47  ? 208 ILE A C   1 
ATOM   735  O O   . ILE A 1 102 ? 8.881   1.621   1.476   1.00 35.94  ? 208 ILE A O   1 
ATOM   736  C CB  . ILE A 1 102 ? 6.148   0.386   2.042   1.00 34.17  ? 208 ILE A CB  1 
ATOM   737  C CG1 . ILE A 1 102 ? 5.123   -0.259  2.988   1.00 33.78  ? 208 ILE A CG1 1 
ATOM   738  C CG2 . ILE A 1 102 ? 5.713   0.169   0.615   1.00 31.32  ? 208 ILE A CG2 1 
ATOM   739  C CD1 . ILE A 1 102 ? 5.110   0.316   4.396   1.00 30.36  ? 208 ILE A CD1 1 
ATOM   740  N N   . ALA A 1 103 ? 9.044   -0.332  0.356   1.00 36.92  ? 209 ALA A N   1 
ATOM   741  C CA  . ALA A 1 103 ? 10.033  0.195   -0.570  1.00 37.43  ? 209 ALA A CA  1 
ATOM   742  C C   . ALA A 1 103 ? 9.691   -0.031  -2.026  1.00 37.85  ? 209 ALA A C   1 
ATOM   743  O O   . ALA A 1 103 ? 8.868   -0.885  -2.360  1.00 38.56  ? 209 ALA A O   1 
ATOM   744  C CB  . ALA A 1 103 ? 11.397  -0.420  -0.270  1.00 36.56  ? 209 ALA A CB  1 
ATOM   745  N N   . GLU A 1 104 ? 10.339  0.746   -2.889  1.00 37.58  ? 210 GLU A N   1 
ATOM   746  C CA  . GLU A 1 104 ? 10.148  0.609   -4.313  1.00 38.54  ? 210 GLU A CA  1 
ATOM   747  C C   . GLU A 1 104 ? 11.413  0.051   -4.935  1.00 39.35  ? 210 GLU A C   1 
ATOM   748  O O   . GLU A 1 104 ? 12.503  0.592   -4.755  1.00 40.37  ? 210 GLU A O   1 
ATOM   749  C CB  . GLU A 1 104 ? 9.830   1.945   -4.968  1.00 39.32  ? 210 GLU A CB  1 
ATOM   750  C CG  . GLU A 1 104 ? 9.646   1.791   -6.466  1.00 42.45  ? 210 GLU A CG  1 
ATOM   751  C CD  . GLU A 1 104 ? 9.302   3.084   -7.145  1.00 43.54  ? 210 GLU A CD  1 
ATOM   752  O OE1 . GLU A 1 104 ? 8.201   3.608   -6.900  1.00 44.47  ? 210 GLU A OE1 1 
ATOM   753  O OE2 . GLU A 1 104 ? 10.140  3.581   -7.923  1.00 47.35  ? 210 GLU A OE2 1 
ATOM   754  N N   . ALA A 1 105 ? 11.266  -1.041  -5.669  1.00 40.09  ? 211 ALA A N   1 
ATOM   755  C CA  . ALA A 1 105 ? 12.399  -1.659  -6.327  1.00 41.03  ? 211 ALA A CA  1 
ATOM   756  C C   . ALA A 1 105 ? 12.336  -1.269  -7.791  1.00 41.58  ? 211 ALA A C   1 
ATOM   757  O O   . ALA A 1 105 ? 11.264  -1.249  -8.385  1.00 42.00  ? 211 ALA A O   1 
ATOM   758  C CB  . ALA A 1 105 ? 12.330  -3.171  -6.185  1.00 40.45  ? 211 ALA A CB  1 
ATOM   759  N N   . GLU A 1 106 ? 13.483  -0.940  -8.367  1.00 43.50  ? 212 GLU A N   1 
ATOM   760  C CA  . GLU A 1 106 ? 13.524  -0.573  -9.764  1.00 46.65  ? 212 GLU A CA  1 
ATOM   761  C C   . GLU A 1 106 ? 13.860  -1.799  -10.587 1.00 48.67  ? 212 GLU A C   1 
ATOM   762  O O   . GLU A 1 106 ? 13.342  -1.984  -11.684 1.00 50.18  ? 212 GLU A O   1 
ATOM   763  C CB  . GLU A 1 106 ? 14.566  0.502   -10.019 1.00 46.33  ? 212 GLU A CB  1 
ATOM   764  C CG  . GLU A 1 106 ? 14.801  0.700   -11.497 1.00 51.62  ? 212 GLU A CG  1 
ATOM   765  C CD  . GLU A 1 106 ? 15.866  1.727   -11.805 1.00 55.99  ? 212 GLU A CD  1 
ATOM   766  O OE1 . GLU A 1 106 ? 16.144  1.943   -13.005 1.00 56.92  ? 212 GLU A OE1 1 
ATOM   767  O OE2 . GLU A 1 106 ? 16.424  2.321   -10.855 1.00 60.03  ? 212 GLU A OE2 1 
ATOM   768  N N   . ARG A 1 107 ? 14.736  -2.638  -10.050 1.00 51.12  ? 213 ARG A N   1 
ATOM   769  C CA  . ARG A 1 107 ? 15.145  -3.847  -10.737 1.00 53.56  ? 213 ARG A CA  1 
ATOM   770  C C   . ARG A 1 107 ? 14.601  -5.043  -9.974  1.00 54.42  ? 213 ARG A C   1 
ATOM   771  O O   . ARG A 1 107 ? 14.667  -5.088  -8.747  1.00 54.48  ? 213 ARG A O   1 
ATOM   772  C CB  . ARG A 1 107 ? 16.669  -3.908  -10.814 1.00 56.04  ? 213 ARG A CB  1 
ATOM   773  C CG  . ARG A 1 107 ? 17.288  -2.631  -11.335 1.00 60.18  ? 213 ARG A CG  1 
ATOM   774  C CD  . ARG A 1 107 ? 18.785  -2.768  -11.570 1.00 66.40  ? 213 ARG A CD  1 
ATOM   775  N NE  . ARG A 1 107 ? 19.414  -1.463  -11.785 1.00 72.91  ? 213 ARG A NE  1 
ATOM   776  C CZ  . ARG A 1 107 ? 20.704  -1.284  -12.070 1.00 76.09  ? 213 ARG A CZ  1 
ATOM   777  N NH1 . ARG A 1 107 ? 21.514  -2.333  -12.180 1.00 77.48  ? 213 ARG A NH1 1 
ATOM   778  N NH2 . ARG A 1 107 ? 21.187  -0.054  -12.236 1.00 77.53  ? 213 ARG A NH2 1 
ATOM   779  N N   . TYR A 1 108 ? 14.055  -6.004  -10.713 1.00 55.90  ? 214 TYR A N   1 
ATOM   780  C CA  . TYR A 1 108 ? 13.471  -7.206  -10.134 1.00 56.40  ? 214 TYR A CA  1 
ATOM   781  C C   . TYR A 1 108 ? 14.458  -7.954  -9.238  1.00 57.27  ? 214 TYR A C   1 
ATOM   782  O O   . TYR A 1 108 ? 14.104  -8.386  -8.133  1.00 56.87  ? 214 TYR A O   1 
ATOM   783  C CB  . TYR A 1 108 ? 12.990  -8.138  -11.252 1.00 56.13  ? 214 TYR A CB  1 
ATOM   784  C CG  . TYR A 1 108 ? 12.065  -9.239  -10.776 1.00 58.70  ? 214 TYR A CG  1 
ATOM   785  C CD1 . TYR A 1 108 ? 10.740  -8.966  -10.434 1.00 58.80  ? 214 TYR A CD1 1 
ATOM   786  C CD2 . TYR A 1 108 ? 12.518  -10.558 -10.661 1.00 59.82  ? 214 TYR A CD2 1 
ATOM   787  C CE1 . TYR A 1 108 ? 9.890   -9.975  -9.994  1.00 60.25  ? 214 TYR A CE1 1 
ATOM   788  C CE2 . TYR A 1 108 ? 11.678  -11.577 -10.218 1.00 59.26  ? 214 TYR A CE2 1 
ATOM   789  C CZ  . TYR A 1 108 ? 10.365  -11.281 -9.887  1.00 61.19  ? 214 TYR A CZ  1 
ATOM   790  O OH  . TYR A 1 108 ? 9.525   -12.289 -9.450  1.00 62.10  ? 214 TYR A OH  1 
ATOM   791  N N   . GLU A 1 109 ? 15.696  -8.093  -9.718  1.00 57.42  ? 215 GLU A N   1 
ATOM   792  C CA  . GLU A 1 109 ? 16.742  -8.807  -8.987  1.00 57.80  ? 215 GLU A CA  1 
ATOM   793  C C   . GLU A 1 109 ? 17.059  -8.225  -7.611  1.00 55.32  ? 215 GLU A C   1 
ATOM   794  O O   . GLU A 1 109 ? 17.767  -8.846  -6.826  1.00 54.96  ? 215 GLU A O   1 
ATOM   795  C CB  . GLU A 1 109 ? 18.039  -8.853  -9.801  1.00 60.71  ? 215 GLU A CB  1 
ATOM   796  C CG  . GLU A 1 109 ? 17.862  -9.171  -11.271 1.00 67.71  ? 215 GLU A CG  1 
ATOM   797  C CD  . GLU A 1 109 ? 17.525  -7.936  -12.098 1.00 73.52  ? 215 GLU A CD  1 
ATOM   798  O OE1 . GLU A 1 109 ? 16.335  -7.756  -12.478 1.00 73.02  ? 215 GLU A OE1 1 
ATOM   799  O OE2 . GLU A 1 109 ? 18.466  -7.142  -12.357 1.00 75.56  ? 215 GLU A OE2 1 
ATOM   800  N N   . ASN A 1 110 ? 16.545  -7.036  -7.317  1.00 53.36  ? 216 ASN A N   1 
ATOM   801  C CA  . ASN A 1 110 ? 16.819  -6.420  -6.029  1.00 51.12  ? 216 ASN A CA  1 
ATOM   802  C C   . ASN A 1 110 ? 15.715  -6.614  -5.008  1.00 50.74  ? 216 ASN A C   1 
ATOM   803  O O   . ASN A 1 110 ? 15.910  -6.320  -3.836  1.00 51.84  ? 216 ASN A O   1 
ATOM   804  C CB  . ASN A 1 110 ? 17.097  -4.919  -6.184  1.00 49.67  ? 216 ASN A CB  1 
ATOM   805  C CG  . ASN A 1 110 ? 18.298  -4.627  -7.069  1.00 46.85  ? 216 ASN A CG  1 
ATOM   806  O OD1 . ASN A 1 110 ? 19.249  -5.395  -7.125  1.00 45.74  ? 216 ASN A OD1 1 
ATOM   807  N ND2 . ASN A 1 110 ? 18.258  -3.500  -7.754  1.00 45.88  ? 216 ASN A ND2 1 
ATOM   808  N N   . ILE A 1 111 ? 14.558  -7.105  -5.431  1.00 50.83  ? 217 ILE A N   1 
ATOM   809  C CA  . ILE A 1 111 ? 13.468  -7.297  -4.478  1.00 51.39  ? 217 ILE A CA  1 
ATOM   810  C C   . ILE A 1 111 ? 13.928  -8.110  -3.263  1.00 52.05  ? 217 ILE A C   1 
ATOM   811  O O   . ILE A 1 111 ? 13.728  -7.698  -2.120  1.00 53.04  ? 217 ILE A O   1 
ATOM   812  C CB  . ILE A 1 111 ? 12.247  -7.999  -5.130  1.00 50.31  ? 217 ILE A CB  1 
ATOM   813  C CG1 . ILE A 1 111 ? 11.667  -7.113  -6.237  1.00 49.05  ? 217 ILE A CG1 1 
ATOM   814  C CG2 . ILE A 1 111 ? 11.175  -8.264  -4.083  1.00 47.57  ? 217 ILE A CG2 1 
ATOM   815  C CD1 . ILE A 1 111 ? 10.503  -7.739  -6.992  1.00 46.94  ? 217 ILE A CD1 1 
ATOM   816  N N   . GLU A 1 112 ? 14.563  -9.248  -3.510  1.00 52.76  ? 218 GLU A N   1 
ATOM   817  C CA  . GLU A 1 112 ? 15.035  -10.104 -2.432  1.00 53.52  ? 218 GLU A CA  1 
ATOM   818  C C   . GLU A 1 112 ? 15.974  -9.370  -1.469  1.00 52.72  ? 218 GLU A C   1 
ATOM   819  O O   . GLU A 1 112 ? 15.760  -9.362  -0.248  1.00 50.84  ? 218 GLU A O   1 
ATOM   820  C CB  . GLU A 1 112 ? 15.755  -11.311 -3.017  1.00 56.63  ? 218 GLU A CB  1 
ATOM   821  C CG  . GLU A 1 112 ? 16.164  -12.339 -1.982  1.00 63.01  ? 218 GLU A CG  1 
ATOM   822  C CD  . GLU A 1 112 ? 17.088  -13.400 -2.556  1.00 67.89  ? 218 GLU A CD  1 
ATOM   823  O OE1 . GLU A 1 112 ? 17.282  -14.446 -1.889  1.00 70.53  ? 218 GLU A OE1 1 
ATOM   824  O OE2 . GLU A 1 112 ? 17.626  -13.186 -3.670  1.00 69.41  ? 218 GLU A OE2 1 
ATOM   825  N N   . GLN A 1 113 ? 17.024  -8.772  -2.033  1.00 51.41  ? 219 GLN A N   1 
ATOM   826  C CA  . GLN A 1 113 ? 18.008  -8.036  -1.253  1.00 50.04  ? 219 GLN A CA  1 
ATOM   827  C C   . GLN A 1 113 ? 17.330  -6.907  -0.475  1.00 49.78  ? 219 GLN A C   1 
ATOM   828  O O   . GLN A 1 113 ? 17.721  -6.588  0.653   1.00 48.22  ? 219 GLN A O   1 
ATOM   829  C CB  . GLN A 1 113 ? 19.088  -7.477  -2.183  1.00 50.99  ? 219 GLN A CB  1 
ATOM   830  C CG  . GLN A 1 113 ? 20.160  -6.623  -1.498  1.00 51.57  ? 219 GLN A CG  1 
ATOM   831  C CD  . GLN A 1 113 ? 21.013  -7.399  -0.494  1.00 51.66  ? 219 GLN A CD  1 
ATOM   832  O OE1 . GLN A 1 113 ? 20.921  -7.181  0.726   1.00 48.59  ? 219 GLN A OE1 1 
ATOM   833  N NE2 . GLN A 1 113 ? 21.854  -8.305  -1.005  1.00 51.04  ? 219 GLN A NE2 1 
ATOM   834  N N   . LEU A 1 114 ? 16.309  -6.307  -1.080  1.00 49.64  ? 220 LEU A N   1 
ATOM   835  C CA  . LEU A 1 114 ? 15.577  -5.235  -0.422  1.00 49.78  ? 220 LEU A CA  1 
ATOM   836  C C   . LEU A 1 114 ? 14.856  -5.827  0.775   1.00 50.22  ? 220 LEU A C   1 
ATOM   837  O O   . LEU A 1 114 ? 14.807  -5.234  1.858   1.00 48.85  ? 220 LEU A O   1 
ATOM   838  C CB  . LEU A 1 114 ? 14.563  -4.616  -1.375  1.00 51.17  ? 220 LEU A CB  1 
ATOM   839  C CG  . LEU A 1 114 ? 14.927  -3.278  -2.016  1.00 51.05  ? 220 LEU A CG  1 
ATOM   840  C CD1 . LEU A 1 114 ? 16.138  -3.438  -2.884  1.00 51.77  ? 220 LEU A CD1 1 
ATOM   841  C CD2 . LEU A 1 114 ? 13.758  -2.801  -2.843  1.00 52.31  ? 220 LEU A CD2 1 
ATOM   842  N N   . ARG A 1 115 ? 14.287  -7.006  0.573   1.00 50.69  ? 221 ARG A N   1 
ATOM   843  C CA  . ARG A 1 115 ? 13.592  -7.679  1.652   1.00 52.39  ? 221 ARG A CA  1 
ATOM   844  C C   . ARG A 1 115 ? 14.595  -8.049  2.736   1.00 52.89  ? 221 ARG A C   1 
ATOM   845  O O   . ARG A 1 115 ? 14.383  -7.767  3.921   1.00 51.86  ? 221 ARG A O   1 
ATOM   846  C CB  . ARG A 1 115 ? 12.900  -8.931  1.128   1.00 52.16  ? 221 ARG A CB  1 
ATOM   847  C CG  . ARG A 1 115 ? 11.557  -8.651  0.534   1.00 54.15  ? 221 ARG A CG  1 
ATOM   848  C CD  . ARG A 1 115 ? 11.068  -9.815  -0.288  1.00 57.57  ? 221 ARG A CD  1 
ATOM   849  N NE  . ARG A 1 115 ? 9.811   -9.485  -0.953  1.00 62.42  ? 221 ARG A NE  1 
ATOM   850  C CZ  . ARG A 1 115 ? 9.261   -10.213 -1.921  1.00 65.42  ? 221 ARG A CZ  1 
ATOM   851  N NH1 . ARG A 1 115 ? 9.861   -11.326 -2.340  1.00 66.32  ? 221 ARG A NH1 1 
ATOM   852  N NH2 . ARG A 1 115 ? 8.122   -9.819  -2.487  1.00 66.55  ? 221 ARG A NH2 1 
ATOM   853  N N   . MET A 1 116 ? 15.697  -8.674  2.326   1.00 53.04  ? 222 MET A N   1 
ATOM   854  C CA  . MET A 1 116 ? 16.707  -9.075  3.287   1.00 52.80  ? 222 MET A CA  1 
ATOM   855  C C   . MET A 1 116 ? 17.186  -7.888  4.101   1.00 51.19  ? 222 MET A C   1 
ATOM   856  O O   . MET A 1 116 ? 17.600  -8.051  5.243   1.00 51.10  ? 222 MET A O   1 
ATOM   857  C CB  . MET A 1 116 ? 17.897  -9.725  2.588   1.00 54.82  ? 222 MET A CB  1 
ATOM   858  C CG  . MET A 1 116 ? 17.599  -11.080 1.999   1.00 59.15  ? 222 MET A CG  1 
ATOM   859  S SD  . MET A 1 116 ? 19.123  -11.863 1.422   1.00 64.83  ? 222 MET A SD  1 
ATOM   860  C CE  . MET A 1 116 ? 19.083  -11.419 -0.310  1.00 63.47  ? 222 MET A CE  1 
ATOM   861  N N   . ALA A 1 117 ? 17.126  -6.693  3.521   1.00 49.76  ? 223 ALA A N   1 
ATOM   862  C CA  . ALA A 1 117 ? 17.578  -5.499  4.231   1.00 48.05  ? 223 ALA A CA  1 
ATOM   863  C C   . ALA A 1 117 ? 16.608  -5.121  5.343   1.00 47.31  ? 223 ALA A C   1 
ATOM   864  O O   . ALA A 1 117 ? 17.000  -4.510  6.339   1.00 47.18  ? 223 ALA A O   1 
ATOM   865  C CB  . ALA A 1 117 ? 17.740  -4.343  3.259   1.00 47.96  ? 223 ALA A CB  1 
ATOM   866  N N   . GLY A 1 118 ? 15.340  -5.481  5.168   1.00 46.42  ? 224 GLY A N   1 
ATOM   867  C CA  . GLY A 1 118 ? 14.344  -5.175  6.175   1.00 45.34  ? 224 GLY A CA  1 
ATOM   868  C C   . GLY A 1 118 ? 13.009  -4.709  5.630   1.00 46.66  ? 224 GLY A C   1 
ATOM   869  O O   . GLY A 1 118 ? 12.110  -4.368  6.401   1.00 47.57  ? 224 GLY A O   1 
ATOM   870  N N   . ALA A 1 119 ? 12.861  -4.697  4.308   1.00 47.02  ? 225 ALA A N   1 
ATOM   871  C CA  . ALA A 1 119 ? 11.614  -4.238  3.703   1.00 45.10  ? 225 ALA A CA  1 
ATOM   872  C C   . ALA A 1 119 ? 10.468  -5.195  3.972   1.00 43.77  ? 225 ALA A C   1 
ATOM   873  O O   . ALA A 1 119 ? 10.577  -6.390  3.721   1.00 43.22  ? 225 ALA A O   1 
ATOM   874  C CB  . ALA A 1 119 ? 11.799  -4.054  2.204   1.00 46.06  ? 225 ALA A CB  1 
ATOM   875  N N   . ASP A 1 120 ? 9.366   -4.656  4.477   1.00 43.14  ? 226 ASP A N   1 
ATOM   876  C CA  . ASP A 1 120 ? 8.182   -5.456  4.773   1.00 43.08  ? 226 ASP A CA  1 
ATOM   877  C C   . ASP A 1 120 ? 7.323   -5.642  3.528   1.00 43.64  ? 226 ASP A C   1 
ATOM   878  O O   . ASP A 1 120 ? 6.609   -6.627  3.406   1.00 43.62  ? 226 ASP A O   1 
ATOM   879  C CB  . ASP A 1 120 ? 7.362   -4.786  5.874   1.00 43.83  ? 226 ASP A CB  1 
ATOM   880  C CG  . ASP A 1 120 ? 8.116   -4.714  7.187   1.00 45.32  ? 226 ASP A CG  1 
ATOM   881  O OD1 . ASP A 1 120 ? 8.455   -5.802  7.701   1.00 44.76  ? 226 ASP A OD1 1 
ATOM   882  O OD2 . ASP A 1 120 ? 8.376   -3.589  7.694   1.00 44.62  ? 226 ASP A OD2 1 
ATOM   883  N N   . GLN A 1 121 ? 7.383   -4.687  2.604   1.00 45.46  ? 227 GLN A N   1 
ATOM   884  C CA  . GLN A 1 121 ? 6.622   -4.786  1.363   1.00 44.58  ? 227 GLN A CA  1 
ATOM   885  C C   . GLN A 1 121 ? 7.382   -4.121  0.229   1.00 44.16  ? 227 GLN A C   1 
ATOM   886  O O   . GLN A 1 121 ? 7.762   -2.953  0.329   1.00 43.72  ? 227 GLN A O   1 
ATOM   887  C CB  . GLN A 1 121 ? 5.254   -4.119  1.502   1.00 45.89  ? 227 GLN A CB  1 
ATOM   888  C CG  . GLN A 1 121 ? 4.351   -4.313  0.283   1.00 47.55  ? 227 GLN A CG  1 
ATOM   889  C CD  . GLN A 1 121 ? 3.994   -5.774  0.057   1.00 49.49  ? 227 GLN A CD  1 
ATOM   890  O OE1 . GLN A 1 121 ? 3.465   -6.440  0.960   1.00 50.30  ? 227 GLN A OE1 1 
ATOM   891  N NE2 . GLN A 1 121 ? 4.279   -6.285  -1.148  1.00 48.24  ? 227 GLN A NE2 1 
ATOM   892  N N   . VAL A 1 122 ? 7.610   -4.871  -0.846  1.00 43.93  ? 228 VAL A N   1 
ATOM   893  C CA  . VAL A 1 122 ? 8.308   -4.327  -2.008  1.00 42.38  ? 228 VAL A CA  1 
ATOM   894  C C   . VAL A 1 122 ? 7.370   -4.250  -3.216  1.00 42.54  ? 228 VAL A C   1 
ATOM   895  O O   . VAL A 1 122 ? 6.623   -5.194  -3.499  1.00 41.16  ? 228 VAL A O   1 
ATOM   896  C CB  . VAL A 1 122 ? 9.530   -5.178  -2.400  1.00 39.59  ? 228 VAL A CB  1 
ATOM   897  C CG1 . VAL A 1 122 ? 10.241  -4.512  -3.549  1.00 38.84  ? 228 VAL A CG1 1 
ATOM   898  C CG2 . VAL A 1 122 ? 10.467  -5.352  -1.212  1.00 36.34  ? 228 VAL A CG2 1 
ATOM   899  N N   . ILE A 1 123 ? 7.423   -3.118  -3.917  1.00 42.35  ? 229 ILE A N   1 
ATOM   900  C CA  . ILE A 1 123 ? 6.601   -2.871  -5.102  1.00 42.13  ? 229 ILE A CA  1 
ATOM   901  C C   . ILE A 1 123 ? 7.543   -2.612  -6.282  1.00 42.61  ? 229 ILE A C   1 
ATOM   902  O O   . ILE A 1 123 ? 8.441   -1.775  -6.171  1.00 43.69  ? 229 ILE A O   1 
ATOM   903  C CB  . ILE A 1 123 ? 5.712   -1.628  -4.873  1.00 41.89  ? 229 ILE A CB  1 
ATOM   904  C CG1 . ILE A 1 123 ? 4.878   -1.831  -3.615  1.00 41.53  ? 229 ILE A CG1 1 
ATOM   905  C CG2 . ILE A 1 123 ? 4.811   -1.371  -6.071  1.00 41.28  ? 229 ILE A CG2 1 
ATOM   906  C CD1 . ILE A 1 123 ? 4.096   -0.630  -3.228  1.00 42.91  ? 229 ILE A CD1 1 
ATOM   907  N N   . SER A 1 124 ? 7.356   -3.317  -7.399  1.00 41.85  ? 230 SER A N   1 
ATOM   908  C CA  . SER A 1 124 ? 8.223   -3.114  -8.560  1.00 42.73  ? 230 SER A CA  1 
ATOM   909  C C   . SER A 1 124 ? 7.458   -2.594  -9.787  1.00 43.49  ? 230 SER A C   1 
ATOM   910  O O   . SER A 1 124 ? 7.053   -3.363  -10.661 1.00 43.73  ? 230 SER A O   1 
ATOM   911  C CB  . SER A 1 124 ? 8.966   -4.412  -8.900  1.00 41.64  ? 230 SER A CB  1 
ATOM   912  O OG  . SER A 1 124 ? 8.080   -5.433  -9.309  1.00 39.08  ? 230 SER A OG  1 
ATOM   913  N N   . PRO A 1 125 ? 7.286   -1.263  -9.876  1.00 43.66  ? 231 PRO A N   1 
ATOM   914  C CA  . PRO A 1 125 ? 6.584   -0.516  -10.932 1.00 43.09  ? 231 PRO A CA  1 
ATOM   915  C C   . PRO A 1 125 ? 7.014   -0.743  -12.378 1.00 42.65  ? 231 PRO A C   1 
ATOM   916  O O   . PRO A 1 125 ? 6.189   -0.729  -13.290 1.00 42.03  ? 231 PRO A O   1 
ATOM   917  C CB  . PRO A 1 125 ? 6.790   0.940   -10.521 1.00 41.97  ? 231 PRO A CB  1 
ATOM   918  C CG  . PRO A 1 125 ? 6.999   0.866   -9.061  1.00 44.63  ? 231 PRO A CG  1 
ATOM   919  C CD  . PRO A 1 125 ? 7.903   -0.327  -8.926  1.00 43.23  ? 231 PRO A CD  1 
ATOM   920  N N   . PHE A 1 126 ? 8.304   -0.935  -12.597 1.00 43.44  ? 232 PHE A N   1 
ATOM   921  C CA  . PHE A 1 126 ? 8.790   -1.126  -13.948 1.00 44.20  ? 232 PHE A CA  1 
ATOM   922  C C   . PHE A 1 126 ? 8.411   -2.493  -14.465 1.00 44.78  ? 232 PHE A C   1 
ATOM   923  O O   . PHE A 1 126 ? 8.051   -2.634  -15.636 1.00 45.98  ? 232 PHE A O   1 
ATOM   924  C CB  . PHE A 1 126 ? 10.298  -0.900  -13.987 1.00 47.39  ? 232 PHE A CB  1 
ATOM   925  C CG  . PHE A 1 126 ? 10.696  0.487   -13.566 1.00 51.59  ? 232 PHE A CG  1 
ATOM   926  C CD1 . PHE A 1 126 ? 11.227  1.387   -14.493 1.00 54.43  ? 232 PHE A CD1 1 
ATOM   927  C CD2 . PHE A 1 126 ? 10.476  0.917   -12.251 1.00 50.63  ? 232 PHE A CD2 1 
ATOM   928  C CE1 . PHE A 1 126 ? 11.528  2.702   -14.112 1.00 56.18  ? 232 PHE A CE1 1 
ATOM   929  C CE2 . PHE A 1 126 ? 10.766  2.213   -11.860 1.00 51.17  ? 232 PHE A CE2 1 
ATOM   930  C CZ  . PHE A 1 126 ? 11.292  3.115   -12.785 1.00 54.96  ? 232 PHE A CZ  1 
ATOM   931  N N   . VAL A 1 127 ? 8.477   -3.506  -13.603 1.00 44.55  ? 233 VAL A N   1 
ATOM   932  C CA  . VAL A 1 127 ? 8.083   -4.848  -14.015 1.00 43.29  ? 233 VAL A CA  1 
ATOM   933  C C   . VAL A 1 127 ? 6.618   -4.731  -14.419 1.00 43.76  ? 233 VAL A C   1 
ATOM   934  O O   . VAL A 1 127 ? 6.227   -5.104  -15.530 1.00 43.53  ? 233 VAL A O   1 
ATOM   935  C CB  . VAL A 1 127 ? 8.195   -5.844  -12.860 1.00 43.78  ? 233 VAL A CB  1 
ATOM   936  C CG1 . VAL A 1 127 ? 7.596   -7.182  -13.259 1.00 42.91  ? 233 VAL A CG1 1 
ATOM   937  C CG2 . VAL A 1 127 ? 9.642   -6.004  -12.471 1.00 44.67  ? 233 VAL A CG2 1 
ATOM   938  N N   . ILE A 1 128 ? 5.815   -4.189  -13.507 1.00 42.88  ? 234 ILE A N   1 
ATOM   939  C CA  . ILE A 1 128 ? 4.399   -3.999  -13.762 1.00 43.20  ? 234 ILE A CA  1 
ATOM   940  C C   . ILE A 1 128 ? 4.184   -3.237  -15.058 1.00 44.62  ? 234 ILE A C   1 
ATOM   941  O O   . ILE A 1 128 ? 3.349   -3.618  -15.873 1.00 47.33  ? 234 ILE A O   1 
ATOM   942  C CB  . ILE A 1 128 ? 3.721   -3.209  -12.633 1.00 41.83  ? 234 ILE A CB  1 
ATOM   943  C CG1 . ILE A 1 128 ? 3.680   -4.058  -11.358 1.00 37.31  ? 234 ILE A CG1 1 
ATOM   944  C CG2 . ILE A 1 128 ? 2.310   -2.778  -13.078 1.00 40.56  ? 234 ILE A CG2 1 
ATOM   945  C CD1 . ILE A 1 128 ? 3.133   -3.319  -10.163 1.00 33.67  ? 234 ILE A CD1 1 
ATOM   946  N N   . SER A 1 129 ? 4.942   -2.164  -15.247 1.00 45.04  ? 235 SER A N   1 
ATOM   947  C CA  . SER A 1 129 ? 4.813   -1.351  -16.449 1.00 45.90  ? 235 SER A CA  1 
ATOM   948  C C   . SER A 1 129 ? 5.226   -2.086  -17.719 1.00 46.42  ? 235 SER A C   1 
ATOM   949  O O   . SER A 1 129 ? 4.462   -2.162  -18.682 1.00 45.82  ? 235 SER A O   1 
ATOM   950  C CB  . SER A 1 129 ? 5.639   -0.079  -16.314 1.00 45.38  ? 235 SER A CB  1 
ATOM   951  O OG  . SER A 1 129 ? 5.530   0.700   -17.489 1.00 46.27  ? 235 SER A OG  1 
ATOM   952  N N   . GLY A 1 130 ? 6.444   -2.617  -17.719 1.00 47.47  ? 236 GLY A N   1 
ATOM   953  C CA  . GLY A 1 130 ? 6.929   -3.336  -18.880 1.00 47.85  ? 236 GLY A CA  1 
ATOM   954  C C   . GLY A 1 130 ? 5.982   -4.445  -19.281 1.00 49.33  ? 236 GLY A C   1 
ATOM   955  O O   . GLY A 1 130 ? 5.790   -4.694  -20.462 1.00 49.51  ? 236 GLY A O   1 
ATOM   956  N N   . ARG A 1 131 ? 5.381   -5.114  -18.299 1.00 51.02  ? 237 ARG A N   1 
ATOM   957  C CA  . ARG A 1 131 ? 4.462   -6.202  -18.592 1.00 52.63  ? 237 ARG A CA  1 
ATOM   958  C C   . ARG A 1 131 ? 3.180   -5.680  -19.239 1.00 52.38  ? 237 ARG A C   1 
ATOM   959  O O   . ARG A 1 131 ? 2.740   -6.194  -20.270 1.00 49.89  ? 237 ARG A O   1 
ATOM   960  C CB  . ARG A 1 131 ? 4.143   -6.983  -17.320 1.00 55.72  ? 237 ARG A CB  1 
ATOM   961  C CG  . ARG A 1 131 ? 3.137   -8.106  -17.537 1.00 60.98  ? 237 ARG A CG  1 
ATOM   962  C CD  . ARG A 1 131 ? 3.295   -9.203  -16.500 1.00 64.66  ? 237 ARG A CD  1 
ATOM   963  N NE  . ARG A 1 131 ? 4.549   -9.932  -16.672 1.00 68.52  ? 237 ARG A NE  1 
ATOM   964  C CZ  . ARG A 1 131 ? 4.982   -10.868 -15.834 1.00 70.45  ? 237 ARG A CZ  1 
ATOM   965  N NH1 . ARG A 1 131 ? 4.255   -11.178 -14.770 1.00 73.43  ? 237 ARG A NH1 1 
ATOM   966  N NH2 . ARG A 1 131 ? 6.130   -11.499 -16.060 1.00 70.26  ? 237 ARG A NH2 1 
ATOM   967  N N   . LEU A 1 132 ? 2.582   -4.659  -18.640 1.00 52.24  ? 238 LEU A N   1 
ATOM   968  C CA  . LEU A 1 132 ? 1.370   -4.084  -19.208 1.00 54.04  ? 238 LEU A CA  1 
ATOM   969  C C   . LEU A 1 132 ? 1.601   -3.625  -20.636 1.00 55.08  ? 238 LEU A C   1 
ATOM   970  O O   . LEU A 1 132 ? 0.724   -3.761  -21.488 1.00 55.34  ? 238 LEU A O   1 
ATOM   971  C CB  . LEU A 1 132 ? 0.901   -2.893  -18.386 1.00 53.35  ? 238 LEU A CB  1 
ATOM   972  C CG  . LEU A 1 132 ? 0.152   -3.246  -17.112 1.00 54.16  ? 238 LEU A CG  1 
ATOM   973  C CD1 . LEU A 1 132 ? -0.191  -1.964  -16.359 1.00 54.55  ? 238 LEU A CD1 1 
ATOM   974  C CD2 . LEU A 1 132 ? -1.109  -4.030  -17.474 1.00 54.97  ? 238 LEU A CD2 1 
ATOM   975  N N   . MET A 1 133 ? 2.783   -3.076  -20.897 1.00 56.57  ? 239 MET A N   1 
ATOM   976  C CA  . MET A 1 133 ? 3.106   -2.585  -22.229 1.00 57.70  ? 239 MET A CA  1 
ATOM   977  C C   . MET A 1 133 ? 3.233   -3.698  -23.258 1.00 58.03  ? 239 MET A C   1 
ATOM   978  O O   . MET A 1 133 ? 2.671   -3.614  -24.349 1.00 58.86  ? 239 MET A O   1 
ATOM   979  C CB  . MET A 1 133 ? 4.388   -1.756  -22.196 1.00 57.83  ? 239 MET A CB  1 
ATOM   980  C CG  . MET A 1 133 ? 4.232   -0.438  -21.469 1.00 60.41  ? 239 MET A CG  1 
ATOM   981  S SD  . MET A 1 133 ? 5.698   0.608   -21.568 1.00 66.21  ? 239 MET A SD  1 
ATOM   982  C CE  . MET A 1 133 ? 6.982   -0.554  -21.007 1.00 60.73  ? 239 MET A CE  1 
ATOM   983  N N   . SER A 1 134 ? 3.967   -4.745  -22.920 1.00 57.89  ? 240 SER A N   1 
ATOM   984  C CA  . SER A 1 134 ? 4.126   -5.839  -23.856 1.00 57.98  ? 240 SER A CA  1 
ATOM   985  C C   . SER A 1 134 ? 2.768   -6.501  -24.106 1.00 56.23  ? 240 SER A C   1 
ATOM   986  O O   . SER A 1 134 ? 2.559   -7.116  -25.139 1.00 56.44  ? 240 SER A O   1 
ATOM   987  C CB  . SER A 1 134 ? 5.135   -6.860  -23.315 1.00 58.46  ? 240 SER A CB  1 
ATOM   988  O OG  . SER A 1 134 ? 4.621   -7.524  -22.176 1.00 61.48  ? 240 SER A OG  1 
ATOM   989  N N   . ARG A 1 135 ? 1.841   -6.344  -23.167 1.00 56.42  ? 241 ARG A N   1 
ATOM   990  C CA  . ARG A 1 135 ? 0.504   -6.943  -23.285 1.00 56.56  ? 241 ARG A CA  1 
ATOM   991  C C   . ARG A 1 135 ? -0.504  -6.037  -23.978 1.00 54.61  ? 241 ARG A C   1 
ATOM   992  O O   . ARG A 1 135 ? -1.665  -6.412  -24.149 1.00 54.04  ? 241 ARG A O   1 
ATOM   993  C CB  . ARG A 1 135 ? -0.053  -7.291  -21.899 1.00 59.14  ? 241 ARG A CB  1 
ATOM   994  C CG  . ARG A 1 135 ? 0.770   -8.276  -21.096 1.00 64.78  ? 241 ARG A CG  1 
ATOM   995  C CD  . ARG A 1 135 ? 0.091   -9.625  -21.008 1.00 69.74  ? 241 ARG A CD  1 
ATOM   996  N NE  . ARG A 1 135 ? 0.406   -10.294 -19.750 1.00 75.91  ? 241 ARG A NE  1 
ATOM   997  C CZ  . ARG A 1 135 ? -0.154  -11.432 -19.343 1.00 78.95  ? 241 ARG A CZ  1 
ATOM   998  N NH1 . ARG A 1 135 ? -1.061  -12.041 -20.105 1.00 79.58  ? 241 ARG A NH1 1 
ATOM   999  N NH2 . ARG A 1 135 ? 0.184   -11.951 -18.166 1.00 80.17  ? 241 ARG A NH2 1 
ATOM   1000 N N   . SER A 1 136 ? -0.071  -4.839  -24.358 1.00 52.78  ? 242 SER A N   1 
ATOM   1001 C CA  . SER A 1 136 ? -0.963  -3.888  -25.007 1.00 50.03  ? 242 SER A CA  1 
ATOM   1002 C C   . SER A 1 136 ? -0.627  -3.644  -26.459 1.00 49.88  ? 242 SER A C   1 
ATOM   1003 O O   . SER A 1 136 ? -1.098  -2.676  -27.042 1.00 47.92  ? 242 SER A O   1 
ATOM   1004 C CB  . SER A 1 136 ? -0.943  -2.556  -24.268 1.00 48.94  ? 242 SER A CB  1 
ATOM   1005 O OG  . SER A 1 136 ? -1.432  -2.708  -22.951 1.00 48.84  ? 242 SER A OG  1 
ATOM   1006 N N   . ILE A 1 137 ? 0.176   -4.522  -27.051 1.00 50.78  ? 243 ILE A N   1 
ATOM   1007 C CA  . ILE A 1 137 ? 0.557   -4.349  -28.442 1.00 51.83  ? 243 ILE A CA  1 
ATOM   1008 C C   . ILE A 1 137 ? -0.596  -4.512  -29.438 1.00 52.64  ? 243 ILE A C   1 
ATOM   1009 O O   . ILE A 1 137 ? -0.473  -4.126  -30.598 1.00 54.26  ? 243 ILE A O   1 
ATOM   1010 C CB  . ILE A 1 137 ? 1.722   -5.283  -28.818 1.00 51.97  ? 243 ILE A CB  1 
ATOM   1011 C CG1 . ILE A 1 137 ? 1.348   -6.740  -28.574 1.00 51.46  ? 243 ILE A CG1 1 
ATOM   1012 C CG2 . ILE A 1 137 ? 2.948   -4.917  -28.001 1.00 51.24  ? 243 ILE A CG2 1 
ATOM   1013 C CD1 . ILE A 1 137 ? 2.450   -7.705  -29.005 1.00 49.92  ? 243 ILE A CD1 1 
ATOM   1014 N N   . ASP A 1 138 ? -1.717  -5.069  -28.985 1.00 53.45  ? 244 ASP A N   1 
ATOM   1015 C CA  . ASP A 1 138 ? -2.888  -5.233  -29.840 1.00 52.20  ? 244 ASP A CA  1 
ATOM   1016 C C   . ASP A 1 138 ? -4.140  -4.651  -29.186 1.00 52.77  ? 244 ASP A C   1 
ATOM   1017 O O   . ASP A 1 138 ? -4.870  -3.906  -29.821 1.00 53.37  ? 244 ASP A O   1 
ATOM   1018 C CB  . ASP A 1 138 ? -3.105  -6.704  -30.194 1.00 52.93  ? 244 ASP A CB  1 
ATOM   1019 C CG  . ASP A 1 138 ? -1.968  -7.279  -31.036 1.00 55.60  ? 244 ASP A CG  1 
ATOM   1020 O OD1 . ASP A 1 138 ? -1.522  -6.613  -32.000 1.00 58.51  ? 244 ASP A OD1 1 
ATOM   1021 O OD2 . ASP A 1 138 ? -1.524  -8.409  -30.748 1.00 55.37  ? 244 ASP A OD2 1 
ATOM   1022 N N   . ASP A 1 139 ? -4.397  -4.982  -27.922 1.00 54.18  ? 245 ASP A N   1 
ATOM   1023 C CA  . ASP A 1 139 ? -5.570  -4.440  -27.220 1.00 54.56  ? 245 ASP A CA  1 
ATOM   1024 C C   . ASP A 1 139 ? -5.033  -3.563  -26.120 1.00 53.48  ? 245 ASP A C   1 
ATOM   1025 O O   . ASP A 1 139 ? -3.827  -3.486  -25.919 1.00 54.30  ? 245 ASP A O   1 
ATOM   1026 C CB  . ASP A 1 139 ? -6.397  -5.533  -26.529 1.00 56.52  ? 245 ASP A CB  1 
ATOM   1027 C CG  . ASP A 1 139 ? -6.659  -6.714  -27.413 1.00 59.59  ? 245 ASP A CG  1 
ATOM   1028 O OD1 . ASP A 1 139 ? -7.398  -6.565  -28.413 1.00 61.57  ? 245 ASP A OD1 1 
ATOM   1029 O OD2 . ASP A 1 139 ? -6.118  -7.799  -27.104 1.00 61.97  ? 245 ASP A OD2 1 
ATOM   1030 N N   . GLY A 1 140 ? -5.939  -2.935  -25.383 1.00 52.34  ? 246 GLY A N   1 
ATOM   1031 C CA  . GLY A 1 140 ? -5.529  -2.098  -24.277 1.00 50.27  ? 246 GLY A CA  1 
ATOM   1032 C C   . GLY A 1 140 ? -6.438  -2.379  -23.102 1.00 49.34  ? 246 GLY A C   1 
ATOM   1033 O O   . GLY A 1 140 ? -6.457  -1.628  -22.124 1.00 49.02  ? 246 GLY A O   1 
ATOM   1034 N N   . TYR A 1 141 ? -7.188  -3.476  -23.198 1.00 47.91  ? 247 TYR A N   1 
ATOM   1035 C CA  . TYR A 1 141 ? -8.136  -3.850  -22.156 1.00 46.00  ? 247 TYR A CA  1 
ATOM   1036 C C   . TYR A 1 141 ? -7.524  -4.069  -20.788 1.00 44.29  ? 247 TYR A C   1 
ATOM   1037 O O   . TYR A 1 141 ? -8.006  -3.516  -19.795 1.00 41.67  ? 247 TYR A O   1 
ATOM   1038 C CB  . TYR A 1 141 ? -8.922  -5.080  -22.592 1.00 46.15  ? 247 TYR A CB  1 
ATOM   1039 C CG  . TYR A 1 141 ? -9.686  -4.828  -23.868 1.00 47.57  ? 247 TYR A CG  1 
ATOM   1040 C CD1 . TYR A 1 141 ? -9.479  -5.629  -24.999 1.00 46.42  ? 247 TYR A CD1 1 
ATOM   1041 C CD2 . TYR A 1 141 ? -10.566 -3.744  -23.970 1.00 46.88  ? 247 TYR A CD2 1 
ATOM   1042 C CE1 . TYR A 1 141 ? -10.115 -5.357  -26.196 1.00 46.76  ? 247 TYR A CE1 1 
ATOM   1043 C CE2 . TYR A 1 141 ? -11.212 -3.458  -25.170 1.00 47.75  ? 247 TYR A CE2 1 
ATOM   1044 C CZ  . TYR A 1 141 ? -10.980 -4.267  -26.283 1.00 48.83  ? 247 TYR A CZ  1 
ATOM   1045 O OH  . TYR A 1 141 ? -11.582 -3.969  -27.493 1.00 48.81  ? 247 TYR A OH  1 
ATOM   1046 N N   . GLU A 1 142 ? -6.467  -4.872  -20.730 1.00 44.01  ? 248 GLU A N   1 
ATOM   1047 C CA  . GLU A 1 142 ? -5.808  -5.129  -19.455 1.00 44.34  ? 248 GLU A CA  1 
ATOM   1048 C C   . GLU A 1 142 ? -5.298  -3.797  -18.882 1.00 44.24  ? 248 GLU A C   1 
ATOM   1049 O O   . GLU A 1 142 ? -5.520  -3.470  -17.702 1.00 43.67  ? 248 GLU A O   1 
ATOM   1050 C CB  . GLU A 1 142 ? -4.656  -6.106  -19.661 1.00 43.83  ? 248 GLU A CB  1 
ATOM   1051 C CG  . GLU A 1 142 ? -3.929  -6.501  -18.383 1.00 48.33  ? 248 GLU A CG  1 
ATOM   1052 C CD  . GLU A 1 142 ? -2.925  -7.627  -18.619 1.00 51.52  ? 248 GLU A CD  1 
ATOM   1053 O OE1 . GLU A 1 142 ? -2.134  -7.931  -17.696 1.00 53.21  ? 248 GLU A OE1 1 
ATOM   1054 O OE2 . GLU A 1 142 ? -2.931  -8.213  -19.731 1.00 51.42  ? 248 GLU A OE2 1 
ATOM   1055 N N   . ALA A 1 143 ? -4.639  -3.023  -19.742 1.00 42.98  ? 249 ALA A N   1 
ATOM   1056 C CA  . ALA A 1 143 ? -4.093  -1.731  -19.363 1.00 40.87  ? 249 ALA A CA  1 
ATOM   1057 C C   . ALA A 1 143 ? -5.206  -0.841  -18.857 1.00 39.81  ? 249 ALA A C   1 
ATOM   1058 O O   . ALA A 1 143 ? -5.134  -0.297  -17.758 1.00 39.56  ? 249 ALA A O   1 
ATOM   1059 C CB  . ALA A 1 143 ? -3.419  -1.091  -20.551 1.00 42.41  ? 249 ALA A CB  1 
ATOM   1060 N N   . MET A 1 144 ? -6.237  -0.686  -19.673 1.00 40.12  ? 250 MET A N   1 
ATOM   1061 C CA  . MET A 1 144 ? -7.380  0.130   -19.297 1.00 40.88  ? 250 MET A CA  1 
ATOM   1062 C C   . MET A 1 144 ? -7.865  -0.236  -17.902 1.00 41.47  ? 250 MET A C   1 
ATOM   1063 O O   . MET A 1 144 ? -8.121  0.642   -17.074 1.00 42.20  ? 250 MET A O   1 
ATOM   1064 C CB  . MET A 1 144 ? -8.505  -0.065  -20.305 1.00 41.69  ? 250 MET A CB  1 
ATOM   1065 C CG  . MET A 1 144 ? -8.210  0.571   -21.641 1.00 42.79  ? 250 MET A CG  1 
ATOM   1066 S SD  . MET A 1 144 ? -9.568  0.460   -22.789 1.00 43.56  ? 250 MET A SD  1 
ATOM   1067 C CE  . MET A 1 144 ? -8.780  -0.530  -24.141 1.00 43.64  ? 250 MET A CE  1 
ATOM   1068 N N   . PHE A 1 145 ? -7.985  -1.537  -17.642 1.00 41.41  ? 251 PHE A N   1 
ATOM   1069 C CA  . PHE A 1 145 ? -8.444  -2.013  -16.347 1.00 39.98  ? 251 PHE A CA  1 
ATOM   1070 C C   . PHE A 1 145 ? -7.546  -1.497  -15.224 1.00 40.30  ? 251 PHE A C   1 
ATOM   1071 O O   . PHE A 1 145 ? -8.007  -0.831  -14.290 1.00 37.37  ? 251 PHE A O   1 
ATOM   1072 C CB  . PHE A 1 145 ? -8.448  -3.543  -16.306 1.00 41.56  ? 251 PHE A CB  1 
ATOM   1073 C CG  . PHE A 1 145 ? -8.878  -4.096  -14.976 1.00 43.83  ? 251 PHE A CG  1 
ATOM   1074 C CD1 . PHE A 1 145 ? -10.236 -4.177  -14.646 1.00 45.26  ? 251 PHE A CD1 1 
ATOM   1075 C CD2 . PHE A 1 145 ? -7.932  -4.407  -13.996 1.00 42.10  ? 251 PHE A CD2 1 
ATOM   1076 C CE1 . PHE A 1 145 ? -10.643 -4.548  -13.361 1.00 43.47  ? 251 PHE A CE1 1 
ATOM   1077 C CE2 . PHE A 1 145 ? -8.330  -4.775  -12.716 1.00 40.86  ? 251 PHE A CE2 1 
ATOM   1078 C CZ  . PHE A 1 145 ? -9.685  -4.843  -12.396 1.00 42.38  ? 251 PHE A CZ  1 
ATOM   1079 N N   . VAL A 1 146 ? -6.261  -1.831  -15.326 1.00 40.31  ? 252 VAL A N   1 
ATOM   1080 C CA  . VAL A 1 146 ? -5.259  -1.444  -14.341 1.00 42.10  ? 252 VAL A CA  1 
ATOM   1081 C C   . VAL A 1 146 ? -5.210  0.067   -14.148 1.00 44.20  ? 252 VAL A C   1 
ATOM   1082 O O   . VAL A 1 146 ? -5.226  0.600   -13.026 1.00 42.85  ? 252 VAL A O   1 
ATOM   1083 C CB  . VAL A 1 146 ? -3.870  -1.883  -14.801 1.00 43.08  ? 252 VAL A CB  1 
ATOM   1084 C CG1 . VAL A 1 146 ? -2.824  -1.475  -13.760 1.00 42.91  ? 252 VAL A CG1 1 
ATOM   1085 C CG2 . VAL A 1 146 ? -3.863  -3.386  -15.065 1.00 42.42  ? 252 VAL A CG2 1 
ATOM   1086 N N   . GLN A 1 147 ? -5.128  0.743   -15.282 1.00 45.52  ? 253 GLN A N   1 
ATOM   1087 C CA  . GLN A 1 147 ? -5.051  2.179   -15.329 1.00 46.17  ? 253 GLN A CA  1 
ATOM   1088 C C   . GLN A 1 147 ? -6.264  2.781   -14.625 1.00 47.45  ? 253 GLN A C   1 
ATOM   1089 O O   . GLN A 1 147 ? -6.128  3.705   -13.832 1.00 47.56  ? 253 GLN A O   1 
ATOM   1090 C CB  . GLN A 1 147 ? -4.971  2.603   -16.797 1.00 45.80  ? 253 GLN A CB  1 
ATOM   1091 C CG  . GLN A 1 147 ? -4.137  3.848   -17.049 1.00 49.25  ? 253 GLN A CG  1 
ATOM   1092 C CD  . GLN A 1 147 ? -2.763  3.806   -16.390 1.00 48.85  ? 253 GLN A CD  1 
ATOM   1093 O OE1 . GLN A 1 147 ? -2.354  4.781   -15.770 1.00 51.53  ? 253 GLN A OE1 1 
ATOM   1094 N NE2 . GLN A 1 147 ? -2.048  2.690   -16.530 1.00 45.18  ? 253 GLN A NE2 1 
ATOM   1095 N N   . ASP A 1 148 ? -7.442  2.224   -14.887 1.00 50.20  ? 254 ASP A N   1 
ATOM   1096 C CA  . ASP A 1 148 ? -8.680  2.715   -14.294 1.00 51.74  ? 254 ASP A CA  1 
ATOM   1097 C C   . ASP A 1 148 ? -8.892  2.411   -12.811 1.00 52.22  ? 254 ASP A C   1 
ATOM   1098 O O   . ASP A 1 148 ? -9.436  3.233   -12.081 1.00 52.49  ? 254 ASP A O   1 
ATOM   1099 C CB  . ASP A 1 148 ? -9.879  2.166   -15.053 1.00 54.54  ? 254 ASP A CB  1 
ATOM   1100 C CG  . ASP A 1 148 ? -11.180 2.773   -14.571 1.00 61.05  ? 254 ASP A CG  1 
ATOM   1101 O OD1 . ASP A 1 148 ? -11.660 3.709   -15.249 1.00 66.12  ? 254 ASP A OD1 1 
ATOM   1102 O OD2 . ASP A 1 148 ? -11.711 2.344   -13.511 1.00 59.55  ? 254 ASP A OD2 1 
ATOM   1103 N N   . VAL A 1 149 ? -8.487  1.227   -12.370 1.00 52.44  ? 255 VAL A N   1 
ATOM   1104 C CA  . VAL A 1 149 ? -8.671  0.829   -10.981 1.00 52.18  ? 255 VAL A CA  1 
ATOM   1105 C C   . VAL A 1 149 ? -7.474  1.123   -10.087 1.00 53.01  ? 255 VAL A C   1 
ATOM   1106 O O   . VAL A 1 149 ? -7.629  1.414   -8.898  1.00 53.48  ? 255 VAL A O   1 
ATOM   1107 C CB  . VAL A 1 149 ? -8.991  -0.679  -10.890 1.00 52.23  ? 255 VAL A CB  1 
ATOM   1108 C CG1 . VAL A 1 149 ? -9.063  -1.116  -9.431  1.00 50.56  ? 255 VAL A CG1 1 
ATOM   1109 C CG2 . VAL A 1 149 ? -10.304 -0.969  -11.603 1.00 50.70  ? 255 VAL A CG2 1 
ATOM   1110 N N   . LEU A 1 150 ? -6.275  1.048   -10.652 1.00 53.63  ? 256 LEU A N   1 
ATOM   1111 C CA  . LEU A 1 150 ? -5.075  1.289   -9.867  1.00 54.00  ? 256 LEU A CA  1 
ATOM   1112 C C   . LEU A 1 150 ? -4.469  2.683   -9.989  1.00 55.32  ? 256 LEU A C   1 
ATOM   1113 O O   . LEU A 1 150 ? -3.792  3.141   -9.073  1.00 55.61  ? 256 LEU A O   1 
ATOM   1114 C CB  . LEU A 1 150 ? -4.028  0.232   -10.210 1.00 53.80  ? 256 LEU A CB  1 
ATOM   1115 C CG  . LEU A 1 150 ? -3.886  -0.956  -9.247  1.00 53.43  ? 256 LEU A CG  1 
ATOM   1116 C CD1 . LEU A 1 150 ? -5.227  -1.400  -8.710  1.00 52.61  ? 256 LEU A CD1 1 
ATOM   1117 C CD2 . LEU A 1 150 ? -3.204  -2.094  -9.978  1.00 52.84  ? 256 LEU A CD2 1 
ATOM   1118 N N   . ALA A 1 151 ? -4.718  3.369   -11.100 1.00 56.83  ? 257 ALA A N   1 
ATOM   1119 C CA  . ALA A 1 151 ? -4.154  4.698   -11.283 1.00 58.93  ? 257 ALA A CA  1 
ATOM   1120 C C   . ALA A 1 151 ? -5.185  5.815   -11.186 1.00 60.92  ? 257 ALA A C   1 
ATOM   1121 O O   . ALA A 1 151 ? -5.243  6.533   -10.190 1.00 61.23  ? 257 ALA A O   1 
ATOM   1122 C CB  . ALA A 1 151 ? -3.426  4.774   -12.623 1.00 58.36  ? 257 ALA A CB  1 
ATOM   1123 N N   . GLU A 1 152 ? -5.994  5.972   -12.225 1.00 64.19  ? 258 GLU A N   1 
ATOM   1124 C CA  . GLU A 1 152 ? -7.002  7.024   -12.223 1.00 66.21  ? 258 GLU A CA  1 
ATOM   1125 C C   . GLU A 1 152 ? -8.185  6.714   -11.342 1.00 65.40  ? 258 GLU A C   1 
ATOM   1126 O O   . GLU A 1 152 ? -9.055  7.554   -11.187 1.00 64.86  ? 258 GLU A O   1 
ATOM   1127 C CB  . GLU A 1 152 ? -7.478  7.337   -13.649 1.00 68.26  ? 258 GLU A CB  1 
ATOM   1128 C CG  . GLU A 1 152 ? -7.519  6.155   -14.591 1.00 72.30  ? 258 GLU A CG  1 
ATOM   1129 C CD  . GLU A 1 152 ? -7.042  6.516   -15.999 1.00 75.59  ? 258 GLU A CD  1 
ATOM   1130 O OE1 . GLU A 1 152 ? -5.876  6.969   -16.153 1.00 75.39  ? 258 GLU A OE1 1 
ATOM   1131 O OE2 . GLU A 1 152 ? -7.838  6.342   -16.951 1.00 76.69  ? 258 GLU A OE2 1 
ATOM   1132 N N   . GLU A 1 153 ? -8.202  5.514   -10.763 1.00 67.27  ? 259 GLU A N   1 
ATOM   1133 C CA  . GLU A 1 153 ? -9.281  5.064   -9.867  1.00 67.65  ? 259 GLU A CA  1 
ATOM   1134 C C   . GLU A 1 153 ? -10.643 5.635   -10.309 1.00 67.01  ? 259 GLU A C   1 
ATOM   1135 O O   . GLU A 1 153 ? -11.455 6.063   -9.485  1.00 64.50  ? 259 GLU A O   1 
ATOM   1136 C CB  . GLU A 1 153 ? -8.945  5.503   -8.439  1.00 67.37  ? 259 GLU A CB  1 
ATOM   1137 C CG  . GLU A 1 153 ? -9.556  4.680   -7.332  1.00 67.69  ? 259 GLU A CG  1 
ATOM   1138 C CD  . GLU A 1 153 ? -8.872  4.934   -5.991  1.00 68.92  ? 259 GLU A CD  1 
ATOM   1139 O OE1 . GLU A 1 153 ? -7.701  4.517   -5.821  1.00 67.88  ? 259 GLU A OE1 1 
ATOM   1140 O OE2 . GLU A 1 153 ? -9.503  5.560   -5.111  1.00 69.13  ? 259 GLU A OE2 1 
ATOM   1141 N N   . SER A 1 154 ? -10.874 5.623   -11.622 1.00 67.16  ? 260 SER A N   1 
ATOM   1142 C CA  . SER A 1 154 ? -12.091 6.164   -12.221 1.00 68.31  ? 260 SER A CA  1 
ATOM   1143 C C   . SER A 1 154 ? -13.385 5.515   -11.733 1.00 69.66  ? 260 SER A C   1 
ATOM   1144 O O   . SER A 1 154 ? -13.913 5.849   -10.664 1.00 69.77  ? 260 SER A O   1 
ATOM   1145 C CB  . SER A 1 154 ? -12.010 6.037   -13.745 1.00 67.02  ? 260 SER A CB  1 
ATOM   1146 O OG  . SER A 1 154 ? -10.714 6.354   -14.219 1.00 66.87  ? 260 SER A OG  1 
ATOM   1147 N N   . THR A 1 155 ? -13.898 4.595   -12.542 1.00 69.91  ? 261 THR A N   1 
ATOM   1148 C CA  . THR A 1 155 ? -15.132 3.896   -12.221 1.00 69.53  ? 261 THR A CA  1 
ATOM   1149 C C   . THR A 1 155 ? -14.986 3.066   -10.938 1.00 68.00  ? 261 THR A C   1 
ATOM   1150 O O   . THR A 1 155 ? -15.641 3.345   -9.935  1.00 69.13  ? 261 THR A O   1 
ATOM   1151 C CB  . THR A 1 155 ? -15.577 2.975   -13.415 1.00 69.88  ? 261 THR A CB  1 
ATOM   1152 O OG1 . THR A 1 155 ? -14.638 1.903   -13.601 1.00 70.04  ? 261 THR A OG1 1 
ATOM   1153 C CG2 . THR A 1 155 ? -15.642 3.784   -14.699 1.00 67.77  ? 261 THR A CG2 1 
ATOM   1154 N N   . ARG A 1 156 ? -14.107 2.067   -10.978 1.00 65.21  ? 262 ARG A N   1 
ATOM   1155 C CA  . ARG A 1 156 ? -13.879 1.172   -9.847  1.00 61.68  ? 262 ARG A CA  1 
ATOM   1156 C C   . ARG A 1 156 ? -12.632 1.550   -9.048  1.00 59.83  ? 262 ARG A C   1 
ATOM   1157 O O   . ARG A 1 156 ? -11.916 2.490   -9.385  1.00 58.36  ? 262 ARG A O   1 
ATOM   1158 C CB  . ARG A 1 156 ? -13.715 -0.271  -10.351 1.00 60.89  ? 262 ARG A CB  1 
ATOM   1159 C CG  . ARG A 1 156 ? -14.784 -0.769  -11.319 1.00 59.91  ? 262 ARG A CG  1 
ATOM   1160 C CD  . ARG A 1 156 ? -16.057 -1.148  -10.584 1.00 61.67  ? 262 ARG A CD  1 
ATOM   1161 N NE  . ARG A 1 156 ? -17.118 -1.631  -11.466 1.00 59.98  ? 262 ARG A NE  1 
ATOM   1162 C CZ  . ARG A 1 156 ? -17.557 -0.980  -12.540 1.00 60.06  ? 262 ARG A CZ  1 
ATOM   1163 N NH1 . ARG A 1 156 ? -17.025 0.185   -12.888 1.00 59.57  ? 262 ARG A NH1 1 
ATOM   1164 N NH2 . ARG A 1 156 ? -18.553 -1.482  -13.254 1.00 60.41  ? 262 ARG A NH2 1 
ATOM   1165 N N   . ARG A 1 157 ? -12.381 0.787   -7.989  1.00 58.68  ? 263 ARG A N   1 
ATOM   1166 C CA  . ARG A 1 157 ? -11.220 0.983   -7.129  1.00 56.64  ? 263 ARG A CA  1 
ATOM   1167 C C   . ARG A 1 157 ? -11.012 -0.305  -6.345  1.00 54.96  ? 263 ARG A C   1 
ATOM   1168 O O   . ARG A 1 157 ? -11.953 -1.059  -6.132  1.00 55.47  ? 263 ARG A O   1 
ATOM   1169 C CB  . ARG A 1 157 ? -11.441 2.183   -6.195  1.00 57.04  ? 263 ARG A CB  1 
ATOM   1170 C CG  . ARG A 1 157 ? -11.437 1.893   -4.704  1.00 60.08  ? 263 ARG A CG  1 
ATOM   1171 C CD  . ARG A 1 157 ? -11.178 3.180   -3.909  1.00 62.82  ? 263 ARG A CD  1 
ATOM   1172 N NE  . ARG A 1 157 ? -11.216 2.992   -2.456  1.00 64.45  ? 263 ARG A NE  1 
ATOM   1173 C CZ  . ARG A 1 157 ? -12.333 2.967   -1.732  1.00 65.76  ? 263 ARG A CZ  1 
ATOM   1174 N NH1 . ARG A 1 157 ? -13.511 3.123   -2.330  1.00 64.37  ? 263 ARG A NH1 1 
ATOM   1175 N NH2 . ARG A 1 157 ? -12.277 2.788   -0.412  1.00 65.12  ? 263 ARG A NH2 1 
ATOM   1176 N N   . MET A 1 158 ? -9.775  -0.567  -5.944  1.00 54.17  ? 264 MET A N   1 
ATOM   1177 C CA  . MET A 1 158 ? -9.449  -1.775  -5.197  1.00 52.77  ? 264 MET A CA  1 
ATOM   1178 C C   . MET A 1 158 ? -9.451  -1.493  -3.708  1.00 51.75  ? 264 MET A C   1 
ATOM   1179 O O   . MET A 1 158 ? -8.858  -0.522  -3.257  1.00 52.54  ? 264 MET A O   1 
ATOM   1180 C CB  . MET A 1 158 ? -8.086  -2.290  -5.622  1.00 54.92  ? 264 MET A CB  1 
ATOM   1181 C CG  . MET A 1 158 ? -7.750  -3.645  -5.064  1.00 57.45  ? 264 MET A CG  1 
ATOM   1182 S SD  . MET A 1 158 ? -6.519  -4.433  -6.088  1.00 61.47  ? 264 MET A SD  1 
ATOM   1183 C CE  . MET A 1 158 ? -7.523  -5.007  -7.435  1.00 58.39  ? 264 MET A CE  1 
ATOM   1184 N N   . VAL A 1 159 ? -10.075 -2.368  -2.935  1.00 50.56  ? 265 VAL A N   1 
ATOM   1185 C CA  . VAL A 1 159 ? -10.181 -2.129  -1.515  1.00 49.59  ? 265 VAL A CA  1 
ATOM   1186 C C   . VAL A 1 159 ? -9.975  -3.291  -0.546  1.00 49.70  ? 265 VAL A C   1 
ATOM   1187 O O   . VAL A 1 159 ? -10.202 -4.457  -0.874  1.00 49.24  ? 265 VAL A O   1 
ATOM   1188 C CB  . VAL A 1 159 ? -11.548 -1.473  -1.256  1.00 51.04  ? 265 VAL A CB  1 
ATOM   1189 C CG1 . VAL A 1 159 ? -11.901 -1.476  0.222   1.00 52.08  ? 265 VAL A CG1 1 
ATOM   1190 C CG2 . VAL A 1 159 ? -11.510 -0.052  -1.789  1.00 52.58  ? 265 VAL A CG2 1 
ATOM   1191 N N   . GLU A 1 160 ? -9.528  -2.939  0.659   1.00 49.11  ? 266 GLU A N   1 
ATOM   1192 C CA  . GLU A 1 160 ? -9.311  -3.884  1.744   1.00 47.75  ? 266 GLU A CA  1 
ATOM   1193 C C   . GLU A 1 160 ? -10.384 -3.562  2.790   1.00 46.68  ? 266 GLU A C   1 
ATOM   1194 O O   . GLU A 1 160 ? -10.480 -2.433  3.260   1.00 47.08  ? 266 GLU A O   1 
ATOM   1195 C CB  . GLU A 1 160 ? -7.905  -3.707  2.342   1.00 48.08  ? 266 GLU A CB  1 
ATOM   1196 C CG  . GLU A 1 160 ? -6.785  -4.327  1.511   1.00 50.81  ? 266 GLU A CG  1 
ATOM   1197 C CD  . GLU A 1 160 ? -5.389  -4.037  2.060   1.00 53.70  ? 266 GLU A CD  1 
ATOM   1198 O OE1 . GLU A 1 160 ? -5.169  -4.196  3.279   1.00 55.34  ? 266 GLU A OE1 1 
ATOM   1199 O OE2 . GLU A 1 160 ? -4.499  -3.662  1.266   1.00 56.37  ? 266 GLU A OE2 1 
ATOM   1200 N N   . VAL A 1 161 ? -11.190 -4.556  3.153   1.00 45.25  ? 267 VAL A N   1 
ATOM   1201 C CA  . VAL A 1 161 ? -12.268 -4.363  4.116   1.00 42.91  ? 267 VAL A CA  1 
ATOM   1202 C C   . VAL A 1 161 ? -12.146 -5.317  5.305   1.00 42.95  ? 267 VAL A C   1 
ATOM   1203 O O   . VAL A 1 161 ? -12.416 -6.513  5.198   1.00 41.48  ? 267 VAL A O   1 
ATOM   1204 C CB  . VAL A 1 161 ? -13.640 -4.594  3.438   1.00 43.16  ? 267 VAL A CB  1 
ATOM   1205 C CG1 . VAL A 1 161 ? -14.754 -4.065  4.304   1.00 41.63  ? 267 VAL A CG1 1 
ATOM   1206 C CG2 . VAL A 1 161 ? -13.659 -3.939  2.069   1.00 43.27  ? 267 VAL A CG2 1 
ATOM   1207 N N   . PRO A 1 162 ? -11.745 -4.792  6.469   1.00 44.51  ? 268 PRO A N   1 
ATOM   1208 C CA  . PRO A 1 162 ? -11.597 -5.629  7.669   1.00 43.95  ? 268 PRO A CA  1 
ATOM   1209 C C   . PRO A 1 162 ? -12.929 -6.157  8.185   1.00 45.07  ? 268 PRO A C   1 
ATOM   1210 O O   . PRO A 1 162 ? -13.942 -5.451  8.153   1.00 45.89  ? 268 PRO A O   1 
ATOM   1211 C CB  . PRO A 1 162 ? -10.938 -4.685  8.663   1.00 41.96  ? 268 PRO A CB  1 
ATOM   1212 C CG  . PRO A 1 162 ? -11.524 -3.343  8.273   1.00 42.42  ? 268 PRO A CG  1 
ATOM   1213 C CD  . PRO A 1 162 ? -11.442 -3.378  6.762   1.00 43.28  ? 268 PRO A CD  1 
ATOM   1214 N N   . ILE A 1 163 ? -12.918 -7.398  8.661   1.00 46.15  ? 269 ILE A N   1 
ATOM   1215 C CA  . ILE A 1 163 ? -14.113 -8.036  9.197   1.00 46.51  ? 269 ILE A CA  1 
ATOM   1216 C C   . ILE A 1 163 ? -14.154 -7.843  10.699  1.00 49.67  ? 269 ILE A C   1 
ATOM   1217 O O   . ILE A 1 163 ? -13.433 -8.512  11.435  1.00 50.68  ? 269 ILE A O   1 
ATOM   1218 C CB  . ILE A 1 163 ? -14.125 -9.543  8.904   1.00 44.20  ? 269 ILE A CB  1 
ATOM   1219 C CG1 . ILE A 1 163 ? -14.317 -9.769  7.406   1.00 41.76  ? 269 ILE A CG1 1 
ATOM   1220 C CG2 . ILE A 1 163 ? -15.209 -10.224 9.718   1.00 42.56  ? 269 ILE A CG2 1 
ATOM   1221 C CD1 . ILE A 1 163 ? -14.433 -11.216 7.031   1.00 41.70  ? 269 ILE A CD1 1 
ATOM   1222 N N   . PRO A 1 164 ? -15.017 -6.935  11.178  1.00 52.53  ? 270 PRO A N   1 
ATOM   1223 C CA  . PRO A 1 164 ? -15.140 -6.658  12.613  1.00 53.47  ? 270 PRO A CA  1 
ATOM   1224 C C   . PRO A 1 164 ? -15.451 -7.898  13.427  1.00 55.01  ? 270 PRO A C   1 
ATOM   1225 O O   . PRO A 1 164 ? -15.899 -8.912  12.896  1.00 55.08  ? 270 PRO A O   1 
ATOM   1226 C CB  . PRO A 1 164 ? -16.291 -5.663  12.668  1.00 52.94  ? 270 PRO A CB  1 
ATOM   1227 C CG  . PRO A 1 164 ? -17.172 -6.138  11.559  1.00 51.89  ? 270 PRO A CG  1 
ATOM   1228 C CD  . PRO A 1 164 ? -16.155 -6.348  10.449  1.00 52.44  ? 270 PRO A CD  1 
ATOM   1229 N N   . GLU A 1 165 ? -15.207 -7.811  14.725  1.00 57.48  ? 271 GLU A N   1 
ATOM   1230 C CA  . GLU A 1 165 ? -15.512 -8.923  15.606  1.00 59.30  ? 271 GLU A CA  1 
ATOM   1231 C C   . GLU A 1 165 ? -17.039 -8.933  15.690  1.00 58.15  ? 271 GLU A C   1 
ATOM   1232 O O   . GLU A 1 165 ? -17.656 -7.889  15.913  1.00 57.43  ? 271 GLU A O   1 
ATOM   1233 C CB  . GLU A 1 165 ? -14.898 -8.676  16.986  1.00 61.84  ? 271 GLU A CB  1 
ATOM   1234 C CG  . GLU A 1 165 ? -15.213 -9.740  18.038  1.00 66.74  ? 271 GLU A CG  1 
ATOM   1235 C CD  . GLU A 1 165 ? -14.601 -11.096 17.717  1.00 70.74  ? 271 GLU A CD  1 
ATOM   1236 O OE1 . GLU A 1 165 ? -15.325 -11.976 17.183  1.00 71.90  ? 271 GLU A OE1 1 
ATOM   1237 O OE2 . GLU A 1 165 ? -13.389 -11.274 17.996  1.00 71.17  ? 271 GLU A OE2 1 
ATOM   1238 N N   . GLY A 1 166 ? -17.648 -10.095 15.483  1.00 57.68  ? 272 GLY A N   1 
ATOM   1239 C CA  . GLY A 1 166 ? -19.098 -10.186 15.555  1.00 56.99  ? 272 GLY A CA  1 
ATOM   1240 C C   . GLY A 1 166 ? -19.778 -9.789  14.261  1.00 57.15  ? 272 GLY A C   1 
ATOM   1241 O O   . GLY A 1 166 ? -20.977 -9.522  14.225  1.00 56.79  ? 272 GLY A O   1 
ATOM   1242 N N   . SER A 1 167 ? -18.994 -9.744  13.192  1.00 57.22  ? 273 SER A N   1 
ATOM   1243 C CA  . SER A 1 167 ? -19.485 -9.395  11.867  1.00 55.90  ? 273 SER A CA  1 
ATOM   1244 C C   . SER A 1 167 ? -20.635 -10.317 11.463  1.00 56.82  ? 273 SER A C   1 
ATOM   1245 O O   . SER A 1 167 ? -20.744 -11.443 11.968  1.00 58.68  ? 273 SER A O   1 
ATOM   1246 C CB  . SER A 1 167 ? -18.337 -9.534  10.871  1.00 55.42  ? 273 SER A CB  1 
ATOM   1247 O OG  . SER A 1 167 ? -18.813 -9.642  9.549   1.00 54.63  ? 273 SER A OG  1 
ATOM   1248 N N   . LYS A 1 168 ? -21.495 -9.849  10.560  1.00 54.57  ? 274 LYS A N   1 
ATOM   1249 C CA  . LYS A 1 168 ? -22.611 -10.665 10.091  1.00 52.64  ? 274 LYS A CA  1 
ATOM   1250 C C   . LYS A 1 168 ? -22.103 -11.802 9.191   1.00 52.68  ? 274 LYS A C   1 
ATOM   1251 O O   . LYS A 1 168 ? -22.829 -12.758 8.901   1.00 52.66  ? 274 LYS A O   1 
ATOM   1252 C CB  . LYS A 1 168 ? -23.626 -9.803  9.323   1.00 51.84  ? 274 LYS A CB  1 
ATOM   1253 C CG  . LYS A 1 168 ? -24.422 -8.839  10.201  1.00 51.17  ? 274 LYS A CG  1 
ATOM   1254 C CD  . LYS A 1 168 ? -25.487 -8.074  9.418   1.00 48.90  ? 274 LYS A CD  1 
ATOM   1255 C CE  . LYS A 1 168 ? -24.890 -7.241  8.289   1.00 49.70  ? 274 LYS A CE  1 
ATOM   1256 N NZ  . LYS A 1 168 ? -23.930 -6.196  8.759   1.00 49.48  ? 274 LYS A NZ  1 
ATOM   1257 N N   . LEU A 1 169 ? -20.855 -11.694 8.741   1.00 51.56  ? 275 LEU A N   1 
ATOM   1258 C CA  . LEU A 1 169 ? -20.270 -12.723 7.892   1.00 50.88  ? 275 LEU A CA  1 
ATOM   1259 C C   . LEU A 1 169 ? -19.299 -13.580 8.689   1.00 51.23  ? 275 LEU A C   1 
ATOM   1260 O O   . LEU A 1 169 ? -18.581 -14.405 8.130   1.00 50.61  ? 275 LEU A O   1 
ATOM   1261 C CB  . LEU A 1 169 ? -19.563 -12.096 6.684   1.00 49.93  ? 275 LEU A CB  1 
ATOM   1262 C CG  . LEU A 1 169 ? -20.522 -11.476 5.663   1.00 48.92  ? 275 LEU A CG  1 
ATOM   1263 C CD1 . LEU A 1 169 ? -19.772 -10.917 4.481   1.00 47.55  ? 275 LEU A CD1 1 
ATOM   1264 C CD2 . LEU A 1 169 ? -21.489 -12.551 5.210   1.00 50.05  ? 275 LEU A CD2 1 
ATOM   1265 N N   . GLU A 1 170 ? -19.287 -13.376 10.003  1.00 52.00  ? 276 GLU A N   1 
ATOM   1266 C CA  . GLU A 1 170 ? -18.426 -14.149 10.885  1.00 52.91  ? 276 GLU A CA  1 
ATOM   1267 C C   . GLU A 1 170 ? -18.788 -15.623 10.748  1.00 51.95  ? 276 GLU A C   1 
ATOM   1268 O O   . GLU A 1 170 ? -19.940 -16.005 10.925  1.00 51.53  ? 276 GLU A O   1 
ATOM   1269 C CB  . GLU A 1 170 ? -18.622 -13.716 12.334  1.00 55.51  ? 276 GLU A CB  1 
ATOM   1270 C CG  . GLU A 1 170 ? -17.926 -14.627 13.332  1.00 59.20  ? 276 GLU A CG  1 
ATOM   1271 C CD  . GLU A 1 170 ? -16.668 -14.014 13.901  1.00 62.90  ? 276 GLU A CD  1 
ATOM   1272 O OE1 . GLU A 1 170 ? -16.793 -12.994 14.620  1.00 65.38  ? 276 GLU A OE1 1 
ATOM   1273 O OE2 . GLU A 1 170 ? -15.562 -14.549 13.628  1.00 64.94  ? 276 GLU A OE2 1 
ATOM   1274 N N   . GLY A 1 171 ? -17.806 -16.450 10.425  1.00 52.04  ? 277 GLY A N   1 
ATOM   1275 C CA  . GLY A 1 171 ? -18.085 -17.864 10.270  1.00 51.30  ? 277 GLY A CA  1 
ATOM   1276 C C   . GLY A 1 171 ? -18.998 -18.212 9.098   1.00 51.16  ? 277 GLY A C   1 
ATOM   1277 O O   . GLY A 1 171 ? -19.665 -19.239 9.131   1.00 52.97  ? 277 GLY A O   1 
ATOM   1278 N N   . VAL A 1 172 ? -19.042 -17.377 8.065   1.00 49.66  ? 278 VAL A N   1 
ATOM   1279 C CA  . VAL A 1 172 ? -19.881 -17.671 6.906   1.00 48.28  ? 278 VAL A CA  1 
ATOM   1280 C C   . VAL A 1 172 ? -18.989 -18.042 5.729   1.00 49.27  ? 278 VAL A C   1 
ATOM   1281 O O   . VAL A 1 172 ? -18.016 -17.354 5.445   1.00 49.90  ? 278 VAL A O   1 
ATOM   1282 C CB  . VAL A 1 172 ? -20.739 -16.466 6.519   1.00 47.30  ? 278 VAL A CB  1 
ATOM   1283 C CG1 . VAL A 1 172 ? -21.627 -16.817 5.343   1.00 43.66  ? 278 VAL A CG1 1 
ATOM   1284 C CG2 . VAL A 1 172 ? -21.562 -16.031 7.710   1.00 46.64  ? 278 VAL A CG2 1 
ATOM   1285 N N   . SER A 1 173 ? -19.312 -19.130 5.045   1.00 49.31  ? 279 SER A N   1 
ATOM   1286 C CA  . SER A 1 173 ? -18.488 -19.549 3.928   1.00 50.43  ? 279 SER A CA  1 
ATOM   1287 C C   . SER A 1 173 ? -18.597 -18.552 2.788   1.00 52.24  ? 279 SER A C   1 
ATOM   1288 O O   . SER A 1 173 ? -19.591 -17.838 2.662   1.00 53.34  ? 279 SER A O   1 
ATOM   1289 C CB  . SER A 1 173 ? -18.907 -20.934 3.435   1.00 49.90  ? 279 SER A CB  1 
ATOM   1290 O OG  . SER A 1 173 ? -20.170 -20.891 2.805   1.00 48.76  ? 279 SER A OG  1 
ATOM   1291 N N   . VAL A 1 174 ? -17.554 -18.501 1.966   1.00 52.52  ? 280 VAL A N   1 
ATOM   1292 C CA  . VAL A 1 174 ? -17.526 -17.611 0.819   1.00 51.57  ? 280 VAL A CA  1 
ATOM   1293 C C   . VAL A 1 174 ? -18.782 -17.850 -0.002  1.00 51.00  ? 280 VAL A C   1 
ATOM   1294 O O   . VAL A 1 174 ? -19.524 -16.922 -0.326  1.00 50.46  ? 280 VAL A O   1 
ATOM   1295 C CB  . VAL A 1 174 ? -16.282 -17.896 -0.045  1.00 51.59  ? 280 VAL A CB  1 
ATOM   1296 C CG1 . VAL A 1 174 ? -16.522 -17.471 -1.482  1.00 50.45  ? 280 VAL A CG1 1 
ATOM   1297 C CG2 . VAL A 1 174 ? -15.084 -17.164 0.537   1.00 51.24  ? 280 VAL A CG2 1 
ATOM   1298 N N   . LEU A 1 175 ? -19.014 -19.115 -0.325  1.00 51.62  ? 281 LEU A N   1 
ATOM   1299 C CA  . LEU A 1 175 ? -20.176 -19.508 -1.105  1.00 51.29  ? 281 LEU A CA  1 
ATOM   1300 C C   . LEU A 1 175 ? -21.467 -18.939 -0.516  1.00 51.04  ? 281 LEU A C   1 
ATOM   1301 O O   . LEU A 1 175 ? -22.241 -18.302 -1.222  1.00 51.64  ? 281 LEU A O   1 
ATOM   1302 C CB  . LEU A 1 175 ? -20.232 -21.037 -1.188  1.00 51.93  ? 281 LEU A CB  1 
ATOM   1303 C CG  . LEU A 1 175 ? -21.447 -21.764 -1.773  1.00 50.88  ? 281 LEU A CG  1 
ATOM   1304 C CD1 . LEU A 1 175 ? -22.525 -21.851 -0.717  1.00 51.26  ? 281 LEU A CD1 1 
ATOM   1305 C CD2 . LEU A 1 175 ? -21.932 -21.064 -3.029  1.00 48.47  ? 281 LEU A CD2 1 
ATOM   1306 N N   . ASP A 1 176 ? -21.694 -19.141 0.777   1.00 49.92  ? 282 ASP A N   1 
ATOM   1307 C CA  . ASP A 1 176 ? -22.916 -18.637 1.392   1.00 49.19  ? 282 ASP A CA  1 
ATOM   1308 C C   . ASP A 1 176 ? -22.991 -17.125 1.558   1.00 47.53  ? 282 ASP A C   1 
ATOM   1309 O O   . ASP A 1 176 ? -24.084 -16.573 1.629   1.00 47.37  ? 282 ASP A O   1 
ATOM   1310 C CB  . ASP A 1 176 ? -23.158 -19.296 2.752   1.00 51.53  ? 282 ASP A CB  1 
ATOM   1311 C CG  . ASP A 1 176 ? -23.480 -20.770 2.636   1.00 52.86  ? 282 ASP A CG  1 
ATOM   1312 O OD1 . ASP A 1 176 ? -24.174 -21.155 1.668   1.00 55.19  ? 282 ASP A OD1 1 
ATOM   1313 O OD2 . ASP A 1 176 ? -23.054 -21.539 3.521   1.00 54.24  ? 282 ASP A OD2 1 
ATOM   1314 N N   . ALA A 1 177 ? -21.844 -16.456 1.629   1.00 45.51  ? 283 ALA A N   1 
ATOM   1315 C CA  . ALA A 1 177 ? -21.829 -15.007 1.797   1.00 42.34  ? 283 ALA A CA  1 
ATOM   1316 C C   . ALA A 1 177 ? -22.415 -14.315 0.569   1.00 41.54  ? 283 ALA A C   1 
ATOM   1317 O O   . ALA A 1 177 ? -23.036 -13.263 0.678   1.00 40.37  ? 283 ALA A O   1 
ATOM   1318 C CB  . ALA A 1 177 ? -20.407 -14.530 2.045   1.00 42.06  ? 283 ALA A CB  1 
ATOM   1319 N N   . ASP A 1 178 ? -22.210 -14.920 -0.598  1.00 42.41  ? 284 ASP A N   1 
ATOM   1320 C CA  . ASP A 1 178 ? -22.706 -14.397 -1.876  1.00 42.67  ? 284 ASP A CA  1 
ATOM   1321 C C   . ASP A 1 178 ? -22.468 -12.887 -2.037  1.00 41.78  ? 284 ASP A C   1 
ATOM   1322 O O   . ASP A 1 178 ? -23.319 -12.151 -2.537  1.00 42.17  ? 284 ASP A O   1 
ATOM   1323 C CB  . ASP A 1 178 ? -24.199 -14.723 -2.013  1.00 42.95  ? 284 ASP A CB  1 
ATOM   1324 C CG  . ASP A 1 178 ? -24.707 -14.539 -3.431  1.00 45.53  ? 284 ASP A CG  1 
ATOM   1325 O OD1 . ASP A 1 178 ? -25.945 -14.593 -3.627  1.00 45.86  ? 284 ASP A OD1 1 
ATOM   1326 O OD2 . ASP A 1 178 ? -23.872 -14.339 -4.348  1.00 47.72  ? 284 ASP A OD2 1 
ATOM   1327 N N   . ILE A 1 179 ? -21.276 -12.448 -1.644  1.00 42.42  ? 285 ILE A N   1 
ATOM   1328 C CA  . ILE A 1 179 ? -20.889 -11.039 -1.675  1.00 41.22  ? 285 ILE A CA  1 
ATOM   1329 C C   . ILE A 1 179 ? -21.032 -10.286 -2.986  1.00 41.07  ? 285 ILE A C   1 
ATOM   1330 O O   . ILE A 1 179 ? -21.542 -9.169  -3.010  1.00 41.26  ? 285 ILE A O   1 
ATOM   1331 C CB  . ILE A 1 179 ? -19.448 -10.874 -1.184  1.00 41.45  ? 285 ILE A CB  1 
ATOM   1332 C CG1 . ILE A 1 179 ? -19.373 -11.270 0.299   1.00 40.48  ? 285 ILE A CG1 1 
ATOM   1333 C CG2 . ILE A 1 179 ? -18.974 -9.448  -1.439  1.00 40.93  ? 285 ILE A CG2 1 
ATOM   1334 C CD1 . ILE A 1 179 ? -18.004 -11.144 0.914   1.00 40.97  ? 285 ILE A CD1 1 
ATOM   1335 N N   . HIS A 1 180 ? -20.583 -10.883 -4.075  1.00 40.99  ? 286 HIS A N   1 
ATOM   1336 C CA  . HIS A 1 180 ? -20.680 -10.212 -5.354  1.00 40.17  ? 286 HIS A CA  1 
ATOM   1337 C C   . HIS A 1 180 ? -22.114 -9.893  -5.767  1.00 40.48  ? 286 HIS A C   1 
ATOM   1338 O O   . HIS A 1 180 ? -22.417 -8.759  -6.137  1.00 40.01  ? 286 HIS A O   1 
ATOM   1339 C CB  . HIS A 1 180 ? -20.019 -11.048 -6.438  1.00 40.12  ? 286 HIS A CB  1 
ATOM   1340 C CG  . HIS A 1 180 ? -19.931 -10.347 -7.748  1.00 43.65  ? 286 HIS A CG  1 
ATOM   1341 N ND1 . HIS A 1 180 ? -19.419 -9.072  -7.870  1.00 47.63  ? 286 HIS A ND1 1 
ATOM   1342 C CD2 . HIS A 1 180 ? -20.319 -10.716 -8.990  1.00 46.59  ? 286 HIS A CD2 1 
ATOM   1343 C CE1 . HIS A 1 180 ? -19.500 -8.684  -9.130  1.00 45.88  ? 286 HIS A CE1 1 
ATOM   1344 N NE2 . HIS A 1 180 ? -20.043 -9.662  -9.830  1.00 47.25  ? 286 HIS A NE2 1 
ATOM   1345 N N   . ASP A 1 181 ? -23.000 -10.884 -5.701  1.00 41.72  ? 287 ASP A N   1 
ATOM   1346 C CA  . ASP A 1 181 ? -24.394 -10.672 -6.111  1.00 41.71  ? 287 ASP A CA  1 
ATOM   1347 C C   . ASP A 1 181 ? -25.200 -9.787  -5.181  1.00 40.14  ? 287 ASP A C   1 
ATOM   1348 O O   . ASP A 1 181 ? -26.150 -9.128  -5.602  1.00 39.46  ? 287 ASP A O   1 
ATOM   1349 C CB  . ASP A 1 181 ? -25.117 -12.007 -6.286  1.00 42.10  ? 287 ASP A CB  1 
ATOM   1350 C CG  . ASP A 1 181 ? -24.634 -12.766 -7.498  1.00 44.10  ? 287 ASP A CG  1 
ATOM   1351 O OD1 . ASP A 1 181 ? -24.143 -12.115 -8.454  1.00 44.19  ? 287 ASP A OD1 1 
ATOM   1352 O OD2 . ASP A 1 181 ? -24.755 -14.010 -7.501  1.00 46.48  ? 287 ASP A OD2 1 
ATOM   1353 N N   . VAL A 1 182 ? -24.819 -9.779  -3.914  1.00 38.08  ? 288 VAL A N   1 
ATOM   1354 C CA  . VAL A 1 182 ? -25.502 -8.965  -2.943  1.00 34.39  ? 288 VAL A CA  1 
ATOM   1355 C C   . VAL A 1 182 ? -24.989 -7.519  -2.968  1.00 35.01  ? 288 VAL A C   1 
ATOM   1356 O O   . VAL A 1 182 ? -25.772 -6.589  -2.838  1.00 37.11  ? 288 VAL A O   1 
ATOM   1357 C CB  . VAL A 1 182 ? -25.319 -9.552  -1.531  1.00 32.53  ? 288 VAL A CB  1 
ATOM   1358 C CG1 . VAL A 1 182 ? -26.000 -8.658  -0.506  1.00 32.47  ? 288 VAL A CG1 1 
ATOM   1359 C CG2 . VAL A 1 182 ? -25.880 -10.959 -1.477  1.00 27.96  ? 288 VAL A CG2 1 
ATOM   1360 N N   . THR A 1 183 ? -23.686 -7.324  -3.163  1.00 35.69  ? 289 THR A N   1 
ATOM   1361 C CA  . THR A 1 183 ? -23.098 -5.978  -3.138  1.00 35.66  ? 289 THR A CA  1 
ATOM   1362 C C   . THR A 1 183 ? -22.565 -5.416  -4.460  1.00 36.92  ? 289 THR A C   1 
ATOM   1363 O O   . THR A 1 183 ? -22.484 -4.195  -4.632  1.00 37.21  ? 289 THR A O   1 
ATOM   1364 C CB  . THR A 1 183 ? -21.942 -5.911  -2.108  1.00 35.50  ? 289 THR A CB  1 
ATOM   1365 O OG1 . THR A 1 183 ? -20.860 -6.728  -2.566  1.00 35.44  ? 289 THR A OG1 1 
ATOM   1366 C CG2 . THR A 1 183 ? -22.399 -6.426  -0.720  1.00 34.02  ? 289 THR A CG2 1 
ATOM   1367 N N   . GLY A 1 184 ? -22.180 -6.298  -5.380  1.00 37.14  ? 290 GLY A N   1 
ATOM   1368 C CA  . GLY A 1 184 ? -21.661 -5.854  -6.661  1.00 37.35  ? 290 GLY A CA  1 
ATOM   1369 C C   . GLY A 1 184 ? -20.145 -5.764  -6.686  1.00 38.19  ? 290 GLY A C   1 
ATOM   1370 O O   . GLY A 1 184 ? -19.537 -5.458  -7.722  1.00 37.82  ? 290 GLY A O   1 
ATOM   1371 N N   . VAL A 1 185 ? -19.534 -6.029  -5.535  1.00 38.07  ? 291 VAL A N   1 
ATOM   1372 C CA  . VAL A 1 185 ? -18.085 -5.991  -5.387  1.00 37.81  ? 291 VAL A CA  1 
ATOM   1373 C C   . VAL A 1 185 ? -17.489 -7.336  -5.759  1.00 37.67  ? 291 VAL A C   1 
ATOM   1374 O O   . VAL A 1 185 ? -17.955 -8.372  -5.294  1.00 38.06  ? 291 VAL A O   1 
ATOM   1375 C CB  . VAL A 1 185 ? -17.681 -5.691  -3.930  1.00 37.19  ? 291 VAL A CB  1 
ATOM   1376 C CG1 . VAL A 1 185 ? -16.174 -5.717  -3.790  1.00 35.99  ? 291 VAL A CG1 1 
ATOM   1377 C CG2 . VAL A 1 185 ? -18.227 -4.342  -3.510  1.00 37.94  ? 291 VAL A CG2 1 
ATOM   1378 N N   . ILE A 1 186 ? -16.466 -7.320  -6.600  1.00 37.77  ? 292 ILE A N   1 
ATOM   1379 C CA  . ILE A 1 186 ? -15.796 -8.552  -7.001  1.00 38.30  ? 292 ILE A CA  1 
ATOM   1380 C C   . ILE A 1 186 ? -14.767 -8.902  -5.918  1.00 39.49  ? 292 ILE A C   1 
ATOM   1381 O O   . ILE A 1 186 ? -13.792 -8.170  -5.725  1.00 39.48  ? 292 ILE A O   1 
ATOM   1382 C CB  . ILE A 1 186 ? -15.037 -8.374  -8.344  1.00 38.96  ? 292 ILE A CB  1 
ATOM   1383 C CG1 . ILE A 1 186 ? -15.999 -7.878  -9.430  1.00 41.02  ? 292 ILE A CG1 1 
ATOM   1384 C CG2 . ILE A 1 186 ? -14.391 -9.680  -8.765  1.00 33.93  ? 292 ILE A CG2 1 
ATOM   1385 C CD1 . ILE A 1 186 ? -15.362 -7.758  -10.820 1.00 41.26  ? 292 ILE A CD1 1 
ATOM   1386 N N   . ILE A 1 187 ? -14.980 -9.997  -5.193  1.00 40.22  ? 293 ILE A N   1 
ATOM   1387 C CA  . ILE A 1 187 ? -14.013 -10.384 -4.172  1.00 42.55  ? 293 ILE A CA  1 
ATOM   1388 C C   . ILE A 1 187 ? -12.837 -11.090 -4.848  1.00 43.78  ? 293 ILE A C   1 
ATOM   1389 O O   . ILE A 1 187 ? -13.017 -12.127 -5.495  1.00 44.67  ? 293 ILE A O   1 
ATOM   1390 C CB  . ILE A 1 187 ? -14.635 -11.326 -3.125  1.00 43.38  ? 293 ILE A CB  1 
ATOM   1391 C CG1 . ILE A 1 187 ? -15.779 -10.601 -2.420  1.00 45.56  ? 293 ILE A CG1 1 
ATOM   1392 C CG2 . ILE A 1 187 ? -13.574 -11.785 -2.113  1.00 42.69  ? 293 ILE A CG2 1 
ATOM   1393 C CD1 . ILE A 1 187 ? -15.411 -9.191  -1.948  1.00 46.01  ? 293 ILE A CD1 1 
ATOM   1394 N N   . ILE A 1 188 ? -11.637 -10.527 -4.719  1.00 43.56  ? 294 ILE A N   1 
ATOM   1395 C CA  . ILE A 1 188 ? -10.477 -11.143 -5.341  1.00 42.31  ? 294 ILE A CA  1 
ATOM   1396 C C   . ILE A 1 188 ? -9.540  -11.824 -4.361  1.00 41.86  ? 294 ILE A C   1 
ATOM   1397 O O   . ILE A 1 188 ? -8.565  -12.412 -4.783  1.00 44.46  ? 294 ILE A O   1 
ATOM   1398 C CB  . ILE A 1 188 ? -9.662  -10.136 -6.174  1.00 41.62  ? 294 ILE A CB  1 
ATOM   1399 C CG1 . ILE A 1 188 ? -9.186  -8.990  -5.284  1.00 43.19  ? 294 ILE A CG1 1 
ATOM   1400 C CG2 . ILE A 1 188 ? -10.495 -9.633  -7.341  1.00 40.72  ? 294 ILE A CG2 1 
ATOM   1401 C CD1 . ILE A 1 188 ? -8.423  -7.905  -6.035  1.00 42.62  ? 294 ILE A CD1 1 
ATOM   1402 N N   . GLY A 1 189 ? -9.816  -11.754 -3.063  1.00 40.79  ? 295 GLY A N   1 
ATOM   1403 C CA  . GLY A 1 189 ? -8.937  -12.421 -2.118  1.00 40.11  ? 295 GLY A CA  1 
ATOM   1404 C C   . GLY A 1 189 ? -9.184  -12.122 -0.655  1.00 41.17  ? 295 GLY A C   1 
ATOM   1405 O O   . GLY A 1 189 ? -9.844  -11.141 -0.316  1.00 39.70  ? 295 GLY A O   1 
ATOM   1406 N N   . VAL A 1 190 ? -8.662  -12.980 0.217   1.00 42.02  ? 296 VAL A N   1 
ATOM   1407 C CA  . VAL A 1 190 ? -8.797  -12.782 1.657   1.00 45.41  ? 296 VAL A CA  1 
ATOM   1408 C C   . VAL A 1 190 ? -7.414  -12.749 2.311   1.00 46.61  ? 296 VAL A C   1 
ATOM   1409 O O   . VAL A 1 190 ? -6.541  -13.547 1.974   1.00 45.11  ? 296 VAL A O   1 
ATOM   1410 C CB  . VAL A 1 190 ? -9.611  -13.901 2.336   1.00 45.64  ? 296 VAL A CB  1 
ATOM   1411 C CG1 . VAL A 1 190 ? -9.659  -13.659 3.843   1.00 46.09  ? 296 VAL A CG1 1 
ATOM   1412 C CG2 . VAL A 1 190 ? -11.011 -13.936 1.783   1.00 47.22  ? 296 VAL A CG2 1 
ATOM   1413 N N   . GLY A 1 191 ? -7.233  -11.823 3.247   1.00 47.74  ? 297 GLY A N   1 
ATOM   1414 C CA  . GLY A 1 191 ? -5.965  -11.693 3.932   1.00 50.94  ? 297 GLY A CA  1 
ATOM   1415 C C   . GLY A 1 191 ? -6.073  -12.016 5.410   1.00 54.21  ? 297 GLY A C   1 
ATOM   1416 O O   . GLY A 1 191 ? -6.914  -11.462 6.128   1.00 53.54  ? 297 GLY A O   1 
ATOM   1417 N N   . ARG A 1 192 ? -5.213  -12.918 5.868   1.00 56.93  ? 298 ARG A N   1 
ATOM   1418 C CA  . ARG A 1 192 ? -5.201  -13.324 7.263   1.00 60.60  ? 298 ARG A CA  1 
ATOM   1419 C C   . ARG A 1 192 ? -3.755  -13.614 7.640   1.00 62.87  ? 298 ARG A C   1 
ATOM   1420 O O   . ARG A 1 192 ? -3.076  -14.378 6.954   1.00 63.99  ? 298 ARG A O   1 
ATOM   1421 C CB  . ARG A 1 192 ? -6.067  -14.571 7.436   1.00 61.61  ? 298 ARG A CB  1 
ATOM   1422 C CG  . ARG A 1 192 ? -6.260  -15.034 8.871   1.00 63.94  ? 298 ARG A CG  1 
ATOM   1423 C CD  . ARG A 1 192 ? -6.985  -16.388 8.897   1.00 67.33  ? 298 ARG A CD  1 
ATOM   1424 N NE  . ARG A 1 192 ? -8.405  -16.300 8.540   1.00 68.40  ? 298 ARG A NE  1 
ATOM   1425 C CZ  . ARG A 1 192 ? -9.145  -17.339 8.159   1.00 68.51  ? 298 ARG A CZ  1 
ATOM   1426 N NH1 . ARG A 1 192 ? -8.590  -18.543 8.079   1.00 66.83  ? 298 ARG A NH1 1 
ATOM   1427 N NH2 . ARG A 1 192 ? -10.436 -17.178 7.859   1.00 67.36  ? 298 ARG A NH2 1 
ATOM   1428 N N   . GLY A 1 193 ? -3.280  -12.998 8.722   1.00 65.11  ? 299 GLY A N   1 
ATOM   1429 C CA  . GLY A 1 193 ? -1.906  -13.210 9.146   1.00 66.93  ? 299 GLY A CA  1 
ATOM   1430 C C   . GLY A 1 193 ? -0.977  -12.885 7.994   1.00 69.37  ? 299 GLY A C   1 
ATOM   1431 O O   . GLY A 1 193 ? -0.213  -13.736 7.522   1.00 70.27  ? 299 GLY A O   1 
ATOM   1432 N N   . ASP A 1 194 ? -1.057  -11.638 7.540   1.00 70.47  ? 300 ASP A N   1 
ATOM   1433 C CA  . ASP A 1 194 ? -0.268  -11.152 6.416   1.00 71.48  ? 300 ASP A CA  1 
ATOM   1434 C C   . ASP A 1 194 ? 0.032   -12.189 5.330   1.00 69.73  ? 300 ASP A C   1 
ATOM   1435 O O   . ASP A 1 194 ? 1.124   -12.225 4.769   1.00 68.39  ? 300 ASP A O   1 
ATOM   1436 C CB  . ASP A 1 194 ? 1.028   -10.493 6.905   1.00 75.30  ? 300 ASP A CB  1 
ATOM   1437 C CG  . ASP A 1 194 ? 0.891   -8.973  7.042   1.00 78.73  ? 300 ASP A CG  1 
ATOM   1438 O OD1 . ASP A 1 194 ? 0.612   -8.489  8.167   1.00 78.89  ? 300 ASP A OD1 1 
ATOM   1439 O OD2 . ASP A 1 194 ? 1.044   -8.271  6.008   1.00 79.95  ? 300 ASP A OD2 1 
ATOM   1440 N N   . GLU A 1 195 ? -0.956  -13.036 5.055   1.00 68.13  ? 301 GLU A N   1 
ATOM   1441 C CA  . GLU A 1 195 ? -0.862  -14.040 4.004   1.00 65.86  ? 301 GLU A CA  1 
ATOM   1442 C C   . GLU A 1 195 ? -2.065  -13.689 3.124   1.00 62.33  ? 301 GLU A C   1 
ATOM   1443 O O   . GLU A 1 195 ? -2.978  -12.992 3.577   1.00 62.03  ? 301 GLU A O   1 
ATOM   1444 C CB  . GLU A 1 195 ? -1.010  -15.461 4.567   1.00 68.48  ? 301 GLU A CB  1 
ATOM   1445 C CG  . GLU A 1 195 ? -0.257  -16.529 3.753   1.00 72.92  ? 301 GLU A CG  1 
ATOM   1446 C CD  . GLU A 1 195 ? -0.979  -17.879 3.678   1.00 75.59  ? 301 GLU A CD  1 
ATOM   1447 O OE1 . GLU A 1 195 ? -1.333  -18.454 4.733   1.00 76.26  ? 301 GLU A OE1 1 
ATOM   1448 O OE2 . GLU A 1 195 ? -1.187  -18.376 2.549   1.00 77.45  ? 301 GLU A OE2 1 
ATOM   1449 N N   . LEU A 1 196 ? -2.079  -14.147 1.880   1.00 57.70  ? 302 LEU A N   1 
ATOM   1450 C CA  . LEU A 1 196 ? -3.191  -13.822 1.003   1.00 53.24  ? 302 LEU A CA  1 
ATOM   1451 C C   . LEU A 1 196 ? -3.664  -15.009 0.194   1.00 52.65  ? 302 LEU A C   1 
ATOM   1452 O O   . LEU A 1 196 ? -2.879  -15.646 -0.501  1.00 53.66  ? 302 LEU A O   1 
ATOM   1453 C CB  . LEU A 1 196 ? -2.800  -12.698 0.041   1.00 50.94  ? 302 LEU A CB  1 
ATOM   1454 C CG  . LEU A 1 196 ? -3.922  -12.153 -0.851  1.00 49.79  ? 302 LEU A CG  1 
ATOM   1455 C CD1 . LEU A 1 196 ? -4.785  -11.189 -0.037  1.00 48.13  ? 302 LEU A CD1 1 
ATOM   1456 C CD2 . LEU A 1 196 ? -3.339  -11.446 -2.073  1.00 48.08  ? 302 LEU A CD2 1 
ATOM   1457 N N   . ILE A 1 197 ? -4.953  -15.309 0.291   1.00 51.64  ? 303 ILE A N   1 
ATOM   1458 C CA  . ILE A 1 197 ? -5.540  -16.395 -0.475  1.00 51.70  ? 303 ILE A CA  1 
ATOM   1459 C C   . ILE A 1 197 ? -6.206  -15.664 -1.630  1.00 52.89  ? 303 ILE A C   1 
ATOM   1460 O O   . ILE A 1 197 ? -7.208  -14.982 -1.435  1.00 53.65  ? 303 ILE A O   1 
ATOM   1461 C CB  . ILE A 1 197 ? -6.582  -17.151 0.358   1.00 50.86  ? 303 ILE A CB  1 
ATOM   1462 C CG1 . ILE A 1 197 ? -5.960  -17.575 1.689   1.00 51.10  ? 303 ILE A CG1 1 
ATOM   1463 C CG2 . ILE A 1 197 ? -7.076  -18.365 -0.390  1.00 49.33  ? 303 ILE A CG2 1 
ATOM   1464 C CD1 . ILE A 1 197 ? -4.669  -18.346 1.544   1.00 50.00  ? 303 ILE A CD1 1 
ATOM   1465 N N   . ILE A 1 198 ? -5.632  -15.780 -2.825  1.00 54.93  ? 304 ILE A N   1 
ATOM   1466 C CA  . ILE A 1 198 ? -6.166  -15.069 -3.978  1.00 55.97  ? 304 ILE A CA  1 
ATOM   1467 C C   . ILE A 1 198 ? -7.631  -15.325 -4.223  1.00 56.61  ? 304 ILE A C   1 
ATOM   1468 O O   . ILE A 1 198 ? -8.470  -14.466 -3.961  1.00 59.29  ? 304 ILE A O   1 
ATOM   1469 C CB  . ILE A 1 198 ? -5.391  -15.381 -5.282  1.00 56.39  ? 304 ILE A CB  1 
ATOM   1470 C CG1 . ILE A 1 198 ? -4.000  -14.732 -5.233  1.00 57.00  ? 304 ILE A CG1 1 
ATOM   1471 C CG2 . ILE A 1 198 ? -6.163  -14.859 -6.492  1.00 54.66  ? 304 ILE A CG2 1 
ATOM   1472 C CD1 . ILE A 1 198 ? -4.004  -13.213 -5.153  1.00 55.88  ? 304 ILE A CD1 1 
ATOM   1473 N N   . ASP A 1 199 ? -7.966  -16.500 -4.716  1.00 55.13  ? 305 ASP A N   1 
ATOM   1474 C CA  . ASP A 1 199 ? -9.363  -16.757 -4.993  1.00 54.67  ? 305 ASP A CA  1 
ATOM   1475 C C   . ASP A 1 199 ? -9.863  -17.833 -4.032  1.00 54.07  ? 305 ASP A C   1 
ATOM   1476 O O   . ASP A 1 199 ? -10.076 -18.977 -4.420  1.00 56.22  ? 305 ASP A O   1 
ATOM   1477 C CB  . ASP A 1 199 ? -9.485  -17.177 -6.455  1.00 55.48  ? 305 ASP A CB  1 
ATOM   1478 C CG  . ASP A 1 199 ? -10.907 -17.306 -6.906  1.00 57.58  ? 305 ASP A CG  1 
ATOM   1479 O OD1 . ASP A 1 199 ? -11.808 -16.878 -6.147  1.00 58.67  ? 305 ASP A OD1 1 
ATOM   1480 O OD2 . ASP A 1 199 ? -11.115 -17.833 -8.024  1.00 56.77  ? 305 ASP A OD2 1 
ATOM   1481 N N   . PRO A 1 200 ? -10.078 -17.465 -2.755  1.00 52.73  ? 306 PRO A N   1 
ATOM   1482 C CA  . PRO A 1 200 ? -10.546 -18.411 -1.736  1.00 52.43  ? 306 PRO A CA  1 
ATOM   1483 C C   . PRO A 1 200 ? -11.698 -19.325 -2.160  1.00 53.39  ? 306 PRO A C   1 
ATOM   1484 O O   . PRO A 1 200 ? -12.665 -18.888 -2.788  1.00 53.96  ? 306 PRO A O   1 
ATOM   1485 C CB  . PRO A 1 200 ? -10.903 -17.503 -0.558  1.00 51.99  ? 306 PRO A CB  1 
ATOM   1486 C CG  . PRO A 1 200 ? -11.260 -16.206 -1.218  1.00 50.61  ? 306 PRO A CG  1 
ATOM   1487 C CD  . PRO A 1 200 ? -10.204 -16.079 -2.268  1.00 51.15  ? 306 PRO A CD  1 
ATOM   1488 N N   . PRO A 1 201 ? -11.598 -20.621 -1.820  1.00 53.69  ? 307 PRO A N   1 
ATOM   1489 C CA  . PRO A 1 201 ? -12.603 -21.635 -2.143  1.00 54.51  ? 307 PRO A CA  1 
ATOM   1490 C C   . PRO A 1 201 ? -13.954 -21.372 -1.471  1.00 55.91  ? 307 PRO A C   1 
ATOM   1491 O O   . PRO A 1 201 ? -14.016 -20.858 -0.354  1.00 55.96  ? 307 PRO A O   1 
ATOM   1492 C CB  . PRO A 1 201 ? -11.943 -22.925 -1.668  1.00 53.89  ? 307 PRO A CB  1 
ATOM   1493 C CG  . PRO A 1 201 ? -11.132 -22.461 -0.500  1.00 52.56  ? 307 PRO A CG  1 
ATOM   1494 C CD  . PRO A 1 201 ? -10.502 -21.208 -1.028  1.00 52.45  ? 307 PRO A CD  1 
ATOM   1495 N N   . ARG A 1 202 ? -15.029 -21.740 -2.163  1.00 57.73  ? 308 ARG A N   1 
ATOM   1496 C CA  . ARG A 1 202 ? -16.388 -21.530 -1.676  1.00 58.69  ? 308 ARG A CA  1 
ATOM   1497 C C   . ARG A 1 202 ? -16.610 -22.029 -0.262  1.00 59.92  ? 308 ARG A C   1 
ATOM   1498 O O   . ARG A 1 202 ? -17.390 -21.443 0.491   1.00 60.86  ? 308 ARG A O   1 
ATOM   1499 C CB  . ARG A 1 202 ? -17.385 -22.190 -2.620  1.00 57.00  ? 308 ARG A CB  1 
ATOM   1500 N N   . ASP A 1 203 ? -15.923 -23.106 0.102   1.00 60.69  ? 309 ASP A N   1 
ATOM   1501 C CA  . ASP A 1 203 ? -16.080 -23.693 1.428   1.00 62.14  ? 309 ASP A CA  1 
ATOM   1502 C C   . ASP A 1 203 ? -15.181 -23.047 2.498   1.00 62.09  ? 309 ASP A C   1 
ATOM   1503 O O   . ASP A 1 203 ? -14.927 -23.625 3.559   1.00 62.75  ? 309 ASP A O   1 
ATOM   1504 C CB  . ASP A 1 203 ? -15.843 -25.211 1.343   1.00 64.22  ? 309 ASP A CB  1 
ATOM   1505 C CG  . ASP A 1 203 ? -14.395 -25.571 1.014   1.00 67.44  ? 309 ASP A CG  1 
ATOM   1506 O OD1 . ASP A 1 203 ? -13.765 -24.870 0.183   1.00 69.24  ? 309 ASP A OD1 1 
ATOM   1507 O OD2 . ASP A 1 203 ? -13.891 -26.566 1.585   1.00 67.99  ? 309 ASP A OD2 1 
ATOM   1508 N N   . TYR A 1 204 ? -14.713 -21.840 2.214   1.00 60.62  ? 310 TYR A N   1 
ATOM   1509 C CA  . TYR A 1 204 ? -13.863 -21.107 3.138   1.00 59.25  ? 310 TYR A CA  1 
ATOM   1510 C C   . TYR A 1 204 ? -14.738 -20.221 4.029   1.00 57.91  ? 310 TYR A C   1 
ATOM   1511 O O   . TYR A 1 204 ? -15.539 -19.433 3.531   1.00 58.56  ? 310 TYR A O   1 
ATOM   1512 C CB  . TYR A 1 204 ? -12.886 -20.243 2.340   1.00 61.86  ? 310 TYR A CB  1 
ATOM   1513 C CG  . TYR A 1 204 ? -11.971 -19.381 3.176   1.00 65.23  ? 310 TYR A CG  1 
ATOM   1514 C CD1 . TYR A 1 204 ? -10.644 -19.758 3.400   1.00 67.13  ? 310 TYR A CD1 1 
ATOM   1515 C CD2 . TYR A 1 204 ? -12.426 -18.184 3.736   1.00 65.76  ? 310 TYR A CD2 1 
ATOM   1516 C CE1 . TYR A 1 204 ? -9.786  -18.963 4.157   1.00 69.49  ? 310 TYR A CE1 1 
ATOM   1517 C CE2 . TYR A 1 204 ? -11.583 -17.381 4.500   1.00 69.10  ? 310 TYR A CE2 1 
ATOM   1518 C CZ  . TYR A 1 204 ? -10.260 -17.773 4.706   1.00 70.84  ? 310 TYR A CZ  1 
ATOM   1519 O OH  . TYR A 1 204 ? -9.408  -16.972 5.440   1.00 71.48  ? 310 TYR A OH  1 
ATOM   1520 N N   . SER A 1 205 ? -14.591 -20.342 5.340   1.00 55.89  ? 311 SER A N   1 
ATOM   1521 C CA  . SER A 1 205 ? -15.382 -19.533 6.261   1.00 55.24  ? 311 SER A CA  1 
ATOM   1522 C C   . SER A 1 205 ? -14.622 -18.281 6.699   1.00 53.76  ? 311 SER A C   1 
ATOM   1523 O O   . SER A 1 205 ? -13.406 -18.326 6.885   1.00 56.14  ? 311 SER A O   1 
ATOM   1524 C CB  . SER A 1 205 ? -15.754 -20.364 7.484   1.00 56.04  ? 311 SER A CB  1 
ATOM   1525 O OG  . SER A 1 205 ? -16.092 -19.526 8.573   1.00 59.53  ? 311 SER A OG  1 
ATOM   1526 N N   . PHE A 1 206 ? -15.320 -17.162 6.870   1.00 51.29  ? 312 PHE A N   1 
ATOM   1527 C CA  . PHE A 1 206 ? -14.631 -15.940 7.279   1.00 50.41  ? 312 PHE A CA  1 
ATOM   1528 C C   . PHE A 1 206 ? -14.465 -15.884 8.783   1.00 51.93  ? 312 PHE A C   1 
ATOM   1529 O O   . PHE A 1 206 ? -15.152 -16.587 9.529   1.00 53.01  ? 312 PHE A O   1 
ATOM   1530 C CB  . PHE A 1 206 ? -15.388 -14.675 6.856   1.00 48.02  ? 312 PHE A CB  1 
ATOM   1531 C CG  . PHE A 1 206 ? -15.534 -14.495 5.372   1.00 45.16  ? 312 PHE A CG  1 
ATOM   1532 C CD1 . PHE A 1 206 ? -16.733 -14.807 4.735   1.00 42.98  ? 312 PHE A CD1 1 
ATOM   1533 C CD2 . PHE A 1 206 ? -14.495 -13.959 4.619   1.00 45.86  ? 312 PHE A CD2 1 
ATOM   1534 C CE1 . PHE A 1 206 ? -16.906 -14.586 3.372   1.00 44.17  ? 312 PHE A CE1 1 
ATOM   1535 C CE2 . PHE A 1 206 ? -14.651 -13.729 3.247   1.00 46.21  ? 312 PHE A CE2 1 
ATOM   1536 C CZ  . PHE A 1 206 ? -15.868 -14.044 2.622   1.00 44.75  ? 312 PHE A CZ  1 
ATOM   1537 N N   . ARG A 1 207 ? -13.552 -15.023 9.221   1.00 52.69  ? 313 ARG A N   1 
ATOM   1538 C CA  . ARG A 1 207 ? -13.283 -14.820 10.639  1.00 52.73  ? 313 ARG A CA  1 
ATOM   1539 C C   . ARG A 1 207 ? -13.062 -13.340 10.909  1.00 52.78  ? 313 ARG A C   1 
ATOM   1540 O O   . ARG A 1 207 ? -12.657 -12.593 10.015  1.00 51.25  ? 313 ARG A O   1 
ATOM   1541 C CB  . ARG A 1 207 ? -12.017 -15.552 11.062  1.00 53.65  ? 313 ARG A CB  1 
ATOM   1542 C CG  . ARG A 1 207 ? -11.985 -17.016 10.758  1.00 53.59  ? 313 ARG A CG  1 
ATOM   1543 C CD  . ARG A 1 207 ? -10.953 -17.631 11.642  1.00 54.57  ? 313 ARG A CD  1 
ATOM   1544 N NE  . ARG A 1 207 ? -9.994  -18.430 10.901  1.00 58.75  ? 313 ARG A NE  1 
ATOM   1545 C CZ  . ARG A 1 207 ? -8.742  -18.623 11.299  1.00 60.57  ? 313 ARG A CZ  1 
ATOM   1546 N NH1 . ARG A 1 207 ? -8.314  -18.059 12.424  1.00 61.62  ? 313 ARG A NH1 1 
ATOM   1547 N NH2 . ARG A 1 207 ? -7.920  -19.378 10.581  1.00 61.85  ? 313 ARG A NH2 1 
ATOM   1548 N N   . ALA A 1 208 ? -13.330 -12.915 12.139  1.00 53.08  ? 314 ALA A N   1 
ATOM   1549 C CA  . ALA A 1 208 ? -13.091 -11.524 12.495  1.00 51.90  ? 314 ALA A CA  1 
ATOM   1550 C C   . ALA A 1 208 ? -11.582 -11.383 12.310  1.00 51.36  ? 314 ALA A C   1 
ATOM   1551 O O   . ALA A 1 208 ? -10.837 -12.351 12.502  1.00 50.22  ? 314 ALA A O   1 
ATOM   1552 C CB  . ALA A 1 208 ? -13.484 -11.269 13.945  1.00 50.57  ? 314 ALA A CB  1 
ATOM   1553 N N   . GLY A 1 209 ? -11.135 -10.200 11.906  1.00 51.13  ? 315 GLY A N   1 
ATOM   1554 C CA  . GLY A 1 209 ? -9.717  -9.994  11.690  1.00 49.55  ? 315 GLY A CA  1 
ATOM   1555 C C   . GLY A 1 209 ? -9.340  -10.098 10.226  1.00 49.68  ? 315 GLY A C   1 
ATOM   1556 O O   . GLY A 1 209 ? -8.427  -9.402  9.768   1.00 51.66  ? 315 GLY A O   1 
ATOM   1557 N N   . ASP A 1 210 ? -10.032 -10.958 9.485   1.00 47.78  ? 316 ASP A N   1 
ATOM   1558 C CA  . ASP A 1 210 ? -9.755  -11.131 8.062   1.00 47.01  ? 316 ASP A CA  1 
ATOM   1559 C C   . ASP A 1 210 ? -9.952  -9.851  7.267   1.00 46.75  ? 316 ASP A C   1 
ATOM   1560 O O   . ASP A 1 210 ? -10.802 -9.027  7.599   1.00 46.48  ? 316 ASP A O   1 
ATOM   1561 C CB  . ASP A 1 210 ? -10.664 -12.198 7.456   1.00 46.88  ? 316 ASP A CB  1 
ATOM   1562 C CG  . ASP A 1 210 ? -10.307 -13.578 7.904   1.00 48.80  ? 316 ASP A CG  1 
ATOM   1563 O OD1 . ASP A 1 210 ? -9.249  -13.719 8.559   1.00 50.70  ? 316 ASP A OD1 1 
ATOM   1564 O OD2 . ASP A 1 210 ? -11.074 -14.519 7.597   1.00 49.73  ? 316 ASP A OD2 1 
ATOM   1565 N N   . ILE A 1 211 ? -9.154  -9.690  6.218   1.00 46.36  ? 317 ILE A N   1 
ATOM   1566 C CA  . ILE A 1 211 ? -9.276  -8.535  5.340   1.00 46.15  ? 317 ILE A CA  1 
ATOM   1567 C C   . ILE A 1 211 ? -9.731  -9.039  3.978   1.00 46.19  ? 317 ILE A C   1 
ATOM   1568 O O   . ILE A 1 211 ? -9.004  -9.772  3.300   1.00 45.47  ? 317 ILE A O   1 
ATOM   1569 C CB  . ILE A 1 211 ? -7.939  -7.775  5.151   1.00 46.93  ? 317 ILE A CB  1 
ATOM   1570 C CG1 . ILE A 1 211 ? -7.687  -6.839  6.334   1.00 47.19  ? 317 ILE A CG1 1 
ATOM   1571 C CG2 . ILE A 1 211 ? -7.978  -6.964  3.859   1.00 46.06  ? 317 ILE A CG2 1 
ATOM   1572 C CD1 . ILE A 1 211 ? -7.482  -7.557  7.646   1.00 48.08  ? 317 ILE A CD1 1 
ATOM   1573 N N   . ILE A 1 212 ? -10.946 -8.656  3.594   1.00 45.07  ? 318 ILE A N   1 
ATOM   1574 C CA  . ILE A 1 212 ? -11.497 -9.033  2.310   1.00 43.29  ? 318 ILE A CA  1 
ATOM   1575 C C   . ILE A 1 212 ? -10.935 -8.053  1.295   1.00 43.18  ? 318 ILE A C   1 
ATOM   1576 O O   . ILE A 1 212 ? -10.954 -6.848  1.520   1.00 43.81  ? 318 ILE A O   1 
ATOM   1577 C CB  . ILE A 1 212 ? -13.040 -8.950  2.325   1.00 43.23  ? 318 ILE A CB  1 
ATOM   1578 C CG1 . ILE A 1 212 ? -13.605 -10.069 3.202   1.00 42.53  ? 318 ILE A CG1 1 
ATOM   1579 C CG2 . ILE A 1 212 ? -13.597 -9.058  0.910   1.00 42.85  ? 318 ILE A CG2 1 
ATOM   1580 C CD1 . ILE A 1 212 ? -15.116 -10.024 3.339   1.00 42.71  ? 318 ILE A CD1 1 
ATOM   1581 N N   . LEU A 1 213 ? -10.406 -8.577  0.196   1.00 43.06  ? 319 LEU A N   1 
ATOM   1582 C CA  . LEU A 1 213 ? -9.839  -7.746  -0.860  1.00 43.96  ? 319 LEU A CA  1 
ATOM   1583 C C   . LEU A 1 213 ? -10.757 -7.822  -2.078  1.00 43.81  ? 319 LEU A C   1 
ATOM   1584 O O   . LEU A 1 213 ? -10.902 -8.883  -2.696  1.00 44.06  ? 319 LEU A O   1 
ATOM   1585 C CB  . LEU A 1 213 ? -8.434  -8.246  -1.234  1.00 44.54  ? 319 LEU A CB  1 
ATOM   1586 C CG  . LEU A 1 213 ? -7.690  -7.528  -2.365  1.00 44.50  ? 319 LEU A CG  1 
ATOM   1587 C CD1 . LEU A 1 213 ? -7.229  -6.162  -1.899  1.00 44.92  ? 319 LEU A CD1 1 
ATOM   1588 C CD2 . LEU A 1 213 ? -6.488  -8.344  -2.783  1.00 46.33  ? 319 LEU A CD2 1 
ATOM   1589 N N   . GLY A 1 214 ? -11.373 -6.697  -2.422  1.00 43.16  ? 320 GLY A N   1 
ATOM   1590 C CA  . GLY A 1 214 ? -12.272 -6.681  -3.560  1.00 41.87  ? 320 GLY A CA  1 
ATOM   1591 C C   . GLY A 1 214 ? -12.090 -5.487  -4.464  1.00 41.84  ? 320 GLY A C   1 
ATOM   1592 O O   . GLY A 1 214 ? -11.213 -4.650  -4.268  1.00 41.91  ? 320 GLY A O   1 
ATOM   1593 N N   . ILE A 1 215 ? -12.927 -5.433  -5.483  1.00 42.48  ? 321 ILE A N   1 
ATOM   1594 C CA  . ILE A 1 215 ? -12.915 -4.355  -6.453  1.00 43.44  ? 321 ILE A CA  1 
ATOM   1595 C C   . ILE A 1 215 ? -14.361 -3.943  -6.640  1.00 44.36  ? 321 ILE A C   1 
ATOM   1596 O O   . ILE A 1 215 ? -15.255 -4.794  -6.776  1.00 42.75  ? 321 ILE A O   1 
ATOM   1597 C CB  . ILE A 1 215 ? -12.391 -4.821  -7.824  1.00 44.14  ? 321 ILE A CB  1 
ATOM   1598 C CG1 . ILE A 1 215 ? -10.908 -5.162  -7.733  1.00 44.49  ? 321 ILE A CG1 1 
ATOM   1599 C CG2 . ILE A 1 215 ? -12.630 -3.738  -8.868  1.00 43.78  ? 321 ILE A CG2 1 
ATOM   1600 C CD1 . ILE A 1 215 ? -10.346 -5.735  -9.023  1.00 44.35  ? 321 ILE A CD1 1 
ATOM   1601 N N   . GLY A 1 216 ? -14.597 -2.642  -6.660  1.00 45.16  ? 322 GLY A N   1 
ATOM   1602 C CA  . GLY A 1 216 ? -15.954 -2.185  -6.837  1.00 46.97  ? 322 GLY A CA  1 
ATOM   1603 C C   . GLY A 1 216 ? -16.052 -0.686  -6.849  1.00 47.64  ? 322 GLY A C   1 
ATOM   1604 O O   . GLY A 1 216 ? -15.084 0.020   -6.547  1.00 47.28  ? 322 GLY A O   1 
ATOM   1605 N N   . LYS A 1 217 ? -17.232 -0.208  -7.221  1.00 47.39  ? 323 LYS A N   1 
ATOM   1606 C CA  . LYS A 1 217 ? -17.485 1.209   -7.263  1.00 46.70  ? 323 LYS A CA  1 
ATOM   1607 C C   . LYS A 1 217 ? -17.711 1.617   -5.826  1.00 47.42  ? 323 LYS A C   1 
ATOM   1608 O O   . LYS A 1 217 ? -18.062 0.789   -4.982  1.00 46.41  ? 323 LYS A O   1 
ATOM   1609 C CB  . LYS A 1 217 ? -18.717 1.498   -8.107  1.00 47.95  ? 323 LYS A CB  1 
ATOM   1610 C CG  . LYS A 1 217 ? -18.563 1.082   -9.560  1.00 48.58  ? 323 LYS A CG  1 
ATOM   1611 C CD  . LYS A 1 217 ? -19.480 1.883   -10.467 1.00 50.15  ? 323 LYS A CD  1 
ATOM   1612 C CE  . LYS A 1 217 ? -20.949 1.608   -10.182 1.00 51.17  ? 323 LYS A CE  1 
ATOM   1613 N NZ  . LYS A 1 217 ? -21.315 0.215   -10.537 1.00 52.61  ? 323 LYS A NZ  1 
ATOM   1614 N N   . PRO A 1 218 ? -17.497 2.903   -5.519  1.00 48.97  ? 324 PRO A N   1 
ATOM   1615 C CA  . PRO A 1 218 ? -17.672 3.429   -4.159  1.00 48.30  ? 324 PRO A CA  1 
ATOM   1616 C C   . PRO A 1 218 ? -18.994 3.067   -3.477  1.00 47.90  ? 324 PRO A C   1 
ATOM   1617 O O   . PRO A 1 218 ? -19.039 2.832   -2.266  1.00 47.12  ? 324 PRO A O   1 
ATOM   1618 C CB  . PRO A 1 218 ? -17.476 4.940   -4.348  1.00 46.72  ? 324 PRO A CB  1 
ATOM   1619 C CG  . PRO A 1 218 ? -17.658 5.162   -5.824  1.00 45.12  ? 324 PRO A CG  1 
ATOM   1620 C CD  . PRO A 1 218 ? -17.053 3.964   -6.441  1.00 46.56  ? 324 PRO A CD  1 
ATOM   1621 N N   . GLU A 1 219 ? -20.060 3.010   -4.264  1.00 48.42  ? 325 GLU A N   1 
ATOM   1622 C CA  . GLU A 1 219 ? -21.392 2.682   -3.763  1.00 49.30  ? 325 GLU A CA  1 
ATOM   1623 C C   . GLU A 1 219 ? -21.473 1.199   -3.408  1.00 47.35  ? 325 GLU A C   1 
ATOM   1624 O O   . GLU A 1 219 ? -22.123 0.818   -2.437  1.00 47.01  ? 325 GLU A O   1 
ATOM   1625 C CB  . GLU A 1 219 ? -22.451 3.011   -4.826  1.00 54.53  ? 325 GLU A CB  1 
ATOM   1626 C CG  . GLU A 1 219 ? -22.292 4.388   -5.515  1.00 62.51  ? 325 GLU A CG  1 
ATOM   1627 C CD  . GLU A 1 219 ? -21.036 4.509   -6.405  1.00 66.40  ? 325 GLU A CD  1 
ATOM   1628 O OE1 . GLU A 1 219 ? -20.775 5.617   -6.932  1.00 67.90  ? 325 GLU A OE1 1 
ATOM   1629 O OE2 . GLU A 1 219 ? -20.310 3.505   -6.586  1.00 69.16  ? 325 GLU A OE2 1 
ATOM   1630 N N   . GLU A 1 220 ? -20.815 0.362   -4.204  1.00 46.01  ? 326 GLU A N   1 
ATOM   1631 C CA  . GLU A 1 220 ? -20.818 -1.073  -3.963  1.00 44.27  ? 326 GLU A CA  1 
ATOM   1632 C C   . GLU A 1 220 ? -19.926 -1.401  -2.773  1.00 43.08  ? 326 GLU A C   1 
ATOM   1633 O O   . GLU A 1 220 ? -20.203 -2.339  -2.016  1.00 43.81  ? 326 GLU A O   1 
ATOM   1634 C CB  . GLU A 1 220 ? -20.310 -1.822  -5.190  1.00 45.46  ? 326 GLU A CB  1 
ATOM   1635 C CG  . GLU A 1 220 ? -20.943 -1.404  -6.494  1.00 45.27  ? 326 GLU A CG  1 
ATOM   1636 C CD  . GLU A 1 220 ? -20.316 -2.114  -7.685  1.00 47.43  ? 326 GLU A CD  1 
ATOM   1637 O OE1 . GLU A 1 220 ? -19.064 -2.094  -7.799  1.00 48.03  ? 326 GLU A OE1 1 
ATOM   1638 O OE2 . GLU A 1 220 ? -21.072 -2.688  -8.505  1.00 46.45  ? 326 GLU A OE2 1 
ATOM   1639 N N   . ILE A 1 221 ? -18.851 -0.635  -2.613  1.00 39.93  ? 327 ILE A N   1 
ATOM   1640 C CA  . ILE A 1 221 ? -17.936 -0.844  -1.498  1.00 39.91  ? 327 ILE A CA  1 
ATOM   1641 C C   . ILE A 1 221 ? -18.643 -0.466  -0.205  1.00 41.06  ? 327 ILE A C   1 
ATOM   1642 O O   . ILE A 1 221 ? -18.440 -1.082  0.845   1.00 40.39  ? 327 ILE A O   1 
ATOM   1643 C CB  . ILE A 1 221 ? -16.648 0.013   -1.653  1.00 39.08  ? 327 ILE A CB  1 
ATOM   1644 C CG1 . ILE A 1 221 ? -15.739 -0.609  -2.715  1.00 40.72  ? 327 ILE A CG1 1 
ATOM   1645 C CG2 . ILE A 1 221 ? -15.916 0.131   -0.329  1.00 33.48  ? 327 ILE A CG2 1 
ATOM   1646 C CD1 . ILE A 1 221 ? -14.595 0.300   -3.160  1.00 41.32  ? 327 ILE A CD1 1 
ATOM   1647 N N   . GLU A 1 222 ? -19.490 0.549   -0.286  1.00 42.92  ? 328 GLU A N   1 
ATOM   1648 C CA  . GLU A 1 222 ? -20.213 0.997   0.890   1.00 45.95  ? 328 GLU A CA  1 
ATOM   1649 C C   . GLU A 1 222 ? -21.257 -0.040  1.299   1.00 45.40  ? 328 GLU A C   1 
ATOM   1650 O O   . GLU A 1 222 ? -21.519 -0.230  2.488   1.00 44.76  ? 328 GLU A O   1 
ATOM   1651 C CB  . GLU A 1 222 ? -20.854 2.360   0.626   1.00 48.94  ? 328 GLU A CB  1 
ATOM   1652 C CG  . GLU A 1 222 ? -20.852 3.250   1.854   1.00 53.70  ? 328 GLU A CG  1 
ATOM   1653 C CD  . GLU A 1 222 ? -19.562 3.105   2.664   1.00 58.11  ? 328 GLU A CD  1 
ATOM   1654 O OE1 . GLU A 1 222 ? -18.452 3.357   2.110   1.00 57.14  ? 328 GLU A OE1 1 
ATOM   1655 O OE2 . GLU A 1 222 ? -19.671 2.723   3.859   1.00 60.27  ? 328 GLU A OE2 1 
ATOM   1656 N N   . ARG A 1 223 ? -21.836 -0.708  0.306   1.00 44.70  ? 329 ARG A N   1 
ATOM   1657 C CA  . ARG A 1 223 ? -22.819 -1.757  0.552   1.00 45.78  ? 329 ARG A CA  1 
ATOM   1658 C C   . ARG A 1 223 ? -22.126 -2.912  1.268   1.00 45.72  ? 329 ARG A C   1 
ATOM   1659 O O   . ARG A 1 223 ? -22.638 -3.442  2.263   1.00 46.14  ? 329 ARG A O   1 
ATOM   1660 C CB  . ARG A 1 223 ? -23.395 -2.273  -0.770  1.00 47.56  ? 329 ARG A CB  1 
ATOM   1661 C CG  . ARG A 1 223 ? -24.865 -1.983  -0.969  1.00 47.97  ? 329 ARG A CG  1 
ATOM   1662 C CD  . ARG A 1 223 ? -25.077 -1.127  -2.192  1.00 50.31  ? 329 ARG A CD  1 
ATOM   1663 N NE  . ARG A 1 223 ? -24.620 -1.778  -3.421  1.00 49.44  ? 329 ARG A NE  1 
ATOM   1664 C CZ  . ARG A 1 223 ? -24.475 -1.145  -4.583  1.00 48.88  ? 329 ARG A CZ  1 
ATOM   1665 N NH1 . ARG A 1 223 ? -24.749 0.151   -4.675  1.00 44.88  ? 329 ARG A NH1 1 
ATOM   1666 N NH2 . ARG A 1 223 ? -24.058 -1.806  -5.656  1.00 50.36  ? 329 ARG A NH2 1 
ATOM   1667 N N   . LEU A 1 224 ? -20.959 -3.298  0.750   1.00 44.23  ? 330 LEU A N   1 
ATOM   1668 C CA  . LEU A 1 224 ? -20.180 -4.384  1.330   1.00 43.12  ? 330 LEU A CA  1 
ATOM   1669 C C   . LEU A 1 224 ? -19.856 -4.051  2.778   1.00 43.08  ? 330 LEU A C   1 
ATOM   1670 O O   . LEU A 1 224 ? -19.947 -4.913  3.650   1.00 42.39  ? 330 LEU A O   1 
ATOM   1671 C CB  . LEU A 1 224 ? -18.867 -4.574  0.566   1.00 43.81  ? 330 LEU A CB  1 
ATOM   1672 C CG  . LEU A 1 224 ? -18.168 -5.947  0.545   1.00 42.26  ? 330 LEU A CG  1 
ATOM   1673 C CD1 . LEU A 1 224 ? -16.724 -5.735  0.161   1.00 40.00  ? 330 LEU A CD1 1 
ATOM   1674 C CD2 . LEU A 1 224 ? -18.247 -6.652  1.875   1.00 40.20  ? 330 LEU A CD2 1 
ATOM   1675 N N   . LYS A 1 225 ? -19.467 -2.803  3.035   1.00 43.59  ? 331 LYS A N   1 
ATOM   1676 C CA  . LYS A 1 225 ? -19.138 -2.395  4.395   1.00 44.00  ? 331 LYS A CA  1 
ATOM   1677 C C   . LYS A 1 225 ? -20.329 -2.570  5.336   1.00 44.91  ? 331 LYS A C   1 
ATOM   1678 O O   . LYS A 1 225 ? -20.162 -2.986  6.485   1.00 46.27  ? 331 LYS A O   1 
ATOM   1679 C CB  . LYS A 1 225 ? -18.667 -0.946  4.436   1.00 44.16  ? 331 LYS A CB  1 
ATOM   1680 C CG  . LYS A 1 225 ? -17.248 -0.703  3.927   1.00 43.93  ? 331 LYS A CG  1 
ATOM   1681 C CD  . LYS A 1 225 ? -16.732 0.616   4.493   1.00 44.78  ? 331 LYS A CD  1 
ATOM   1682 C CE  . LYS A 1 225 ? -15.384 1.020   3.938   1.00 44.52  ? 331 LYS A CE  1 
ATOM   1683 N NZ  . LYS A 1 225 ? -15.529 1.718   2.643   1.00 47.06  ? 331 LYS A NZ  1 
ATOM   1684 N N   . ASN A 1 226 ? -21.529 -2.265  4.864   1.00 43.36  ? 332 ASN A N   1 
ATOM   1685 C CA  . ASN A 1 226 ? -22.696 -2.437  5.710   1.00 43.39  ? 332 ASN A CA  1 
ATOM   1686 C C   . ASN A 1 226 ? -22.960 -3.917  5.926   1.00 43.90  ? 332 ASN A C   1 
ATOM   1687 O O   . ASN A 1 226 ? -23.367 -4.346  7.011   1.00 43.21  ? 332 ASN A O   1 
ATOM   1688 C CB  . ASN A 1 226 ? -23.926 -1.814  5.067   1.00 45.31  ? 332 ASN A CB  1 
ATOM   1689 C CG  . ASN A 1 226 ? -23.729 -0.368  4.739   1.00 44.39  ? 332 ASN A CG  1 
ATOM   1690 O OD1 . ASN A 1 226 ? -23.073 0.351   5.478   1.00 46.31  ? 332 ASN A OD1 1 
ATOM   1691 N ND2 . ASN A 1 226 ? -24.306 0.075   3.630   1.00 45.20  ? 332 ASN A ND2 1 
ATOM   1692 N N   . TYR A 1 227 ? -22.734 -4.691  4.874   1.00 44.69  ? 333 TYR A N   1 
ATOM   1693 C CA  . TYR A 1 227 ? -22.947 -6.135  4.905   1.00 46.37  ? 333 TYR A CA  1 
ATOM   1694 C C   . TYR A 1 227 ? -22.001 -6.868  5.873   1.00 48.20  ? 333 TYR A C   1 
ATOM   1695 O O   . TYR A 1 227 ? -22.383 -7.867  6.484   1.00 48.23  ? 333 TYR A O   1 
ATOM   1696 C CB  . TYR A 1 227 ? -22.789 -6.666  3.487   1.00 44.37  ? 333 TYR A CB  1 
ATOM   1697 C CG  . TYR A 1 227 ? -23.161 -8.108  3.284   1.00 43.61  ? 333 TYR A CG  1 
ATOM   1698 C CD1 . TYR A 1 227 ? -24.177 -8.704  4.030   1.00 43.37  ? 333 TYR A CD1 1 
ATOM   1699 C CD2 . TYR A 1 227 ? -22.575 -8.848  2.259   1.00 43.22  ? 333 TYR A CD2 1 
ATOM   1700 C CE1 . TYR A 1 227 ? -24.604 -10.003 3.750   1.00 41.28  ? 333 TYR A CE1 1 
ATOM   1701 C CE2 . TYR A 1 227 ? -22.997 -10.140 1.971   1.00 41.99  ? 333 TYR A CE2 1 
ATOM   1702 C CZ  . TYR A 1 227 ? -24.011 -10.707 2.716   1.00 41.39  ? 333 TYR A CZ  1 
ATOM   1703 O OH  . TYR A 1 227 ? -24.449 -11.966 2.392   1.00 40.46  ? 333 TYR A OH  1 
ATOM   1704 N N   . ILE A 1 228 ? -20.778 -6.351  6.004   1.00 50.04  ? 334 ILE A N   1 
ATOM   1705 C CA  . ILE A 1 228 ? -19.738 -6.905  6.874   1.00 52.10  ? 334 ILE A CA  1 
ATOM   1706 C C   . ILE A 1 228 ? -19.958 -6.565  8.353   1.00 53.54  ? 334 ILE A C   1 
ATOM   1707 O O   . ILE A 1 228 ? -19.485 -7.276  9.237   1.00 54.08  ? 334 ILE A O   1 
ATOM   1708 C CB  . ILE A 1 228 ? -18.350 -6.345  6.475   1.00 53.37  ? 334 ILE A CB  1 
ATOM   1709 C CG1 . ILE A 1 228 ? -17.979 -6.812  5.077   1.00 53.77  ? 334 ILE A CG1 1 
ATOM   1710 C CG2 . ILE A 1 228 ? -17.297 -6.792  7.458   1.00 53.26  ? 334 ILE A CG2 1 
ATOM   1711 C CD1 . ILE A 1 228 ? -17.854 -8.301  4.961   1.00 55.49  ? 334 ILE A CD1 1 
ATOM   1712 N N   . SER A 1 229 ? -20.663 -5.467  8.605   1.00 54.92  ? 335 SER A N   1 
ATOM   1713 C CA  . SER A 1 229 ? -20.952 -4.984  9.954   1.00 55.30  ? 335 SER A CA  1 
ATOM   1714 C C   . SER A 1 229 ? -21.245 -6.034  11.011  1.00 57.77  ? 335 SER A C   1 
ATOM   1715 O O   . SER A 1 229 ? -21.710 -7.138  10.713  1.00 57.76  ? 335 SER A O   1 
ATOM   1716 C CB  . SER A 1 229 ? -22.120 -4.010  9.905   1.00 53.14  ? 335 SER A CB  1 
ATOM   1717 O OG  . SER A 1 229 ? -21.813 -2.946  9.039   1.00 51.97  ? 335 SER A OG  1 
ATOM   1718 N N   . ALA A 1 230 ? -20.973 -5.668  12.260  1.00 60.34  ? 336 ALA A N   1 
ATOM   1719 C CA  . ALA A 1 230 ? -21.208 -6.553  13.391  1.00 63.04  ? 336 ALA A CA  1 
ATOM   1720 C C   . ALA A 1 230 ? -22.673 -6.474  13.787  1.00 64.88  ? 336 ALA A C   1 
ATOM   1721 O O   . ALA A 1 230 ? -23.296 -5.418  13.675  1.00 65.74  ? 336 ALA A O   1 
ATOM   1722 C CB  . ALA A 1 230 ? -20.338 -6.146  14.564  1.00 61.83  ? 336 ALA A CB  1 
ATOM   1723 N N   . LEU A 1 231 ? -23.219 -7.596  14.242  1.00 66.32  ? 337 LEU A N   1 
ATOM   1724 C CA  . LEU A 1 231 ? -24.608 -7.655  14.675  1.00 68.04  ? 337 LEU A CA  1 
ATOM   1725 C C   . LEU A 1 231 ? -24.807 -6.659  15.819  1.00 70.49  ? 337 LEU A C   1 
ATOM   1726 O O   . LEU A 1 231 ? -23.962 -6.554  16.707  1.00 71.21  ? 337 LEU A O   1 
ATOM   1727 C CB  . LEU A 1 231 ? -24.937 -9.072  15.156  1.00 66.65  ? 337 LEU A CB  1 
ATOM   1728 C CG  . LEU A 1 231 ? -24.774 -10.188 14.120  1.00 66.58  ? 337 LEU A CG  1 
ATOM   1729 C CD1 . LEU A 1 231 ? -24.735 -11.549 14.791  1.00 66.14  ? 337 LEU A CD1 1 
ATOM   1730 C CD2 . LEU A 1 231 ? -25.915 -10.110 13.126  1.00 66.21  ? 337 LEU A CD2 1 
ATOM   1731 N N   . VAL A 1 232 ? -25.920 -5.929  15.792  1.00 72.57  ? 338 VAL A N   1 
ATOM   1732 C CA  . VAL A 1 232 ? -26.230 -4.947  16.833  1.00 73.48  ? 338 VAL A CA  1 
ATOM   1733 C C   . VAL A 1 232 ? -26.823 -5.592  18.083  1.00 74.03  ? 338 VAL A C   1 
ATOM   1734 O O   . VAL A 1 232 ? -26.506 -5.116  19.198  1.00 74.01  ? 338 VAL A O   1 
ATOM   1735 C CB  . VAL A 1 232 ? -27.223 -3.888  16.325  1.00 73.87  ? 338 VAL A CB  1 
ATOM   1736 C CG1 . VAL A 1 232 ? -27.795 -3.101  17.505  1.00 74.03  ? 338 VAL A CG1 1 
ATOM   1737 C CG2 . VAL A 1 232 ? -26.520 -2.958  15.348  1.00 72.53  ? 338 VAL A CG2 1 
HETATM 1738 O O   . HOH B 2 .   ? 21.820  0.493   -7.952  1.00 34.01  ? 1   HOH A O   1 
HETATM 1739 O O   . HOH B 2 .   ? 14.352  2.617   -5.931  1.00 41.23  ? 2   HOH A O   1 
HETATM 1740 O O   . HOH B 2 .   ? 8.593   15.306  -9.187  1.00 41.13  ? 3   HOH A O   1 
HETATM 1741 O O   . HOH B 2 .   ? 17.819  25.445  -3.114  0.50 26.13  ? 4   HOH A O   1 
HETATM 1742 O O   . HOH B 2 .   ? -11.284 2.328   2.174   1.00 49.82  ? 5   HOH A O   1 
# 
loop_
_pdbx_poly_seq_scheme.asym_id 
_pdbx_poly_seq_scheme.entity_id 
_pdbx_poly_seq_scheme.seq_id 
_pdbx_poly_seq_scheme.mon_id 
_pdbx_poly_seq_scheme.ndb_seq_num 
_pdbx_poly_seq_scheme.pdb_seq_num 
_pdbx_poly_seq_scheme.auth_seq_num 
_pdbx_poly_seq_scheme.pdb_mon_id 
_pdbx_poly_seq_scheme.auth_mon_id 
_pdbx_poly_seq_scheme.pdb_strand_id 
_pdbx_poly_seq_scheme.pdb_ins_code 
_pdbx_poly_seq_scheme.hetero 
A 1 1   MET 1   107 ?   ?   ?   A . n 
A 1 2   GLY 2   108 ?   ?   ?   A . n 
A 1 3   LEU 3   109 ?   ?   ?   A . n 
A 1 4   ILE 4   110 ?   ?   ?   A . n 
A 1 5   ASP 5   111 ?   ?   ?   A . n 
A 1 6   VAL 6   112 ?   ?   ?   A . n 
A 1 7   ALA 7   113 113 ALA ALA A . n 
A 1 8   LYS 8   114 114 LYS LYS A . n 
A 1 9   SER 9   115 115 SER SER A . n 
A 1 10  ARG 10  116 116 ARG ARG A . n 
A 1 11  HIS 11  117 117 HIS HIS A . n 
A 1 12  VAL 12  118 118 VAL VAL A . n 
A 1 13  VAL 13  119 119 VAL VAL A . n 
A 1 14  ILE 14  120 120 ILE ILE A . n 
A 1 15  CYS 15  121 121 CYS CYS A . n 
A 1 16  GLY 16  122 122 GLY GLY A . n 
A 1 17  TRP 17  123 123 TRP TRP A . n 
A 1 18  SER 18  124 124 SER SER A . n 
A 1 19  GLU 19  125 125 GLU GLU A . n 
A 1 20  SER 20  126 126 SER SER A . n 
A 1 21  THR 21  127 127 THR THR A . n 
A 1 22  LEU 22  128 128 LEU LEU A . n 
A 1 23  GLU 23  129 129 GLU GLU A . n 
A 1 24  CYS 24  130 130 CYS CYS A . n 
A 1 25  LEU 25  131 131 LEU LEU A . n 
A 1 26  ARG 26  132 132 ARG ARG A . n 
A 1 27  GLU 27  133 133 GLU GLU A . n 
A 1 28  LEU 28  134 134 LEU LEU A . n 
A 1 29  ARG 29  135 135 ARG ARG A . n 
A 1 30  GLY 30  136 136 GLY GLY A . n 
A 1 31  SER 31  137 137 SER SER A . n 
A 1 32  GLU 32  138 138 GLU GLU A . n 
A 1 33  VAL 33  139 139 VAL VAL A . n 
A 1 34  PHE 34  140 140 PHE PHE A . n 
A 1 35  VAL 35  141 141 VAL VAL A . n 
A 1 36  LEU 36  142 142 LEU LEU A . n 
A 1 37  ALA 37  143 143 ALA ALA A . n 
A 1 38  GLU 38  144 144 GLU GLU A . n 
A 1 39  ASP 39  145 145 ASP ASP A . n 
A 1 40  GLU 40  146 146 GLU GLU A . n 
A 1 41  ASN 41  147 147 ASN ASN A . n 
A 1 42  VAL 42  148 148 VAL VAL A . n 
A 1 43  ARG 43  149 149 ARG ARG A . n 
A 1 44  LYS 44  150 150 LYS LYS A . n 
A 1 45  LYS 45  151 151 LYS LYS A . n 
A 1 46  VAL 46  152 152 VAL VAL A . n 
A 1 47  LEU 47  153 153 LEU LEU A . n 
A 1 48  ARG 48  154 154 ARG ARG A . n 
A 1 49  SER 49  155 155 SER SER A . n 
A 1 50  GLY 50  156 156 GLY GLY A . n 
A 1 51  ALA 51  157 157 ALA ALA A . n 
A 1 52  ASN 52  158 158 ASN ASN A . n 
A 1 53  PHE 53  159 159 PHE PHE A . n 
A 1 54  VAL 54  160 160 VAL VAL A . n 
A 1 55  HIS 55  161 161 HIS HIS A . n 
A 1 56  GLY 56  162 162 GLY GLY A . n 
A 1 57  ASP 57  163 163 ASP ASP A . n 
A 1 58  PRO 58  164 164 PRO PRO A . n 
A 1 59  THR 59  165 165 THR THR A . n 
A 1 60  ARG 60  166 166 ARG ARG A . n 
A 1 61  VAL 61  167 167 VAL VAL A . n 
A 1 62  SER 62  168 168 SER SER A . n 
A 1 63  ASP 63  169 169 ASP ASP A . n 
A 1 64  LEU 64  170 170 LEU LEU A . n 
A 1 65  GLU 65  171 171 GLU GLU A . n 
A 1 66  LYS 66  172 172 LYS LYS A . n 
A 1 67  ALA 67  173 173 ALA ALA A . n 
A 1 68  ASN 68  174 174 ASN ASN A . n 
A 1 69  VAL 69  175 175 VAL VAL A . n 
A 1 70  ARG 70  176 176 ARG ALA A . n 
A 1 71  GLY 71  177 177 GLY GLY A . n 
A 1 72  ALA 72  178 178 ALA ALA A . n 
A 1 73  ARG 73  179 179 ARG ARG A . n 
A 1 74  ALA 74  180 180 ALA ALA A . n 
A 1 75  VAL 75  181 181 VAL VAL A . n 
A 1 76  ILE 76  182 182 ILE ILE A . n 
A 1 77  VAL 77  183 183 VAL VAL A . n 
A 1 78  ASP 78  184 184 ASP ASP A . n 
A 1 79  LEU 79  185 185 LEU LEU A . n 
A 1 80  GLU 80  186 186 GLU ALA A . n 
A 1 81  SER 81  187 187 SER SER A . n 
A 1 82  ASP 82  188 188 ASP ASP A . n 
A 1 83  SER 83  189 189 SER SER A . n 
A 1 84  GLU 84  190 190 GLU GLU A . n 
A 1 85  THR 85  191 191 THR THR A . n 
A 1 86  ILE 86  192 192 ILE ILE A . n 
A 1 87  HIS 87  193 193 HIS HIS A . n 
A 1 88  CYS 88  194 194 CYS CYS A . n 
A 1 89  ILE 89  195 195 ILE ILE A . n 
A 1 90  LEU 90  196 196 LEU LEU A . n 
A 1 91  GLY 91  197 197 GLY GLY A . n 
A 1 92  ILE 92  198 198 ILE ILE A . n 
A 1 93  ARG 93  199 199 ARG ARG A . n 
A 1 94  LYS 94  200 200 LYS LYS A . n 
A 1 95  ILE 95  201 201 ILE ILE A . n 
A 1 96  ASP 96  202 202 ASP ASP A . n 
A 1 97  GLU 97  203 203 GLU GLU A . n 
A 1 98  SER 98  204 204 SER SER A . n 
A 1 99  VAL 99  205 205 VAL VAL A . n 
A 1 100 ARG 100 206 206 ARG ARG A . n 
A 1 101 ILE 101 207 207 ILE ILE A . n 
A 1 102 ILE 102 208 208 ILE ILE A . n 
A 1 103 ALA 103 209 209 ALA ALA A . n 
A 1 104 GLU 104 210 210 GLU GLU A . n 
A 1 105 ALA 105 211 211 ALA ALA A . n 
A 1 106 GLU 106 212 212 GLU GLU A . n 
A 1 107 ARG 107 213 213 ARG ARG A . n 
A 1 108 TYR 108 214 214 TYR TYR A . n 
A 1 109 GLU 109 215 215 GLU GLU A . n 
A 1 110 ASN 110 216 216 ASN ASN A . n 
A 1 111 ILE 111 217 217 ILE ILE A . n 
A 1 112 GLU 112 218 218 GLU GLU A . n 
A 1 113 GLN 113 219 219 GLN GLN A . n 
A 1 114 LEU 114 220 220 LEU LEU A . n 
A 1 115 ARG 115 221 221 ARG ARG A . n 
A 1 116 MET 116 222 222 MET MET A . n 
A 1 117 ALA 117 223 223 ALA ALA A . n 
A 1 118 GLY 118 224 224 GLY GLY A . n 
A 1 119 ALA 119 225 225 ALA ALA A . n 
A 1 120 ASP 120 226 226 ASP ASP A . n 
A 1 121 GLN 121 227 227 GLN GLN A . n 
A 1 122 VAL 122 228 228 VAL VAL A . n 
A 1 123 ILE 123 229 229 ILE ILE A . n 
A 1 124 SER 124 230 230 SER SER A . n 
A 1 125 PRO 125 231 231 PRO PRO A . n 
A 1 126 PHE 126 232 232 PHE PHE A . n 
A 1 127 VAL 127 233 233 VAL VAL A . n 
A 1 128 ILE 128 234 234 ILE ILE A . n 
A 1 129 SER 129 235 235 SER SER A . n 
A 1 130 GLY 130 236 236 GLY GLY A . n 
A 1 131 ARG 131 237 237 ARG ARG A . n 
A 1 132 LEU 132 238 238 LEU LEU A . n 
A 1 133 MET 133 239 239 MET MET A . n 
A 1 134 SER 134 240 240 SER SER A . n 
A 1 135 ARG 135 241 241 ARG ARG A . n 
A 1 136 SER 136 242 242 SER SER A . n 
A 1 137 ILE 137 243 243 ILE ILE A . n 
A 1 138 ASP 138 244 244 ASP ASP A . n 
A 1 139 ASP 139 245 245 ASP ASP A . n 
A 1 140 GLY 140 246 246 GLY GLY A . n 
A 1 141 TYR 141 247 247 TYR TYR A . n 
A 1 142 GLU 142 248 248 GLU GLU A . n 
A 1 143 ALA 143 249 249 ALA ALA A . n 
A 1 144 MET 144 250 250 MET MET A . n 
A 1 145 PHE 145 251 251 PHE PHE A . n 
A 1 146 VAL 146 252 252 VAL VAL A . n 
A 1 147 GLN 147 253 253 GLN GLN A . n 
A 1 148 ASP 148 254 254 ASP ASP A . n 
A 1 149 VAL 149 255 255 VAL VAL A . n 
A 1 150 LEU 150 256 256 LEU LEU A . n 
A 1 151 ALA 151 257 257 ALA ALA A . n 
A 1 152 GLU 152 258 258 GLU GLU A . n 
A 1 153 GLU 153 259 259 GLU GLU A . n 
A 1 154 SER 154 260 260 SER SER A . n 
A 1 155 THR 155 261 261 THR THR A . n 
A 1 156 ARG 156 262 262 ARG ARG A . n 
A 1 157 ARG 157 263 263 ARG ARG A . n 
A 1 158 MET 158 264 264 MET MET A . n 
A 1 159 VAL 159 265 265 VAL VAL A . n 
A 1 160 GLU 160 266 266 GLU GLU A . n 
A 1 161 VAL 161 267 267 VAL VAL A . n 
A 1 162 PRO 162 268 268 PRO PRO A . n 
A 1 163 ILE 163 269 269 ILE ILE A . n 
A 1 164 PRO 164 270 270 PRO PRO A . n 
A 1 165 GLU 165 271 271 GLU GLU A . n 
A 1 166 GLY 166 272 272 GLY GLY A . n 
A 1 167 SER 167 273 273 SER SER A . n 
A 1 168 LYS 168 274 274 LYS LYS A . n 
A 1 169 LEU 169 275 275 LEU LEU A . n 
A 1 170 GLU 170 276 276 GLU GLU A . n 
A 1 171 GLY 171 277 277 GLY GLY A . n 
A 1 172 VAL 172 278 278 VAL VAL A . n 
A 1 173 SER 173 279 279 SER SER A . n 
A 1 174 VAL 174 280 280 VAL VAL A . n 
A 1 175 LEU 175 281 281 LEU LEU A . n 
A 1 176 ASP 176 282 282 ASP ASP A . n 
A 1 177 ALA 177 283 283 ALA ALA A . n 
A 1 178 ASP 178 284 284 ASP ASP A . n 
A 1 179 ILE 179 285 285 ILE ILE A . n 
A 1 180 HIS 180 286 286 HIS HIS A . n 
A 1 181 ASP 181 287 287 ASP ASP A . n 
A 1 182 VAL 182 288 288 VAL VAL A . n 
A 1 183 THR 183 289 289 THR THR A . n 
A 1 184 GLY 184 290 290 GLY GLY A . n 
A 1 185 VAL 185 291 291 VAL VAL A . n 
A 1 186 ILE 186 292 292 ILE ILE A . n 
A 1 187 ILE 187 293 293 ILE ILE A . n 
A 1 188 ILE 188 294 294 ILE ILE A . n 
A 1 189 GLY 189 295 295 GLY GLY A . n 
A 1 190 VAL 190 296 296 VAL VAL A . n 
A 1 191 GLY 191 297 297 GLY GLY A . n 
A 1 192 ARG 192 298 298 ARG ARG A . n 
A 1 193 GLY 193 299 299 GLY GLY A . n 
A 1 194 ASP 194 300 300 ASP ASP A . n 
A 1 195 GLU 195 301 301 GLU GLU A . n 
A 1 196 LEU 196 302 302 LEU LEU A . n 
A 1 197 ILE 197 303 303 ILE ILE A . n 
A 1 198 ILE 198 304 304 ILE ILE A . n 
A 1 199 ASP 199 305 305 ASP ASP A . n 
A 1 200 PRO 200 306 306 PRO PRO A . n 
A 1 201 PRO 201 307 307 PRO PRO A . n 
A 1 202 ARG 202 308 308 ARG ALA A . n 
A 1 203 ASP 203 309 309 ASP ASP A . n 
A 1 204 TYR 204 310 310 TYR TYR A . n 
A 1 205 SER 205 311 311 SER SER A . n 
A 1 206 PHE 206 312 312 PHE PHE A . n 
A 1 207 ARG 207 313 313 ARG ARG A . n 
A 1 208 ALA 208 314 314 ALA ALA A . n 
A 1 209 GLY 209 315 315 GLY GLY A . n 
A 1 210 ASP 210 316 316 ASP ASP A . n 
A 1 211 ILE 211 317 317 ILE ILE A . n 
A 1 212 ILE 212 318 318 ILE ILE A . n 
A 1 213 LEU 213 319 319 LEU LEU A . n 
A 1 214 GLY 214 320 320 GLY GLY A . n 
A 1 215 ILE 215 321 321 ILE ILE A . n 
A 1 216 GLY 216 322 322 GLY GLY A . n 
A 1 217 LYS 217 323 323 LYS LYS A . n 
A 1 218 PRO 218 324 324 PRO PRO A . n 
A 1 219 GLU 219 325 325 GLU GLU A . n 
A 1 220 GLU 220 326 326 GLU GLU A . n 
A 1 221 ILE 221 327 327 ILE ILE A . n 
A 1 222 GLU 222 328 328 GLU GLU A . n 
A 1 223 ARG 223 329 329 ARG ARG A . n 
A 1 224 LEU 224 330 330 LEU LEU A . n 
A 1 225 LYS 225 331 331 LYS LYS A . n 
A 1 226 ASN 226 332 332 ASN ASN A . n 
A 1 227 TYR 227 333 333 TYR TYR A . n 
A 1 228 ILE 228 334 334 ILE ILE A . n 
A 1 229 SER 229 335 335 SER SER A . n 
A 1 230 ALA 230 336 336 ALA ALA A . n 
A 1 231 LEU 231 337 337 LEU LEU A . n 
A 1 232 VAL 232 338 338 VAL VAL A . n 
A 1 233 PRO 233 339 ?   ?   ?   A . n 
A 1 234 ARG 234 340 ?   ?   ?   A . n 
# 
loop_
_pdbx_nonpoly_scheme.asym_id 
_pdbx_nonpoly_scheme.entity_id 
_pdbx_nonpoly_scheme.mon_id 
_pdbx_nonpoly_scheme.ndb_seq_num 
_pdbx_nonpoly_scheme.pdb_seq_num 
_pdbx_nonpoly_scheme.auth_seq_num 
_pdbx_nonpoly_scheme.pdb_mon_id 
_pdbx_nonpoly_scheme.auth_mon_id 
_pdbx_nonpoly_scheme.pdb_strand_id 
_pdbx_nonpoly_scheme.pdb_ins_code 
B 2 HOH 1 1 1 HOH WAT A . 
B 2 HOH 2 2 2 HOH WAT A . 
B 2 HOH 3 3 3 HOH WAT A . 
B 2 HOH 4 4 4 HOH WAT A . 
B 2 HOH 5 5 5 HOH WAT A . 
# 
_pdbx_struct_assembly.id                   1 
_pdbx_struct_assembly.details              author_and_software_defined_assembly 
_pdbx_struct_assembly.method_details       PISA,PQS 
_pdbx_struct_assembly.oligomeric_details   dimeric 
_pdbx_struct_assembly.oligomeric_count     2 
# 
_pdbx_struct_assembly_gen.assembly_id       1 
_pdbx_struct_assembly_gen.oper_expression   1,2 
_pdbx_struct_assembly_gen.asym_id_list      A,B 
# 
loop_
_pdbx_struct_assembly_prop.biol_id 
_pdbx_struct_assembly_prop.type 
_pdbx_struct_assembly_prop.value 
_pdbx_struct_assembly_prop.details 
1 'ABSA (A^2)' 7180  ? 
1 MORE         -42   ? 
1 'SSA (A^2)'  19130 ? 
# 
loop_
_pdbx_struct_oper_list.id 
_pdbx_struct_oper_list.type 
_pdbx_struct_oper_list.name 
_pdbx_struct_oper_list.symmetry_operation 
_pdbx_struct_oper_list.matrix[1][1] 
_pdbx_struct_oper_list.matrix[1][2] 
_pdbx_struct_oper_list.matrix[1][3] 
_pdbx_struct_oper_list.vector[1] 
_pdbx_struct_oper_list.matrix[2][1] 
_pdbx_struct_oper_list.matrix[2][2] 
_pdbx_struct_oper_list.matrix[2][3] 
_pdbx_struct_oper_list.vector[2] 
_pdbx_struct_oper_list.matrix[3][1] 
_pdbx_struct_oper_list.matrix[3][2] 
_pdbx_struct_oper_list.matrix[3][3] 
_pdbx_struct_oper_list.vector[3] 
1 'identity operation'         1_555  x,y,z              1.0000000000 0.0000000000 0.0000000000  0.0000000000  0.0000000000 1.0000000000  0.0000000000  0.0000000000  0.0000000000  0.0000000000  1.0000000000  0.0000000000   
2 'crystal symmetry operation' 16_546 y+1/3,x-1/3,-z+5/3 0.3599924955 0.9161700047 -0.1761758372 -0.1074947213 0.9161700047 -0.3828146256 -0.1186822855 -4.2084823634 -0.1761758372 -0.1186822855 -0.9771778699 -22.7152450714 
# 
_pdbx_struct_special_symmetry.id              1 
_pdbx_struct_special_symmetry.PDB_model_num   1 
_pdbx_struct_special_symmetry.auth_asym_id    A 
_pdbx_struct_special_symmetry.auth_comp_id    HOH 
_pdbx_struct_special_symmetry.auth_seq_id     4 
_pdbx_struct_special_symmetry.PDB_ins_code    ? 
_pdbx_struct_special_symmetry.label_asym_id   B 
_pdbx_struct_special_symmetry.label_comp_id   HOH 
_pdbx_struct_special_symmetry.label_seq_id    . 
# 
loop_
_pdbx_audit_revision_history.ordinal 
_pdbx_audit_revision_history.data_content_type 
_pdbx_audit_revision_history.major_revision 
_pdbx_audit_revision_history.minor_revision 
_pdbx_audit_revision_history.revision_date 
1 'Structure model' 1 0 2005-10-25 
2 'Structure model' 1 1 2008-04-30 
3 'Structure model' 1 2 2011-07-13 
4 'Structure model' 1 3 2023-08-23 
# 
_pdbx_audit_revision_details.ordinal             1 
_pdbx_audit_revision_details.revision_ordinal    1 
_pdbx_audit_revision_details.data_content_type   'Structure model' 
_pdbx_audit_revision_details.provider            repository 
_pdbx_audit_revision_details.type                'Initial release' 
_pdbx_audit_revision_details.description         ? 
_pdbx_audit_revision_details.details             ? 
# 
loop_
_pdbx_audit_revision_group.ordinal 
_pdbx_audit_revision_group.revision_ordinal 
_pdbx_audit_revision_group.data_content_type 
_pdbx_audit_revision_group.group 
1 2 'Structure model' 'Version format compliance' 
2 3 'Structure model' 'Derived calculations'      
3 3 'Structure model' 'Version format compliance' 
4 4 'Structure model' 'Data collection'           
5 4 'Structure model' 'Database references'       
6 4 'Structure model' 'Refinement description'    
# 
loop_
_pdbx_audit_revision_category.ordinal 
_pdbx_audit_revision_category.revision_ordinal 
_pdbx_audit_revision_category.data_content_type 
_pdbx_audit_revision_category.category 
1 4 'Structure model' chem_comp_atom                
2 4 'Structure model' chem_comp_bond                
3 4 'Structure model' database_2                    
4 4 'Structure model' pdbx_initial_refinement_model 
5 4 'Structure model' struct_ref_seq_dif            
# 
loop_
_pdbx_audit_revision_item.ordinal 
_pdbx_audit_revision_item.revision_ordinal 
_pdbx_audit_revision_item.data_content_type 
_pdbx_audit_revision_item.item 
1 4 'Structure model' '_database_2.pdbx_DOI'                
2 4 'Structure model' '_database_2.pdbx_database_accession' 
3 4 'Structure model' '_struct_ref_seq_dif.details'         
# 
loop_
_software.name 
_software.classification 
_software.version 
_software.citation_id 
_software.pdbx_ordinal 
HKL-2000  'data collection' . ? 1 
SCALEPACK 'data scaling'    . ? 2 
CNS       refinement        . ? 3 
HKL-2000  'data reduction'  . ? 4 
CNS       phasing           . ? 5 
# 
loop_
_pdbx_validate_torsion.id 
_pdbx_validate_torsion.PDB_model_num 
_pdbx_validate_torsion.auth_comp_id 
_pdbx_validate_torsion.auth_asym_id 
_pdbx_validate_torsion.auth_seq_id 
_pdbx_validate_torsion.PDB_ins_code 
_pdbx_validate_torsion.label_alt_id 
_pdbx_validate_torsion.phi 
_pdbx_validate_torsion.psi 
1  1 SER A 115 ? ? -142.79 50.12   
2  1 ARG A 116 ? ? -88.74  -153.20 
3  1 ARG A 135 ? ? -58.58  98.58   
4  1 ARG A 154 ? ? -70.71  24.38   
5  1 SER A 155 ? ? -144.54 12.49   
6  1 ASP A 184 ? ? -152.11 84.08   
7  1 GLU A 186 ? ? -68.59  11.36   
8  1 ALA A 257 ? ? -108.47 -75.24  
9  1 GLU A 259 ? ? 34.31   42.08   
10 1 SER A 260 ? ? -59.06  -99.59  
11 1 ASP A 300 ? ? 32.88   38.24   
12 1 ILE A 304 ? ? -53.89  -73.54  
13 1 ASP A 305 ? ? -112.81 74.68   
14 1 SER A 335 ? ? -37.81  153.95  
# 
loop_
_pdbx_unobs_or_zero_occ_atoms.id 
_pdbx_unobs_or_zero_occ_atoms.PDB_model_num 
_pdbx_unobs_or_zero_occ_atoms.polymer_flag 
_pdbx_unobs_or_zero_occ_atoms.occupancy_flag 
_pdbx_unobs_or_zero_occ_atoms.auth_asym_id 
_pdbx_unobs_or_zero_occ_atoms.auth_comp_id 
_pdbx_unobs_or_zero_occ_atoms.auth_seq_id 
_pdbx_unobs_or_zero_occ_atoms.PDB_ins_code 
_pdbx_unobs_or_zero_occ_atoms.auth_atom_id 
_pdbx_unobs_or_zero_occ_atoms.label_alt_id 
_pdbx_unobs_or_zero_occ_atoms.label_asym_id 
_pdbx_unobs_or_zero_occ_atoms.label_comp_id 
_pdbx_unobs_or_zero_occ_atoms.label_seq_id 
_pdbx_unobs_or_zero_occ_atoms.label_atom_id 
1  1 Y 1 A ARG 176 ? CG  ? A ARG 70  CG  
2  1 Y 1 A ARG 176 ? CD  ? A ARG 70  CD  
3  1 Y 1 A ARG 176 ? NE  ? A ARG 70  NE  
4  1 Y 1 A ARG 176 ? CZ  ? A ARG 70  CZ  
5  1 Y 1 A ARG 176 ? NH1 ? A ARG 70  NH1 
6  1 Y 1 A ARG 176 ? NH2 ? A ARG 70  NH2 
7  1 Y 1 A GLU 186 ? CG  ? A GLU 80  CG  
8  1 Y 1 A GLU 186 ? CD  ? A GLU 80  CD  
9  1 Y 1 A GLU 186 ? OE1 ? A GLU 80  OE1 
10 1 Y 1 A GLU 186 ? OE2 ? A GLU 80  OE2 
11 1 Y 1 A ARG 308 ? CG  ? A ARG 202 CG  
12 1 Y 1 A ARG 308 ? CD  ? A ARG 202 CD  
13 1 Y 1 A ARG 308 ? NE  ? A ARG 202 NE  
14 1 Y 1 A ARG 308 ? CZ  ? A ARG 202 CZ  
15 1 Y 1 A ARG 308 ? NH1 ? A ARG 202 NH1 
16 1 Y 1 A ARG 308 ? NH2 ? A ARG 202 NH2 
# 
loop_
_pdbx_unobs_or_zero_occ_residues.id 
_pdbx_unobs_or_zero_occ_residues.PDB_model_num 
_pdbx_unobs_or_zero_occ_residues.polymer_flag 
_pdbx_unobs_or_zero_occ_residues.occupancy_flag 
_pdbx_unobs_or_zero_occ_residues.auth_asym_id 
_pdbx_unobs_or_zero_occ_residues.auth_comp_id 
_pdbx_unobs_or_zero_occ_residues.auth_seq_id 
_pdbx_unobs_or_zero_occ_residues.PDB_ins_code 
_pdbx_unobs_or_zero_occ_residues.label_asym_id 
_pdbx_unobs_or_zero_occ_residues.label_comp_id 
_pdbx_unobs_or_zero_occ_residues.label_seq_id 
1 1 Y 1 A MET 107 ? A MET 1   
2 1 Y 1 A GLY 108 ? A GLY 2   
3 1 Y 1 A LEU 109 ? A LEU 3   
4 1 Y 1 A ILE 110 ? A ILE 4   
5 1 Y 1 A ASP 111 ? A ASP 5   
6 1 Y 1 A VAL 112 ? A VAL 6   
7 1 Y 1 A PRO 339 ? A PRO 233 
8 1 Y 1 A ARG 340 ? A ARG 234 
# 
loop_
_chem_comp_atom.comp_id 
_chem_comp_atom.atom_id 
_chem_comp_atom.type_symbol 
_chem_comp_atom.pdbx_aromatic_flag 
_chem_comp_atom.pdbx_stereo_config 
_chem_comp_atom.pdbx_ordinal 
ALA N    N N N 1   
ALA CA   C N S 2   
ALA C    C N N 3   
ALA O    O N N 4   
ALA CB   C N N 5   
ALA OXT  O N N 6   
ALA H    H N N 7   
ALA H2   H N N 8   
ALA HA   H N N 9   
ALA HB1  H N N 10  
ALA HB2  H N N 11  
ALA HB3  H N N 12  
ALA HXT  H N N 13  
ARG N    N N N 14  
ARG CA   C N S 15  
ARG C    C N N 16  
ARG O    O N N 17  
ARG CB   C N N 18  
ARG CG   C N N 19  
ARG CD   C N N 20  
ARG NE   N N N 21  
ARG CZ   C N N 22  
ARG NH1  N N N 23  
ARG NH2  N N N 24  
ARG OXT  O N N 25  
ARG H    H N N 26  
ARG H2   H N N 27  
ARG HA   H N N 28  
ARG HB2  H N N 29  
ARG HB3  H N N 30  
ARG HG2  H N N 31  
ARG HG3  H N N 32  
ARG HD2  H N N 33  
ARG HD3  H N N 34  
ARG HE   H N N 35  
ARG HH11 H N N 36  
ARG HH12 H N N 37  
ARG HH21 H N N 38  
ARG HH22 H N N 39  
ARG HXT  H N N 40  
ASN N    N N N 41  
ASN CA   C N S 42  
ASN C    C N N 43  
ASN O    O N N 44  
ASN CB   C N N 45  
ASN CG   C N N 46  
ASN OD1  O N N 47  
ASN ND2  N N N 48  
ASN OXT  O N N 49  
ASN H    H N N 50  
ASN H2   H N N 51  
ASN HA   H N N 52  
ASN HB2  H N N 53  
ASN HB3  H N N 54  
ASN HD21 H N N 55  
ASN HD22 H N N 56  
ASN HXT  H N N 57  
ASP N    N N N 58  
ASP CA   C N S 59  
ASP C    C N N 60  
ASP O    O N N 61  
ASP CB   C N N 62  
ASP CG   C N N 63  
ASP OD1  O N N 64  
ASP OD2  O N N 65  
ASP OXT  O N N 66  
ASP H    H N N 67  
ASP H2   H N N 68  
ASP HA   H N N 69  
ASP HB2  H N N 70  
ASP HB3  H N N 71  
ASP HD2  H N N 72  
ASP HXT  H N N 73  
CYS N    N N N 74  
CYS CA   C N R 75  
CYS C    C N N 76  
CYS O    O N N 77  
CYS CB   C N N 78  
CYS SG   S N N 79  
CYS OXT  O N N 80  
CYS H    H N N 81  
CYS H2   H N N 82  
CYS HA   H N N 83  
CYS HB2  H N N 84  
CYS HB3  H N N 85  
CYS HG   H N N 86  
CYS HXT  H N N 87  
GLN N    N N N 88  
GLN CA   C N S 89  
GLN C    C N N 90  
GLN O    O N N 91  
GLN CB   C N N 92  
GLN CG   C N N 93  
GLN CD   C N N 94  
GLN OE1  O N N 95  
GLN NE2  N N N 96  
GLN OXT  O N N 97  
GLN H    H N N 98  
GLN H2   H N N 99  
GLN HA   H N N 100 
GLN HB2  H N N 101 
GLN HB3  H N N 102 
GLN HG2  H N N 103 
GLN HG3  H N N 104 
GLN HE21 H N N 105 
GLN HE22 H N N 106 
GLN HXT  H N N 107 
GLU N    N N N 108 
GLU CA   C N S 109 
GLU C    C N N 110 
GLU O    O N N 111 
GLU CB   C N N 112 
GLU CG   C N N 113 
GLU CD   C N N 114 
GLU OE1  O N N 115 
GLU OE2  O N N 116 
GLU OXT  O N N 117 
GLU H    H N N 118 
GLU H2   H N N 119 
GLU HA   H N N 120 
GLU HB2  H N N 121 
GLU HB3  H N N 122 
GLU HG2  H N N 123 
GLU HG3  H N N 124 
GLU HE2  H N N 125 
GLU HXT  H N N 126 
GLY N    N N N 127 
GLY CA   C N N 128 
GLY C    C N N 129 
GLY O    O N N 130 
GLY OXT  O N N 131 
GLY H    H N N 132 
GLY H2   H N N 133 
GLY HA2  H N N 134 
GLY HA3  H N N 135 
GLY HXT  H N N 136 
HIS N    N N N 137 
HIS CA   C N S 138 
HIS C    C N N 139 
HIS O    O N N 140 
HIS CB   C N N 141 
HIS CG   C Y N 142 
HIS ND1  N Y N 143 
HIS CD2  C Y N 144 
HIS CE1  C Y N 145 
HIS NE2  N Y N 146 
HIS OXT  O N N 147 
HIS H    H N N 148 
HIS H2   H N N 149 
HIS HA   H N N 150 
HIS HB2  H N N 151 
HIS HB3  H N N 152 
HIS HD1  H N N 153 
HIS HD2  H N N 154 
HIS HE1  H N N 155 
HIS HE2  H N N 156 
HIS HXT  H N N 157 
HOH O    O N N 158 
HOH H1   H N N 159 
HOH H2   H N N 160 
ILE N    N N N 161 
ILE CA   C N S 162 
ILE C    C N N 163 
ILE O    O N N 164 
ILE CB   C N S 165 
ILE CG1  C N N 166 
ILE CG2  C N N 167 
ILE CD1  C N N 168 
ILE OXT  O N N 169 
ILE H    H N N 170 
ILE H2   H N N 171 
ILE HA   H N N 172 
ILE HB   H N N 173 
ILE HG12 H N N 174 
ILE HG13 H N N 175 
ILE HG21 H N N 176 
ILE HG22 H N N 177 
ILE HG23 H N N 178 
ILE HD11 H N N 179 
ILE HD12 H N N 180 
ILE HD13 H N N 181 
ILE HXT  H N N 182 
LEU N    N N N 183 
LEU CA   C N S 184 
LEU C    C N N 185 
LEU O    O N N 186 
LEU CB   C N N 187 
LEU CG   C N N 188 
LEU CD1  C N N 189 
LEU CD2  C N N 190 
LEU OXT  O N N 191 
LEU H    H N N 192 
LEU H2   H N N 193 
LEU HA   H N N 194 
LEU HB2  H N N 195 
LEU HB3  H N N 196 
LEU HG   H N N 197 
LEU HD11 H N N 198 
LEU HD12 H N N 199 
LEU HD13 H N N 200 
LEU HD21 H N N 201 
LEU HD22 H N N 202 
LEU HD23 H N N 203 
LEU HXT  H N N 204 
LYS N    N N N 205 
LYS CA   C N S 206 
LYS C    C N N 207 
LYS O    O N N 208 
LYS CB   C N N 209 
LYS CG   C N N 210 
LYS CD   C N N 211 
LYS CE   C N N 212 
LYS NZ   N N N 213 
LYS OXT  O N N 214 
LYS H    H N N 215 
LYS H2   H N N 216 
LYS HA   H N N 217 
LYS HB2  H N N 218 
LYS HB3  H N N 219 
LYS HG2  H N N 220 
LYS HG3  H N N 221 
LYS HD2  H N N 222 
LYS HD3  H N N 223 
LYS HE2  H N N 224 
LYS HE3  H N N 225 
LYS HZ1  H N N 226 
LYS HZ2  H N N 227 
LYS HZ3  H N N 228 
LYS HXT  H N N 229 
MET N    N N N 230 
MET CA   C N S 231 
MET C    C N N 232 
MET O    O N N 233 
MET CB   C N N 234 
MET CG   C N N 235 
MET SD   S N N 236 
MET CE   C N N 237 
MET OXT  O N N 238 
MET H    H N N 239 
MET H2   H N N 240 
MET HA   H N N 241 
MET HB2  H N N 242 
MET HB3  H N N 243 
MET HG2  H N N 244 
MET HG3  H N N 245 
MET HE1  H N N 246 
MET HE2  H N N 247 
MET HE3  H N N 248 
MET HXT  H N N 249 
PHE N    N N N 250 
PHE CA   C N S 251 
PHE C    C N N 252 
PHE O    O N N 253 
PHE CB   C N N 254 
PHE CG   C Y N 255 
PHE CD1  C Y N 256 
PHE CD2  C Y N 257 
PHE CE1  C Y N 258 
PHE CE2  C Y N 259 
PHE CZ   C Y N 260 
PHE OXT  O N N 261 
PHE H    H N N 262 
PHE H2   H N N 263 
PHE HA   H N N 264 
PHE HB2  H N N 265 
PHE HB3  H N N 266 
PHE HD1  H N N 267 
PHE HD2  H N N 268 
PHE HE1  H N N 269 
PHE HE2  H N N 270 
PHE HZ   H N N 271 
PHE HXT  H N N 272 
PRO N    N N N 273 
PRO CA   C N S 274 
PRO C    C N N 275 
PRO O    O N N 276 
PRO CB   C N N 277 
PRO CG   C N N 278 
PRO CD   C N N 279 
PRO OXT  O N N 280 
PRO H    H N N 281 
PRO HA   H N N 282 
PRO HB2  H N N 283 
PRO HB3  H N N 284 
PRO HG2  H N N 285 
PRO HG3  H N N 286 
PRO HD2  H N N 287 
PRO HD3  H N N 288 
PRO HXT  H N N 289 
SER N    N N N 290 
SER CA   C N S 291 
SER C    C N N 292 
SER O    O N N 293 
SER CB   C N N 294 
SER OG   O N N 295 
SER OXT  O N N 296 
SER H    H N N 297 
SER H2   H N N 298 
SER HA   H N N 299 
SER HB2  H N N 300 
SER HB3  H N N 301 
SER HG   H N N 302 
SER HXT  H N N 303 
THR N    N N N 304 
THR CA   C N S 305 
THR C    C N N 306 
THR O    O N N 307 
THR CB   C N R 308 
THR OG1  O N N 309 
THR CG2  C N N 310 
THR OXT  O N N 311 
THR H    H N N 312 
THR H2   H N N 313 
THR HA   H N N 314 
THR HB   H N N 315 
THR HG1  H N N 316 
THR HG21 H N N 317 
THR HG22 H N N 318 
THR HG23 H N N 319 
THR HXT  H N N 320 
TRP N    N N N 321 
TRP CA   C N S 322 
TRP C    C N N 323 
TRP O    O N N 324 
TRP CB   C N N 325 
TRP CG   C Y N 326 
TRP CD1  C Y N 327 
TRP CD2  C Y N 328 
TRP NE1  N Y N 329 
TRP CE2  C Y N 330 
TRP CE3  C Y N 331 
TRP CZ2  C Y N 332 
TRP CZ3  C Y N 333 
TRP CH2  C Y N 334 
TRP OXT  O N N 335 
TRP H    H N N 336 
TRP H2   H N N 337 
TRP HA   H N N 338 
TRP HB2  H N N 339 
TRP HB3  H N N 340 
TRP HD1  H N N 341 
TRP HE1  H N N 342 
TRP HE3  H N N 343 
TRP HZ2  H N N 344 
TRP HZ3  H N N 345 
TRP HH2  H N N 346 
TRP HXT  H N N 347 
TYR N    N N N 348 
TYR CA   C N S 349 
TYR C    C N N 350 
TYR O    O N N 351 
TYR CB   C N N 352 
TYR CG   C Y N 353 
TYR CD1  C Y N 354 
TYR CD2  C Y N 355 
TYR CE1  C Y N 356 
TYR CE2  C Y N 357 
TYR CZ   C Y N 358 
TYR OH   O N N 359 
TYR OXT  O N N 360 
TYR H    H N N 361 
TYR H2   H N N 362 
TYR HA   H N N 363 
TYR HB2  H N N 364 
TYR HB3  H N N 365 
TYR HD1  H N N 366 
TYR HD2  H N N 367 
TYR HE1  H N N 368 
TYR HE2  H N N 369 
TYR HH   H N N 370 
TYR HXT  H N N 371 
VAL N    N N N 372 
VAL CA   C N S 373 
VAL C    C N N 374 
VAL O    O N N 375 
VAL CB   C N N 376 
VAL CG1  C N N 377 
VAL CG2  C N N 378 
VAL OXT  O N N 379 
VAL H    H N N 380 
VAL H2   H N N 381 
VAL HA   H N N 382 
VAL HB   H N N 383 
VAL HG11 H N N 384 
VAL HG12 H N N 385 
VAL HG13 H N N 386 
VAL HG21 H N N 387 
VAL HG22 H N N 388 
VAL HG23 H N N 389 
VAL HXT  H N N 390 
# 
loop_
_chem_comp_bond.comp_id 
_chem_comp_bond.atom_id_1 
_chem_comp_bond.atom_id_2 
_chem_comp_bond.value_order 
_chem_comp_bond.pdbx_aromatic_flag 
_chem_comp_bond.pdbx_stereo_config 
_chem_comp_bond.pdbx_ordinal 
ALA N   CA   sing N N 1   
ALA N   H    sing N N 2   
ALA N   H2   sing N N 3   
ALA CA  C    sing N N 4   
ALA CA  CB   sing N N 5   
ALA CA  HA   sing N N 6   
ALA C   O    doub N N 7   
ALA C   OXT  sing N N 8   
ALA CB  HB1  sing N N 9   
ALA CB  HB2  sing N N 10  
ALA CB  HB3  sing N N 11  
ALA OXT HXT  sing N N 12  
ARG N   CA   sing N N 13  
ARG N   H    sing N N 14  
ARG N   H2   sing N N 15  
ARG CA  C    sing N N 16  
ARG CA  CB   sing N N 17  
ARG CA  HA   sing N N 18  
ARG C   O    doub N N 19  
ARG C   OXT  sing N N 20  
ARG CB  CG   sing N N 21  
ARG CB  HB2  sing N N 22  
ARG CB  HB3  sing N N 23  
ARG CG  CD   sing N N 24  
ARG CG  HG2  sing N N 25  
ARG CG  HG3  sing N N 26  
ARG CD  NE   sing N N 27  
ARG CD  HD2  sing N N 28  
ARG CD  HD3  sing N N 29  
ARG NE  CZ   sing N N 30  
ARG NE  HE   sing N N 31  
ARG CZ  NH1  sing N N 32  
ARG CZ  NH2  doub N N 33  
ARG NH1 HH11 sing N N 34  
ARG NH1 HH12 sing N N 35  
ARG NH2 HH21 sing N N 36  
ARG NH2 HH22 sing N N 37  
ARG OXT HXT  sing N N 38  
ASN N   CA   sing N N 39  
ASN N   H    sing N N 40  
ASN N   H2   sing N N 41  
ASN CA  C    sing N N 42  
ASN CA  CB   sing N N 43  
ASN CA  HA   sing N N 44  
ASN C   O    doub N N 45  
ASN C   OXT  sing N N 46  
ASN CB  CG   sing N N 47  
ASN CB  HB2  sing N N 48  
ASN CB  HB3  sing N N 49  
ASN CG  OD1  doub N N 50  
ASN CG  ND2  sing N N 51  
ASN ND2 HD21 sing N N 52  
ASN ND2 HD22 sing N N 53  
ASN OXT HXT  sing N N 54  
ASP N   CA   sing N N 55  
ASP N   H    sing N N 56  
ASP N   H2   sing N N 57  
ASP CA  C    sing N N 58  
ASP CA  CB   sing N N 59  
ASP CA  HA   sing N N 60  
ASP C   O    doub N N 61  
ASP C   OXT  sing N N 62  
ASP CB  CG   sing N N 63  
ASP CB  HB2  sing N N 64  
ASP CB  HB3  sing N N 65  
ASP CG  OD1  doub N N 66  
ASP CG  OD2  sing N N 67  
ASP OD2 HD2  sing N N 68  
ASP OXT HXT  sing N N 69  
CYS N   CA   sing N N 70  
CYS N   H    sing N N 71  
CYS N   H2   sing N N 72  
CYS CA  C    sing N N 73  
CYS CA  CB   sing N N 74  
CYS CA  HA   sing N N 75  
CYS C   O    doub N N 76  
CYS C   OXT  sing N N 77  
CYS CB  SG   sing N N 78  
CYS CB  HB2  sing N N 79  
CYS CB  HB3  sing N N 80  
CYS SG  HG   sing N N 81  
CYS OXT HXT  sing N N 82  
GLN N   CA   sing N N 83  
GLN N   H    sing N N 84  
GLN N   H2   sing N N 85  
GLN CA  C    sing N N 86  
GLN CA  CB   sing N N 87  
GLN CA  HA   sing N N 88  
GLN C   O    doub N N 89  
GLN C   OXT  sing N N 90  
GLN CB  CG   sing N N 91  
GLN CB  HB2  sing N N 92  
GLN CB  HB3  sing N N 93  
GLN CG  CD   sing N N 94  
GLN CG  HG2  sing N N 95  
GLN CG  HG3  sing N N 96  
GLN CD  OE1  doub N N 97  
GLN CD  NE2  sing N N 98  
GLN NE2 HE21 sing N N 99  
GLN NE2 HE22 sing N N 100 
GLN OXT HXT  sing N N 101 
GLU N   CA   sing N N 102 
GLU N   H    sing N N 103 
GLU N   H2   sing N N 104 
GLU CA  C    sing N N 105 
GLU CA  CB   sing N N 106 
GLU CA  HA   sing N N 107 
GLU C   O    doub N N 108 
GLU C   OXT  sing N N 109 
GLU CB  CG   sing N N 110 
GLU CB  HB2  sing N N 111 
GLU CB  HB3  sing N N 112 
GLU CG  CD   sing N N 113 
GLU CG  HG2  sing N N 114 
GLU CG  HG3  sing N N 115 
GLU CD  OE1  doub N N 116 
GLU CD  OE2  sing N N 117 
GLU OE2 HE2  sing N N 118 
GLU OXT HXT  sing N N 119 
GLY N   CA   sing N N 120 
GLY N   H    sing N N 121 
GLY N   H2   sing N N 122 
GLY CA  C    sing N N 123 
GLY CA  HA2  sing N N 124 
GLY CA  HA3  sing N N 125 
GLY C   O    doub N N 126 
GLY C   OXT  sing N N 127 
GLY OXT HXT  sing N N 128 
HIS N   CA   sing N N 129 
HIS N   H    sing N N 130 
HIS N   H2   sing N N 131 
HIS CA  C    sing N N 132 
HIS CA  CB   sing N N 133 
HIS CA  HA   sing N N 134 
HIS C   O    doub N N 135 
HIS C   OXT  sing N N 136 
HIS CB  CG   sing N N 137 
HIS CB  HB2  sing N N 138 
HIS CB  HB3  sing N N 139 
HIS CG  ND1  sing Y N 140 
HIS CG  CD2  doub Y N 141 
HIS ND1 CE1  doub Y N 142 
HIS ND1 HD1  sing N N 143 
HIS CD2 NE2  sing Y N 144 
HIS CD2 HD2  sing N N 145 
HIS CE1 NE2  sing Y N 146 
HIS CE1 HE1  sing N N 147 
HIS NE2 HE2  sing N N 148 
HIS OXT HXT  sing N N 149 
HOH O   H1   sing N N 150 
HOH O   H2   sing N N 151 
ILE N   CA   sing N N 152 
ILE N   H    sing N N 153 
ILE N   H2   sing N N 154 
ILE CA  C    sing N N 155 
ILE CA  CB   sing N N 156 
ILE CA  HA   sing N N 157 
ILE C   O    doub N N 158 
ILE C   OXT  sing N N 159 
ILE CB  CG1  sing N N 160 
ILE CB  CG2  sing N N 161 
ILE CB  HB   sing N N 162 
ILE CG1 CD1  sing N N 163 
ILE CG1 HG12 sing N N 164 
ILE CG1 HG13 sing N N 165 
ILE CG2 HG21 sing N N 166 
ILE CG2 HG22 sing N N 167 
ILE CG2 HG23 sing N N 168 
ILE CD1 HD11 sing N N 169 
ILE CD1 HD12 sing N N 170 
ILE CD1 HD13 sing N N 171 
ILE OXT HXT  sing N N 172 
LEU N   CA   sing N N 173 
LEU N   H    sing N N 174 
LEU N   H2   sing N N 175 
LEU CA  C    sing N N 176 
LEU CA  CB   sing N N 177 
LEU CA  HA   sing N N 178 
LEU C   O    doub N N 179 
LEU C   OXT  sing N N 180 
LEU CB  CG   sing N N 181 
LEU CB  HB2  sing N N 182 
LEU CB  HB3  sing N N 183 
LEU CG  CD1  sing N N 184 
LEU CG  CD2  sing N N 185 
LEU CG  HG   sing N N 186 
LEU CD1 HD11 sing N N 187 
LEU CD1 HD12 sing N N 188 
LEU CD1 HD13 sing N N 189 
LEU CD2 HD21 sing N N 190 
LEU CD2 HD22 sing N N 191 
LEU CD2 HD23 sing N N 192 
LEU OXT HXT  sing N N 193 
LYS N   CA   sing N N 194 
LYS N   H    sing N N 195 
LYS N   H2   sing N N 196 
LYS CA  C    sing N N 197 
LYS CA  CB   sing N N 198 
LYS CA  HA   sing N N 199 
LYS C   O    doub N N 200 
LYS C   OXT  sing N N 201 
LYS CB  CG   sing N N 202 
LYS CB  HB2  sing N N 203 
LYS CB  HB3  sing N N 204 
LYS CG  CD   sing N N 205 
LYS CG  HG2  sing N N 206 
LYS CG  HG3  sing N N 207 
LYS CD  CE   sing N N 208 
LYS CD  HD2  sing N N 209 
LYS CD  HD3  sing N N 210 
LYS CE  NZ   sing N N 211 
LYS CE  HE2  sing N N 212 
LYS CE  HE3  sing N N 213 
LYS NZ  HZ1  sing N N 214 
LYS NZ  HZ2  sing N N 215 
LYS NZ  HZ3  sing N N 216 
LYS OXT HXT  sing N N 217 
MET N   CA   sing N N 218 
MET N   H    sing N N 219 
MET N   H2   sing N N 220 
MET CA  C    sing N N 221 
MET CA  CB   sing N N 222 
MET CA  HA   sing N N 223 
MET C   O    doub N N 224 
MET C   OXT  sing N N 225 
MET CB  CG   sing N N 226 
MET CB  HB2  sing N N 227 
MET CB  HB3  sing N N 228 
MET CG  SD   sing N N 229 
MET CG  HG2  sing N N 230 
MET CG  HG3  sing N N 231 
MET SD  CE   sing N N 232 
MET CE  HE1  sing N N 233 
MET CE  HE2  sing N N 234 
MET CE  HE3  sing N N 235 
MET OXT HXT  sing N N 236 
PHE N   CA   sing N N 237 
PHE N   H    sing N N 238 
PHE N   H2   sing N N 239 
PHE CA  C    sing N N 240 
PHE CA  CB   sing N N 241 
PHE CA  HA   sing N N 242 
PHE C   O    doub N N 243 
PHE C   OXT  sing N N 244 
PHE CB  CG   sing N N 245 
PHE CB  HB2  sing N N 246 
PHE CB  HB3  sing N N 247 
PHE CG  CD1  doub Y N 248 
PHE CG  CD2  sing Y N 249 
PHE CD1 CE1  sing Y N 250 
PHE CD1 HD1  sing N N 251 
PHE CD2 CE2  doub Y N 252 
PHE CD2 HD2  sing N N 253 
PHE CE1 CZ   doub Y N 254 
PHE CE1 HE1  sing N N 255 
PHE CE2 CZ   sing Y N 256 
PHE CE2 HE2  sing N N 257 
PHE CZ  HZ   sing N N 258 
PHE OXT HXT  sing N N 259 
PRO N   CA   sing N N 260 
PRO N   CD   sing N N 261 
PRO N   H    sing N N 262 
PRO CA  C    sing N N 263 
PRO CA  CB   sing N N 264 
PRO CA  HA   sing N N 265 
PRO C   O    doub N N 266 
PRO C   OXT  sing N N 267 
PRO CB  CG   sing N N 268 
PRO CB  HB2  sing N N 269 
PRO CB  HB3  sing N N 270 
PRO CG  CD   sing N N 271 
PRO CG  HG2  sing N N 272 
PRO CG  HG3  sing N N 273 
PRO CD  HD2  sing N N 274 
PRO CD  HD3  sing N N 275 
PRO OXT HXT  sing N N 276 
SER N   CA   sing N N 277 
SER N   H    sing N N 278 
SER N   H2   sing N N 279 
SER CA  C    sing N N 280 
SER CA  CB   sing N N 281 
SER CA  HA   sing N N 282 
SER C   O    doub N N 283 
SER C   OXT  sing N N 284 
SER CB  OG   sing N N 285 
SER CB  HB2  sing N N 286 
SER CB  HB3  sing N N 287 
SER OG  HG   sing N N 288 
SER OXT HXT  sing N N 289 
THR N   CA   sing N N 290 
THR N   H    sing N N 291 
THR N   H2   sing N N 292 
THR CA  C    sing N N 293 
THR CA  CB   sing N N 294 
THR CA  HA   sing N N 295 
THR C   O    doub N N 296 
THR C   OXT  sing N N 297 
THR CB  OG1  sing N N 298 
THR CB  CG2  sing N N 299 
THR CB  HB   sing N N 300 
THR OG1 HG1  sing N N 301 
THR CG2 HG21 sing N N 302 
THR CG2 HG22 sing N N 303 
THR CG2 HG23 sing N N 304 
THR OXT HXT  sing N N 305 
TRP N   CA   sing N N 306 
TRP N   H    sing N N 307 
TRP N   H2   sing N N 308 
TRP CA  C    sing N N 309 
TRP CA  CB   sing N N 310 
TRP CA  HA   sing N N 311 
TRP C   O    doub N N 312 
TRP C   OXT  sing N N 313 
TRP CB  CG   sing N N 314 
TRP CB  HB2  sing N N 315 
TRP CB  HB3  sing N N 316 
TRP CG  CD1  doub Y N 317 
TRP CG  CD2  sing Y N 318 
TRP CD1 NE1  sing Y N 319 
TRP CD1 HD1  sing N N 320 
TRP CD2 CE2  doub Y N 321 
TRP CD2 CE3  sing Y N 322 
TRP NE1 CE2  sing Y N 323 
TRP NE1 HE1  sing N N 324 
TRP CE2 CZ2  sing Y N 325 
TRP CE3 CZ3  doub Y N 326 
TRP CE3 HE3  sing N N 327 
TRP CZ2 CH2  doub Y N 328 
TRP CZ2 HZ2  sing N N 329 
TRP CZ3 CH2  sing Y N 330 
TRP CZ3 HZ3  sing N N 331 
TRP CH2 HH2  sing N N 332 
TRP OXT HXT  sing N N 333 
TYR N   CA   sing N N 334 
TYR N   H    sing N N 335 
TYR N   H2   sing N N 336 
TYR CA  C    sing N N 337 
TYR CA  CB   sing N N 338 
TYR CA  HA   sing N N 339 
TYR C   O    doub N N 340 
TYR C   OXT  sing N N 341 
TYR CB  CG   sing N N 342 
TYR CB  HB2  sing N N 343 
TYR CB  HB3  sing N N 344 
TYR CG  CD1  doub Y N 345 
TYR CG  CD2  sing Y N 346 
TYR CD1 CE1  sing Y N 347 
TYR CD1 HD1  sing N N 348 
TYR CD2 CE2  doub Y N 349 
TYR CD2 HD2  sing N N 350 
TYR CE1 CZ   doub Y N 351 
TYR CE1 HE1  sing N N 352 
TYR CE2 CZ   sing Y N 353 
TYR CE2 HE2  sing N N 354 
TYR CZ  OH   sing N N 355 
TYR OH  HH   sing N N 356 
TYR OXT HXT  sing N N 357 
VAL N   CA   sing N N 358 
VAL N   H    sing N N 359 
VAL N   H2   sing N N 360 
VAL CA  C    sing N N 361 
VAL CA  CB   sing N N 362 
VAL CA  HA   sing N N 363 
VAL C   O    doub N N 364 
VAL C   OXT  sing N N 365 
VAL CB  CG1  sing N N 366 
VAL CB  CG2  sing N N 367 
VAL CB  HB   sing N N 368 
VAL CG1 HG11 sing N N 369 
VAL CG1 HG12 sing N N 370 
VAL CG1 HG13 sing N N 371 
VAL CG2 HG21 sing N N 372 
VAL CG2 HG22 sing N N 373 
VAL CG2 HG23 sing N N 374 
VAL OXT HXT  sing N N 375 
# 
_pdbx_entity_nonpoly.entity_id   2 
_pdbx_entity_nonpoly.name        water 
_pdbx_entity_nonpoly.comp_id     HOH 
# 
_pdbx_initial_refinement_model.id               1 
_pdbx_initial_refinement_model.entity_id_list   ? 
_pdbx_initial_refinement_model.type             'experimental model' 
_pdbx_initial_refinement_model.source_name      PDB 
_pdbx_initial_refinement_model.accession_code   1LNQ 
_pdbx_initial_refinement_model.details          'pdb entry 1LNQ' 
# 
